data_6HH9
#
_entry.id   6HH9
#
_cell.length_a   75.482
_cell.length_b   136.690
_cell.length_c   85.411
_cell.angle_alpha   90.00
_cell.angle_beta   113.86
_cell.angle_gamma   90.00
#
_symmetry.space_group_name_H-M   'P 1 21 1'
#
loop_
_entity.id
_entity.type
_entity.pdbx_description
1 polymer 'GDSL-like protein'
2 branched beta-D-mannopyranose-(1-4)-beta-D-mannopyranose-(1-4)-beta-D-mannopyranose-(1-4)-beta-D-mannopyranose
3 branched beta-D-mannopyranose-(1-4)-beta-D-mannopyranose-(1-4)-beta-D-mannopyranose
4 water water
#
_entity_poly.entity_id   1
_entity_poly.type   'polypeptide(L)'
_entity_poly.pdbx_seq_one_letter_code
;MEYQIKYENGIANRGCLYRLKKVMDRAKAGEALNIAFLGGSITQGSLSSKPELCYAYHVYEWWKKTFPQADFTYINAGIG
GTTSQFGVARAEADLLSKEPDFVIIEFSVNDDSTEHFMETYEGLVRKVYTSKTKPAVLLVHNVFYNNGANAQLMHGRIAR
HYNLPAVSMQSTIYPEVVAGRIENREITPDDLHPNDAGHALVASVITYFLDKVKTEDATEQSEPDYPAPLTKNTYEKSIR
HQNSDENVVCHGFVADTSAQRDITDCFKHGWTASKKGDSITLDVEGCNISVQYRKSVKLPAPVAEIIVDGDAEHAVRLDA
NFDETWGDKLELDTILEHGENKVHKVEVRLTETHENDAVPFYLVSVIGSSEKAHHHHH
;
_entity_poly.pdbx_strand_id   A,B,C,D
#
# COMPACT_ATOMS: atom_id res chain seq x y z
N TYR A 3 -14.34 -33.02 17.93
CA TYR A 3 -14.93 -31.64 17.84
C TYR A 3 -14.89 -31.14 16.39
N GLN A 4 -15.72 -30.11 16.14
CA GLN A 4 -15.56 -29.27 14.98
C GLN A 4 -15.81 -27.82 15.43
N ILE A 5 -14.77 -26.99 15.28
CA ILE A 5 -14.89 -25.54 15.46
C ILE A 5 -15.67 -24.98 14.27
N LYS A 6 -16.63 -24.11 14.55
CA LYS A 6 -17.21 -23.26 13.52
C LYS A 6 -16.24 -22.11 13.25
N TYR A 7 -15.37 -22.26 12.26
CA TYR A 7 -14.29 -21.32 12.02
C TYR A 7 -14.83 -19.96 11.57
N GLU A 8 -15.97 -19.96 10.87
CA GLU A 8 -16.55 -18.71 10.36
C GLU A 8 -16.98 -17.84 11.54
N ASN A 9 -17.27 -18.47 12.69
CA ASN A 9 -17.69 -17.71 13.88
C ASN A 9 -16.49 -16.96 14.50
N GLY A 10 -15.28 -17.32 14.07
CA GLY A 10 -14.04 -16.65 14.46
C GLY A 10 -13.94 -15.20 14.01
N ILE A 11 -14.61 -14.82 12.92
CA ILE A 11 -14.48 -13.48 12.36
C ILE A 11 -15.41 -12.53 13.13
N ALA A 12 -14.87 -11.90 14.18
CA ALA A 12 -15.61 -10.97 15.01
C ALA A 12 -15.83 -9.66 14.25
N ASN A 13 -14.91 -9.33 13.36
CA ASN A 13 -15.09 -8.20 12.43
C ASN A 13 -14.27 -8.47 11.18
N ARG A 14 -14.87 -8.21 10.01
CA ARG A 14 -14.20 -8.38 8.75
C ARG A 14 -13.26 -7.20 8.56
N GLY A 15 -13.79 -5.99 8.77
CA GLY A 15 -13.07 -4.74 8.60
C GLY A 15 -12.51 -4.59 7.20
N CYS A 16 -11.69 -3.54 7.01
CA CYS A 16 -11.07 -3.26 5.74
C CYS A 16 -9.79 -4.08 5.60
N LEU A 17 -9.73 -4.85 4.50
CA LEU A 17 -8.64 -5.78 4.17
C LEU A 17 -7.60 -5.13 3.24
N TYR A 18 -7.74 -3.83 2.98
CA TYR A 18 -6.86 -3.20 2.01
C TYR A 18 -5.40 -3.43 2.42
N ARG A 19 -5.07 -3.07 3.67
CA ARG A 19 -3.71 -3.11 4.16
C ARG A 19 -3.19 -4.55 4.16
N LEU A 20 -4.00 -5.47 4.71
CA LEU A 20 -3.56 -6.84 4.83
C LEU A 20 -3.30 -7.47 3.45
N LYS A 21 -4.19 -7.21 2.48
CA LYS A 21 -4.01 -7.69 1.09
C LYS A 21 -2.80 -7.03 0.41
N LYS A 22 -2.54 -5.75 0.71
CA LYS A 22 -1.35 -5.06 0.19
C LYS A 22 -0.08 -5.77 0.65
N VAL A 23 -0.06 -6.28 1.88
CA VAL A 23 1.11 -7.00 2.46
C VAL A 23 1.28 -8.33 1.72
N MET A 24 0.16 -9.01 1.47
CA MET A 24 0.17 -10.29 0.76
C MET A 24 0.72 -10.07 -0.66
N ASP A 25 0.41 -8.92 -1.26
CA ASP A 25 0.90 -8.57 -2.62
C ASP A 25 2.41 -8.30 -2.58
N ARG A 26 2.90 -7.62 -1.53
CA ARG A 26 4.32 -7.41 -1.33
C ARG A 26 5.01 -8.76 -1.18
N ALA A 27 4.40 -9.68 -0.41
CA ALA A 27 4.99 -10.99 -0.20
C ALA A 27 5.14 -11.72 -1.55
N LYS A 28 4.09 -11.68 -2.36
CA LYS A 28 4.10 -12.28 -3.70
C LYS A 28 5.22 -11.66 -4.55
N ALA A 29 5.54 -10.38 -4.32
CA ALA A 29 6.58 -9.66 -5.07
C ALA A 29 7.98 -9.92 -4.50
N GLY A 30 8.10 -10.82 -3.51
CA GLY A 30 9.37 -11.25 -2.92
C GLY A 30 9.99 -10.25 -1.94
N GLU A 31 9.19 -9.29 -1.45
CA GLU A 31 9.70 -8.30 -0.50
C GLU A 31 9.81 -8.89 0.90
N ALA A 32 10.83 -8.45 1.64
CA ALA A 32 11.06 -8.78 3.03
C ALA A 32 9.96 -8.14 3.89
N LEU A 33 9.40 -8.91 4.84
CA LEU A 33 8.24 -8.49 5.62
C LEU A 33 8.41 -8.85 7.09
N ASN A 34 7.87 -7.99 7.95
CA ASN A 34 8.05 -8.06 9.41
C ASN A 34 6.72 -8.42 10.07
N ILE A 35 6.65 -9.64 10.62
CA ILE A 35 5.44 -10.20 11.24
C ILE A 35 5.53 -10.04 12.77
N ALA A 36 4.71 -9.13 13.31
CA ALA A 36 4.80 -8.73 14.71
C ALA A 36 3.50 -9.08 15.47
N PHE A 37 3.69 -9.26 16.78
CA PHE A 37 2.67 -9.65 17.70
C PHE A 37 2.87 -8.82 18.97
N LEU A 38 1.85 -8.05 19.37
CA LEU A 38 1.86 -7.27 20.62
C LEU A 38 0.70 -7.70 21.52
N GLY A 39 1.02 -8.18 22.72
CA GLY A 39 0.02 -8.83 23.56
C GLY A 39 0.58 -9.22 24.92
N GLY A 40 -0.21 -10.01 25.66
CA GLY A 40 0.12 -10.48 26.99
C GLY A 40 0.77 -11.86 26.96
N SER A 41 0.41 -12.67 27.97
CA SER A 41 1.10 -13.92 28.30
C SER A 41 0.96 -14.94 27.16
N ILE A 42 -0.23 -14.95 26.53
CA ILE A 42 -0.52 -15.93 25.50
C ILE A 42 0.34 -15.63 24.26
N THR A 43 0.49 -14.34 23.94
CA THR A 43 1.30 -13.87 22.84
C THR A 43 2.77 -14.25 23.07
N GLN A 44 3.30 -13.94 24.26
CA GLN A 44 4.70 -14.23 24.59
C GLN A 44 4.98 -15.72 24.32
N GLY A 45 4.03 -16.61 24.67
CA GLY A 45 4.12 -18.07 24.33
C GLY A 45 3.69 -19.04 25.45
N SER A 46 3.40 -18.53 26.65
CA SER A 46 2.76 -19.29 27.70
C SER A 46 1.47 -19.91 27.16
N LEU A 47 1.31 -21.24 27.26
CA LEU A 47 2.16 -22.13 28.04
C LEU A 47 2.69 -23.24 27.12
N SER A 48 3.20 -22.85 25.95
CA SER A 48 3.72 -23.80 24.98
C SER A 48 4.99 -24.44 25.55
N SER A 49 5.31 -25.63 25.06
CA SER A 49 6.47 -26.42 25.51
C SER A 49 7.76 -25.86 24.91
N LYS A 50 7.65 -25.23 23.74
CA LYS A 50 8.75 -24.55 23.06
C LYS A 50 8.24 -23.25 22.44
N PRO A 51 9.10 -22.22 22.31
CA PRO A 51 8.72 -20.99 21.62
C PRO A 51 8.07 -21.22 20.23
N GLU A 52 8.56 -22.22 19.48
CA GLU A 52 8.15 -22.55 18.10
C GLU A 52 6.72 -23.11 18.01
N LEU A 53 6.15 -23.46 19.17
CA LEU A 53 4.85 -24.11 19.21
C LEU A 53 3.77 -23.16 19.78
N CYS A 54 4.11 -21.89 20.04
CA CYS A 54 3.11 -20.91 20.47
C CYS A 54 2.35 -20.39 19.23
N TYR A 55 1.17 -19.79 19.43
CA TYR A 55 0.30 -19.44 18.31
C TYR A 55 1.01 -18.43 17.41
N ALA A 56 1.80 -17.53 18.00
CA ALA A 56 2.47 -16.48 17.26
C ALA A 56 3.41 -17.11 16.22
N TYR A 57 4.24 -18.08 16.66
CA TYR A 57 5.18 -18.72 15.75
C TYR A 57 4.42 -19.50 14.66
N HIS A 58 3.26 -20.06 15.01
CA HIS A 58 2.44 -20.78 14.07
C HIS A 58 1.97 -19.81 12.98
N VAL A 59 1.50 -18.62 13.38
CA VAL A 59 1.02 -17.63 12.45
C VAL A 59 2.17 -17.16 11.56
N TYR A 60 3.34 -17.01 12.15
CA TYR A 60 4.53 -16.65 11.42
C TYR A 60 4.86 -17.71 10.35
N GLU A 61 4.73 -19.00 10.68
CA GLU A 61 5.06 -20.09 9.74
C GLU A 61 4.05 -20.14 8.61
N TRP A 62 2.80 -19.76 8.90
CA TRP A 62 1.77 -19.59 7.90
C TRP A 62 2.24 -18.60 6.81
N TRP A 63 2.77 -17.45 7.25
CA TRP A 63 3.34 -16.48 6.31
C TRP A 63 4.44 -17.15 5.47
N LYS A 64 5.35 -17.86 6.13
CA LYS A 64 6.51 -18.47 5.44
C LYS A 64 6.03 -19.47 4.39
N LYS A 65 5.08 -20.33 4.75
CA LYS A 65 4.69 -21.46 3.93
C LYS A 65 3.83 -20.99 2.76
N THR A 66 2.99 -19.98 2.99
CA THR A 66 2.02 -19.50 2.01
C THR A 66 2.71 -18.60 0.97
N PHE A 67 3.85 -18.00 1.38
CA PHE A 67 4.59 -17.05 0.58
C PHE A 67 6.07 -17.39 0.62
N PRO A 68 6.49 -18.56 0.05
CA PRO A 68 7.89 -19.01 0.09
C PRO A 68 8.89 -18.05 -0.56
N GLN A 69 8.41 -17.26 -1.52
CA GLN A 69 9.22 -16.29 -2.29
C GLN A 69 9.69 -15.11 -1.41
N ALA A 70 9.02 -14.87 -0.26
CA ALA A 70 9.36 -13.74 0.63
C ALA A 70 10.12 -14.24 1.86
N ASP A 71 10.95 -13.34 2.42
CA ASP A 71 11.65 -13.52 3.66
C ASP A 71 10.95 -12.72 4.77
N PHE A 72 10.47 -13.46 5.78
CA PHE A 72 9.71 -12.93 6.89
C PHE A 72 10.56 -12.90 8.17
N THR A 73 10.39 -11.83 8.95
CA THR A 73 11.02 -11.71 10.25
C THR A 73 9.92 -11.80 11.33
N TYR A 74 10.22 -12.58 12.38
CA TYR A 74 9.36 -12.80 13.54
C TYR A 74 9.71 -11.78 14.63
N ILE A 75 8.70 -11.02 15.07
CA ILE A 75 8.84 -10.02 16.15
C ILE A 75 7.77 -10.28 17.19
N ASN A 76 8.17 -10.91 18.30
CA ASN A 76 7.27 -11.26 19.40
C ASN A 76 7.48 -10.27 20.55
N ALA A 77 6.58 -9.27 20.61
CA ALA A 77 6.61 -8.22 21.60
C ALA A 77 5.60 -8.50 22.74
N GLY A 78 5.34 -9.77 23.01
CA GLY A 78 4.47 -10.16 24.11
C GLY A 78 5.17 -10.00 25.44
N ILE A 79 4.45 -9.49 26.44
CA ILE A 79 4.87 -9.51 27.85
C ILE A 79 3.72 -10.00 28.73
N GLY A 80 3.99 -11.04 29.51
CA GLY A 80 2.97 -11.66 30.38
C GLY A 80 2.47 -10.70 31.46
N GLY A 81 1.16 -10.75 31.68
CA GLY A 81 0.51 -10.06 32.77
C GLY A 81 0.48 -8.55 32.58
N THR A 82 0.40 -8.12 31.31
CA THR A 82 0.40 -6.70 30.94
C THR A 82 -0.75 -6.41 29.97
N THR A 83 -1.16 -5.14 29.99
CA THR A 83 -2.33 -4.65 29.34
C THR A 83 -1.96 -3.75 28.15
N SER A 84 -3.00 -3.31 27.44
CA SER A 84 -2.88 -2.39 26.34
C SER A 84 -2.39 -1.03 26.85
N GLN A 85 -2.52 -0.76 28.16
CA GLN A 85 -2.05 0.49 28.75
C GLN A 85 -0.52 0.55 28.72
N PHE A 86 0.12 -0.58 29.05
CA PHE A 86 1.54 -0.70 28.91
C PHE A 86 1.90 -0.75 27.42
N GLY A 87 1.08 -1.48 26.67
CA GLY A 87 1.22 -1.61 25.24
C GLY A 87 1.47 -0.26 24.57
N VAL A 88 0.60 0.71 24.83
CA VAL A 88 0.64 1.98 24.13
C VAL A 88 1.90 2.77 24.53
N ALA A 89 2.42 2.54 25.74
CA ALA A 89 3.60 3.24 26.26
C ALA A 89 4.91 2.65 25.69
N ARG A 90 4.90 1.34 25.40
CA ARG A 90 6.10 0.61 24.97
C ARG A 90 6.09 0.33 23.47
N ALA A 91 4.99 0.64 22.79
CA ALA A 91 4.80 0.35 21.35
C ALA A 91 6.03 0.79 20.55
N GLU A 92 6.47 2.04 20.76
CA GLU A 92 7.55 2.61 19.97
C GLU A 92 8.81 1.76 20.08
N ALA A 93 9.18 1.36 21.30
CA ALA A 93 10.45 0.69 21.56
C ALA A 93 10.38 -0.78 21.14
N ASP A 94 9.31 -1.47 21.56
CA ASP A 94 9.19 -2.93 21.44
C ASP A 94 8.64 -3.38 20.07
N LEU A 95 8.00 -2.46 19.33
CA LEU A 95 7.23 -2.84 18.14
C LEU A 95 7.56 -1.91 16.95
N LEU A 96 7.21 -0.62 17.04
CA LEU A 96 7.20 0.25 15.86
C LEU A 96 8.64 0.51 15.37
N SER A 97 9.60 0.44 16.29
CA SER A 97 11.02 0.57 15.99
C SER A 97 11.57 -0.64 15.22
N LYS A 98 10.78 -1.70 15.01
CA LYS A 98 11.23 -2.84 14.20
C LYS A 98 10.44 -2.88 12.89
N GLU A 99 9.78 -1.77 12.58
CA GLU A 99 9.13 -1.53 11.30
C GLU A 99 8.22 -2.71 10.95
N PRO A 100 7.11 -2.90 11.69
CA PRO A 100 6.20 -4.00 11.41
C PRO A 100 5.34 -3.75 10.16
N ASP A 101 5.01 -4.82 9.45
CA ASP A 101 4.14 -4.78 8.26
C ASP A 101 2.79 -5.45 8.56
N PHE A 102 2.82 -6.50 9.41
CA PHE A 102 1.66 -7.16 10.01
C PHE A 102 1.74 -7.04 11.54
N VAL A 103 0.66 -6.59 12.18
CA VAL A 103 0.63 -6.47 13.66
C VAL A 103 -0.67 -7.07 14.19
N ILE A 104 -0.55 -8.16 14.96
CA ILE A 104 -1.60 -8.68 15.79
C ILE A 104 -1.54 -7.99 17.16
N ILE A 105 -2.71 -7.54 17.65
CA ILE A 105 -2.89 -6.97 19.00
C ILE A 105 -3.77 -7.93 19.81
N GLU A 106 -3.24 -8.38 20.96
CA GLU A 106 -3.80 -9.45 21.76
C GLU A 106 -3.77 -9.04 23.22
N PHE A 107 -4.84 -8.41 23.69
CA PHE A 107 -4.93 -7.94 25.10
C PHE A 107 -6.35 -8.19 25.68
N SER A 108 -7.10 -9.10 25.07
CA SER A 108 -8.51 -9.22 25.43
C SER A 108 -8.74 -10.11 26.66
N VAL A 109 -7.70 -10.77 27.20
CA VAL A 109 -7.81 -11.43 28.53
C VAL A 109 -6.82 -10.82 29.52
N ASN A 110 -6.31 -9.63 29.23
CA ASN A 110 -5.43 -8.91 30.17
C ASN A 110 -6.11 -7.61 30.59
N ASP A 111 -6.63 -6.88 29.60
CA ASP A 111 -7.43 -5.69 29.84
C ASP A 111 -8.71 -6.13 30.56
N ASP A 112 -9.16 -5.34 31.54
CA ASP A 112 -10.53 -5.51 32.05
C ASP A 112 -11.50 -4.96 30.99
N SER A 113 -12.75 -5.44 31.00
CA SER A 113 -13.73 -4.91 30.09
C SER A 113 -14.34 -3.64 30.67
N THR A 114 -13.53 -2.57 30.74
CA THR A 114 -13.97 -1.30 31.30
C THR A 114 -13.69 -0.19 30.30
N GLU A 115 -14.34 0.97 30.51
CA GLU A 115 -14.17 2.14 29.66
C GLU A 115 -12.71 2.61 29.68
N HIS A 116 -12.03 2.45 30.83
CA HIS A 116 -10.62 2.81 30.96
C HIS A 116 -9.78 2.09 29.89
N PHE A 117 -9.95 0.77 29.79
CA PHE A 117 -9.18 -0.01 28.85
C PHE A 117 -9.71 0.16 27.42
N MET A 118 -11.00 0.51 27.22
CA MET A 118 -11.42 0.90 25.85
C MET A 118 -10.59 2.13 25.39
N GLU A 119 -10.34 3.06 26.33
CA GLU A 119 -9.59 4.29 26.07
C GLU A 119 -8.09 4.03 25.85
N THR A 120 -7.51 3.05 26.55
CA THR A 120 -6.08 2.75 26.42
C THR A 120 -5.83 1.95 25.14
N TYR A 121 -6.77 1.04 24.85
CA TYR A 121 -6.75 0.17 23.69
C TYR A 121 -6.88 1.01 22.43
N GLU A 122 -7.78 2.00 22.47
CA GLU A 122 -7.93 2.97 21.40
C GLU A 122 -6.58 3.69 21.19
N GLY A 123 -6.01 4.19 22.29
CA GLY A 123 -4.72 4.84 22.24
C GLY A 123 -3.74 3.97 21.47
N LEU A 124 -3.66 2.70 21.88
CA LEU A 124 -2.71 1.76 21.29
C LEU A 124 -3.03 1.61 19.80
N VAL A 125 -4.31 1.44 19.49
CA VAL A 125 -4.71 1.12 18.13
C VAL A 125 -4.37 2.29 17.21
N ARG A 126 -4.67 3.52 17.64
CA ARG A 126 -4.48 4.71 16.83
C ARG A 126 -2.99 4.90 16.57
N LYS A 127 -2.17 4.63 17.58
CA LYS A 127 -0.75 4.79 17.51
C LYS A 127 -0.17 3.83 16.45
N VAL A 128 -0.52 2.54 16.56
CA VAL A 128 0.04 1.47 15.72
C VAL A 128 -0.38 1.66 14.26
N TYR A 129 -1.65 1.99 14.03
CA TYR A 129 -2.26 2.02 12.68
C TYR A 129 -1.66 3.17 11.85
N THR A 130 -1.47 4.33 12.51
CA THR A 130 -0.96 5.57 11.87
C THR A 130 0.57 5.68 12.01
N SER A 131 1.24 4.63 12.49
CA SER A 131 2.71 4.59 12.54
C SER A 131 3.33 4.52 11.14
N LYS A 132 4.63 4.83 11.05
CA LYS A 132 5.39 5.03 9.82
C LYS A 132 5.10 3.95 8.75
N THR A 133 5.04 2.67 9.12
CA THR A 133 4.97 1.60 8.10
C THR A 133 3.52 1.24 7.77
N LYS A 134 2.56 1.93 8.38
CA LYS A 134 1.14 1.73 8.08
C LYS A 134 0.85 0.23 8.09
N PRO A 135 1.14 -0.48 9.21
CA PRO A 135 1.05 -1.94 9.23
C PRO A 135 -0.42 -2.37 9.14
N ALA A 136 -0.60 -3.55 8.52
CA ALA A 136 -1.82 -4.30 8.61
C ALA A 136 -2.02 -4.75 10.05
N VAL A 137 -3.18 -4.41 10.63
CA VAL A 137 -3.50 -4.72 12.01
C VAL A 137 -4.63 -5.76 12.06
N LEU A 138 -4.39 -6.87 12.77
CA LEU A 138 -5.42 -7.85 13.09
C LEU A 138 -5.59 -7.86 14.61
N LEU A 139 -6.83 -7.73 15.08
CA LEU A 139 -7.14 -7.85 16.50
C LEU A 139 -7.48 -9.32 16.79
N VAL A 140 -6.88 -9.84 17.87
CA VAL A 140 -7.15 -11.19 18.33
C VAL A 140 -7.71 -11.14 19.76
N HIS A 141 -8.86 -11.78 19.93
CA HIS A 141 -9.54 -11.85 21.21
C HIS A 141 -9.46 -13.27 21.78
N ASN A 142 -8.59 -13.46 22.76
CA ASN A 142 -8.60 -14.71 23.50
C ASN A 142 -9.82 -14.69 24.45
N VAL A 143 -9.99 -15.78 25.21
CA VAL A 143 -11.10 -15.95 26.11
C VAL A 143 -10.63 -16.75 27.33
N PHE A 144 -11.24 -16.44 28.48
CA PHE A 144 -11.12 -17.21 29.71
C PHE A 144 -12.01 -18.47 29.60
N TYR A 145 -11.39 -19.65 29.68
CA TYR A 145 -12.10 -20.93 29.44
C TYR A 145 -12.84 -21.41 30.70
N ASN A 146 -12.56 -20.78 31.86
CA ASN A 146 -13.29 -21.07 33.12
C ASN A 146 -14.72 -20.52 33.04
N ASN A 147 -14.92 -19.34 32.43
CA ASN A 147 -16.22 -18.64 32.48
C ASN A 147 -16.66 -18.07 31.11
N GLY A 148 -15.82 -18.13 30.07
CA GLY A 148 -16.12 -17.60 28.74
C GLY A 148 -15.94 -16.10 28.61
N ALA A 149 -15.25 -15.47 29.57
CA ALA A 149 -15.10 -14.01 29.65
C ALA A 149 -13.97 -13.51 28.74
N ASN A 150 -14.13 -12.27 28.28
CA ASN A 150 -12.99 -11.48 27.82
C ASN A 150 -13.40 -10.00 27.81
N ALA A 151 -12.45 -9.13 27.45
CA ALA A 151 -12.73 -7.71 27.27
C ALA A 151 -13.11 -7.39 25.81
N GLN A 152 -13.71 -8.36 25.09
CA GLN A 152 -14.01 -8.18 23.68
C GLN A 152 -15.12 -7.14 23.47
N LEU A 153 -15.98 -6.94 24.48
CA LEU A 153 -17.01 -5.93 24.36
C LEU A 153 -16.36 -4.55 24.10
N MET A 154 -15.32 -4.20 24.88
CA MET A 154 -14.63 -2.90 24.75
C MET A 154 -13.77 -2.86 23.47
N HIS A 155 -13.06 -3.96 23.15
CA HIS A 155 -12.07 -3.98 22.06
C HIS A 155 -12.76 -4.08 20.69
N GLY A 156 -13.92 -4.75 20.68
CA GLY A 156 -14.77 -4.84 19.50
C GLY A 156 -15.24 -3.48 19.03
N ARG A 157 -15.65 -2.61 19.96
CA ARG A 157 -16.14 -1.28 19.60
C ARG A 157 -15.04 -0.54 18.84
N ILE A 158 -13.79 -0.75 19.25
CA ILE A 158 -12.64 -0.12 18.61
C ILE A 158 -12.40 -0.77 17.24
N ALA A 159 -12.54 -2.09 17.15
CA ALA A 159 -12.43 -2.80 15.87
C ALA A 159 -13.35 -2.16 14.82
N ARG A 160 -14.64 -2.06 15.15
CA ARG A 160 -15.64 -1.57 14.23
C ARG A 160 -15.40 -0.07 13.95
N HIS A 161 -14.81 0.64 14.91
CA HIS A 161 -14.61 2.08 14.74
C HIS A 161 -13.60 2.35 13.61
N TYR A 162 -12.54 1.51 13.56
CA TYR A 162 -11.38 1.72 12.69
C TYR A 162 -11.41 0.72 11.53
N ASN A 163 -12.48 -0.08 11.47
CA ASN A 163 -12.63 -1.11 10.47
C ASN A 163 -11.42 -2.05 10.45
N LEU A 164 -11.06 -2.58 11.63
CA LEU A 164 -9.97 -3.51 11.74
C LEU A 164 -10.55 -4.91 11.69
N PRO A 165 -9.88 -5.87 11.02
CA PRO A 165 -10.25 -7.28 11.14
C PRO A 165 -10.04 -7.71 12.60
N ALA A 166 -10.87 -8.63 13.08
CA ALA A 166 -10.75 -9.13 14.45
C ALA A 166 -11.25 -10.57 14.49
N VAL A 167 -10.43 -11.48 15.03
CA VAL A 167 -10.86 -12.83 15.25
C VAL A 167 -10.91 -13.07 16.76
N SER A 168 -11.80 -14.00 17.16
CA SER A 168 -12.12 -14.30 18.55
C SER A 168 -12.15 -15.82 18.79
N MET A 169 -11.54 -16.23 19.89
CA MET A 169 -11.62 -17.57 20.40
C MET A 169 -12.88 -17.72 21.25
N GLN A 170 -13.47 -16.59 21.65
CA GLN A 170 -14.64 -16.59 22.51
C GLN A 170 -15.84 -17.16 21.74
N SER A 171 -15.83 -17.06 20.41
CA SER A 171 -16.96 -17.49 19.60
C SER A 171 -16.59 -18.69 18.70
N THR A 172 -15.47 -19.34 19.03
CA THR A 172 -15.01 -20.49 18.29
C THR A 172 -14.62 -21.62 19.24
N ILE A 173 -13.61 -21.37 20.08
CA ILE A 173 -13.05 -22.42 20.93
C ILE A 173 -13.93 -22.59 22.18
N TYR A 174 -14.36 -21.49 22.82
CA TYR A 174 -15.10 -21.59 24.09
C TYR A 174 -16.44 -22.30 23.88
N PRO A 175 -17.19 -22.02 22.79
CA PRO A 175 -18.41 -22.76 22.49
C PRO A 175 -18.23 -24.29 22.50
N GLU A 176 -17.12 -24.80 21.97
CA GLU A 176 -16.78 -26.22 22.00
C GLU A 176 -16.60 -26.71 23.44
N VAL A 177 -15.93 -25.90 24.26
CA VAL A 177 -15.48 -26.32 25.60
C VAL A 177 -16.68 -26.39 26.56
N VAL A 178 -17.56 -25.39 26.44
CA VAL A 178 -18.70 -25.20 27.34
C VAL A 178 -19.75 -26.28 27.07
N ALA A 179 -19.70 -26.86 25.87
CA ALA A 179 -20.67 -27.84 25.40
C ALA A 179 -20.13 -29.25 25.60
N GLY A 180 -18.92 -29.36 26.16
CA GLY A 180 -18.33 -30.63 26.56
C GLY A 180 -17.53 -31.29 25.45
N ARG A 181 -17.58 -30.74 24.24
CA ARG A 181 -16.93 -31.36 23.08
C ARG A 181 -15.40 -31.23 23.19
N ILE A 182 -14.92 -30.31 24.04
CA ILE A 182 -13.49 -30.20 24.38
C ILE A 182 -13.37 -30.11 25.92
N GLU A 183 -12.66 -31.07 26.52
CA GLU A 183 -12.29 -30.96 27.91
C GLU A 183 -11.21 -29.89 28.00
N ASN A 184 -11.36 -28.99 28.98
CA ASN A 184 -10.48 -27.87 29.22
C ASN A 184 -9.01 -28.30 29.18
N ARG A 185 -8.68 -29.43 29.82
CA ARG A 185 -7.29 -29.80 30.07
C ARG A 185 -6.62 -30.34 28.80
N GLU A 186 -7.41 -30.61 27.75
CA GLU A 186 -6.84 -30.98 26.46
C GLU A 186 -6.06 -29.79 25.88
N ILE A 187 -6.56 -28.56 26.10
CA ILE A 187 -6.06 -27.33 25.44
C ILE A 187 -5.49 -26.30 26.44
N THR A 188 -5.83 -26.34 27.73
CA THR A 188 -5.24 -25.38 28.70
C THR A 188 -5.14 -25.96 30.11
N PRO A 189 -3.94 -25.95 30.73
CA PRO A 189 -3.78 -26.42 32.10
C PRO A 189 -4.45 -25.59 33.21
N ASP A 190 -4.71 -24.30 32.94
CA ASP A 190 -5.16 -23.33 33.97
C ASP A 190 -6.33 -22.45 33.48
N ASP A 191 -6.88 -22.76 32.30
CA ASP A 191 -8.14 -22.19 31.77
C ASP A 191 -7.93 -20.78 31.18
N LEU A 192 -6.67 -20.39 30.99
CA LEU A 192 -6.33 -19.07 30.42
C LEU A 192 -5.23 -19.25 29.36
N HIS A 193 -4.12 -19.88 29.77
CA HIS A 193 -2.96 -20.11 28.93
C HIS A 193 -3.14 -21.40 28.14
N PRO A 194 -3.13 -21.35 26.80
CA PRO A 194 -3.21 -22.56 25.99
C PRO A 194 -1.93 -23.39 26.19
N ASN A 195 -2.04 -24.70 25.97
CA ASN A 195 -0.89 -25.60 25.83
C ASN A 195 -0.61 -25.76 24.32
N ASP A 196 0.27 -26.71 23.97
CA ASP A 196 0.72 -26.93 22.58
C ASP A 196 -0.50 -27.08 21.65
N ALA A 197 -1.40 -27.99 22.03
CA ALA A 197 -2.62 -28.28 21.29
C ALA A 197 -3.46 -27.00 21.15
N GLY A 198 -3.62 -26.29 22.28
CA GLY A 198 -4.37 -25.03 22.37
C GLY A 198 -3.76 -23.91 21.55
N HIS A 199 -2.44 -23.77 21.61
CA HIS A 199 -1.78 -22.77 20.80
C HIS A 199 -1.96 -23.05 19.30
N ALA A 200 -1.89 -24.33 18.92
CA ALA A 200 -2.14 -24.72 17.52
C ALA A 200 -3.60 -24.40 17.15
N LEU A 201 -4.51 -24.56 18.12
CA LEU A 201 -5.92 -24.31 17.82
C LEU A 201 -6.19 -22.81 17.63
N VAL A 202 -5.58 -21.99 18.51
CA VAL A 202 -5.73 -20.56 18.45
C VAL A 202 -5.19 -20.03 17.11
N ALA A 203 -3.98 -20.47 16.73
CA ALA A 203 -3.37 -20.14 15.45
C ALA A 203 -4.29 -20.53 14.29
N SER A 204 -4.91 -21.72 14.38
CA SER A 204 -5.73 -22.26 13.30
C SER A 204 -6.94 -21.34 13.06
N VAL A 205 -7.46 -20.68 14.11
CA VAL A 205 -8.58 -19.74 13.97
C VAL A 205 -8.09 -18.46 13.26
N ILE A 206 -6.82 -18.10 13.45
CA ILE A 206 -6.27 -16.93 12.83
C ILE A 206 -5.98 -17.23 11.34
N THR A 207 -5.30 -18.35 11.08
CA THR A 207 -4.82 -18.66 9.74
C THR A 207 -6.00 -19.00 8.82
N TYR A 208 -7.12 -19.42 9.41
CA TYR A 208 -8.37 -19.62 8.65
C TYR A 208 -8.79 -18.31 8.00
N PHE A 209 -8.78 -17.25 8.81
CA PHE A 209 -9.14 -15.93 8.37
C PHE A 209 -8.14 -15.47 7.30
N LEU A 210 -6.86 -15.70 7.57
CA LEU A 210 -5.78 -15.25 6.69
C LEU A 210 -5.92 -15.95 5.33
N ASP A 211 -6.17 -17.27 5.34
CA ASP A 211 -6.41 -18.06 4.12
C ASP A 211 -7.61 -17.49 3.35
N LYS A 212 -8.65 -17.06 4.07
CA LYS A 212 -9.90 -16.52 3.48
C LYS A 212 -9.61 -15.23 2.72
N VAL A 213 -8.76 -14.39 3.33
CA VAL A 213 -8.29 -13.11 2.79
C VAL A 213 -7.49 -13.35 1.50
N LYS A 214 -6.55 -14.30 1.55
CA LYS A 214 -5.67 -14.61 0.41
C LYS A 214 -6.48 -14.94 -0.84
N THR A 215 -7.43 -15.88 -0.72
CA THR A 215 -8.22 -16.45 -1.84
C THR A 215 -9.28 -15.45 -2.37
N GLU A 216 -9.43 -14.29 -1.72
CA GLU A 216 -10.22 -13.21 -2.28
C GLU A 216 -9.40 -12.45 -3.33
N SER A 222 -8.15 3.67 -0.85
CA SER A 222 -8.60 2.27 -0.86
C SER A 222 -8.91 1.81 0.57
N GLU A 223 -8.24 2.42 1.57
CA GLU A 223 -8.59 2.26 3.00
C GLU A 223 -9.50 3.41 3.45
N PRO A 224 -10.26 3.26 4.55
CA PRO A 224 -11.36 4.16 4.86
C PRO A 224 -10.81 5.47 5.44
N ASP A 225 -11.69 6.45 5.58
CA ASP A 225 -11.31 7.72 6.17
C ASP A 225 -10.93 7.41 7.63
N TYR A 226 -9.98 8.19 8.17
CA TYR A 226 -9.51 7.97 9.52
C TYR A 226 -10.47 8.65 10.49
N PRO A 227 -11.25 7.89 11.28
CA PRO A 227 -12.26 8.53 12.13
C PRO A 227 -11.63 9.33 13.27
N ALA A 228 -12.39 10.29 13.79
CA ALA A 228 -12.13 10.91 15.07
C ALA A 228 -12.18 9.83 16.15
N PRO A 229 -11.50 10.00 17.30
CA PRO A 229 -11.51 8.98 18.34
C PRO A 229 -12.91 8.84 18.97
N LEU A 230 -13.27 7.59 19.28
CA LEU A 230 -14.51 7.25 19.93
C LEU A 230 -14.51 7.74 21.38
N THR A 231 -13.38 7.57 22.08
CA THR A 231 -13.19 7.98 23.48
C THR A 231 -12.40 9.28 23.53
N LYS A 232 -12.04 9.74 24.74
CA LYS A 232 -11.23 10.92 24.95
C LYS A 232 -9.80 10.68 24.45
N ASN A 233 -9.40 9.40 24.38
CA ASN A 233 -8.19 8.99 23.71
C ASN A 233 -6.95 9.62 24.34
N THR A 234 -6.90 9.67 25.68
CA THR A 234 -5.87 10.48 26.36
C THR A 234 -4.64 9.63 26.70
N TYR A 235 -4.52 8.43 26.11
CA TYR A 235 -3.32 7.59 26.30
C TYR A 235 -2.58 7.37 24.98
N GLU A 236 -3.05 7.95 23.87
CA GLU A 236 -2.39 7.70 22.58
C GLU A 236 -0.94 8.20 22.62
N LYS A 237 -0.67 9.19 23.46
CA LYS A 237 0.64 9.69 23.68
C LYS A 237 1.04 9.27 25.11
N SER A 238 1.74 8.14 25.23
CA SER A 238 2.16 7.60 26.53
C SER A 238 3.69 7.53 26.57
N ILE A 239 4.29 8.24 27.55
CA ILE A 239 5.72 8.36 27.71
C ILE A 239 6.16 7.69 29.02
N ARG A 240 6.98 6.63 28.88
CA ARG A 240 7.64 5.99 30.00
C ARG A 240 8.85 6.83 30.44
N HIS A 241 8.85 7.21 31.72
CA HIS A 241 9.99 7.79 32.36
C HIS A 241 10.73 6.70 33.15
N GLN A 242 11.92 6.33 32.68
CA GLN A 242 12.76 5.28 33.31
C GLN A 242 14.11 5.89 33.73
N ASN A 243 15.10 5.07 34.08
CA ASN A 243 16.28 5.58 34.83
C ASN A 243 17.23 6.39 33.93
N SER A 244 16.92 6.54 32.64
CA SER A 244 17.65 7.43 31.71
C SER A 244 17.11 8.88 31.77
N ASP A 245 15.89 9.10 32.24
CA ASP A 245 15.31 10.43 32.29
C ASP A 245 16.17 11.33 33.17
N GLU A 246 16.55 12.49 32.62
CA GLU A 246 16.96 13.61 33.45
C GLU A 246 15.68 14.20 34.04
N ASN A 247 15.81 14.97 35.11
CA ASN A 247 14.65 15.56 35.83
C ASN A 247 14.28 14.62 37.00
N VAL A 248 14.98 13.50 37.12
CA VAL A 248 14.79 12.55 38.22
C VAL A 248 15.83 12.86 39.29
N VAL A 249 15.40 12.98 40.54
CA VAL A 249 16.29 13.18 41.71
C VAL A 249 16.02 12.07 42.73
N CYS A 250 17.01 11.20 42.92
CA CYS A 250 16.94 10.07 43.83
C CYS A 250 17.33 10.50 45.25
N HIS A 251 16.57 10.03 46.25
CA HIS A 251 16.88 10.19 47.67
C HIS A 251 16.70 8.83 48.36
N GLY A 252 17.58 7.89 48.04
CA GLY A 252 17.52 6.55 48.59
C GLY A 252 17.36 5.51 47.50
N PHE A 253 16.48 5.80 46.54
CA PHE A 253 16.32 4.99 45.34
C PHE A 253 17.59 5.06 44.49
N VAL A 254 18.16 3.90 44.15
CA VAL A 254 19.28 3.84 43.22
C VAL A 254 18.80 3.20 41.92
N ALA A 255 19.32 3.74 40.82
CA ALA A 255 19.10 3.27 39.47
C ALA A 255 19.71 1.88 39.30
N ASP A 256 18.95 1.00 38.65
CA ASP A 256 19.41 -0.34 38.28
C ASP A 256 20.08 -0.26 36.89
N THR A 257 21.39 -0.52 36.85
CA THR A 257 22.22 -0.39 35.64
C THR A 257 22.39 -1.74 34.93
N SER A 258 21.74 -2.80 35.43
CA SER A 258 21.96 -4.12 34.92
C SER A 258 21.35 -4.25 33.52
N ALA A 259 21.91 -5.18 32.74
CA ALA A 259 21.58 -5.40 31.35
C ALA A 259 20.25 -6.15 31.25
N GLN A 260 19.40 -5.78 30.29
CA GLN A 260 18.12 -6.44 30.02
C GLN A 260 18.26 -7.43 28.85
N ARG A 261 17.93 -8.70 29.11
CA ARG A 261 18.10 -9.78 28.14
C ARG A 261 17.08 -9.66 27.02
N ASP A 262 15.83 -9.35 27.38
CA ASP A 262 14.76 -9.16 26.42
C ASP A 262 13.65 -8.39 27.14
N ILE A 263 12.57 -8.05 26.43
CA ILE A 263 11.50 -7.25 27.01
C ILE A 263 10.83 -8.00 28.17
N THR A 264 10.85 -9.35 28.15
CA THR A 264 10.20 -10.16 29.22
C THR A 264 11.02 -10.11 30.52
N ASP A 265 12.29 -9.74 30.42
CA ASP A 265 13.12 -9.37 31.59
C ASP A 265 12.72 -7.96 32.00
N CYS A 266 11.52 -7.85 32.59
CA CYS A 266 10.78 -6.57 32.68
C CYS A 266 11.14 -5.75 33.93
N PHE A 267 11.85 -6.31 34.90
CA PHE A 267 12.30 -5.48 36.02
C PHE A 267 13.71 -4.95 35.74
N LYS A 268 13.80 -4.01 34.80
CA LYS A 268 15.05 -3.45 34.29
C LYS A 268 14.80 -1.98 33.95
N HIS A 269 15.89 -1.21 33.85
CA HIS A 269 15.90 0.21 33.43
C HIS A 269 15.19 1.11 34.46
N GLY A 270 14.90 0.59 35.66
CA GLY A 270 14.23 1.32 36.73
C GLY A 270 15.13 1.55 37.93
N TRP A 271 14.52 1.61 39.11
CA TRP A 271 15.21 1.95 40.36
C TRP A 271 14.76 0.97 41.48
N THR A 272 15.66 0.68 42.44
CA THR A 272 15.39 -0.18 43.61
C THR A 272 15.54 0.60 44.92
N ALA A 273 14.81 0.20 45.96
CA ALA A 273 14.97 0.78 47.33
C ALA A 273 14.60 -0.26 48.41
N SER A 274 15.21 -0.10 49.60
CA SER A 274 15.18 -1.07 50.68
C SER A 274 14.85 -0.45 52.05
N LYS A 275 15.07 0.86 52.22
CA LYS A 275 14.97 1.52 53.54
C LYS A 275 13.78 2.47 53.57
N LYS A 276 13.01 2.40 54.66
CA LYS A 276 11.92 3.34 54.93
C LYS A 276 12.43 4.77 54.63
N GLY A 277 11.57 5.60 54.04
CA GLY A 277 11.89 6.98 53.70
C GLY A 277 12.69 7.14 52.42
N ASP A 278 13.24 6.06 51.86
CA ASP A 278 13.86 6.12 50.51
C ASP A 278 12.83 6.70 49.53
N SER A 279 13.25 7.68 48.72
CA SER A 279 12.34 8.34 47.77
C SER A 279 13.04 8.67 46.46
N ILE A 280 12.24 9.13 45.48
CA ILE A 280 12.63 9.57 44.12
C ILE A 280 11.56 10.54 43.63
N THR A 281 11.95 11.55 42.87
CA THR A 281 11.02 12.53 42.30
C THR A 281 11.21 12.58 40.79
N LEU A 282 10.08 12.63 40.05
CA LEU A 282 10.07 12.68 38.61
C LEU A 282 9.13 13.82 38.18
N ASP A 283 9.51 14.47 37.07
CA ASP A 283 8.67 15.38 36.32
C ASP A 283 8.08 14.59 35.16
N VAL A 284 6.75 14.50 35.15
CA VAL A 284 6.01 13.70 34.21
C VAL A 284 4.90 14.59 33.64
N GLU A 285 4.95 14.77 32.31
CA GLU A 285 4.04 15.59 31.56
C GLU A 285 2.88 14.73 31.05
N GLY A 286 1.66 15.21 31.29
CA GLY A 286 0.45 14.57 30.80
C GLY A 286 -0.75 14.94 31.65
N CYS A 287 -1.95 14.57 31.20
CA CYS A 287 -3.17 14.69 31.98
C CYS A 287 -3.42 13.40 32.78
N ASN A 288 -2.69 12.32 32.42
CA ASN A 288 -2.74 11.00 33.05
C ASN A 288 -1.37 10.63 33.61
N ILE A 289 -1.32 10.08 34.83
CA ILE A 289 -0.12 9.56 35.50
C ILE A 289 -0.39 8.13 35.93
N SER A 290 0.46 7.19 35.52
CA SER A 290 0.40 5.81 35.96
C SER A 290 1.81 5.33 36.34
N VAL A 291 1.91 4.29 37.19
CA VAL A 291 3.19 3.87 37.76
C VAL A 291 3.37 2.36 37.60
N GLN A 292 4.58 1.94 37.24
CA GLN A 292 4.89 0.52 37.03
C GLN A 292 5.83 0.09 38.15
N TYR A 293 5.51 -1.02 38.83
CA TYR A 293 6.33 -1.54 39.92
C TYR A 293 6.14 -3.06 39.97
N ARG A 294 7.07 -3.74 40.66
CA ARG A 294 7.00 -5.19 40.90
C ARG A 294 6.08 -5.50 42.08
N LYS A 295 5.15 -6.44 41.84
CA LYS A 295 4.52 -7.19 42.91
C LYS A 295 5.26 -8.52 42.99
N SER A 296 5.88 -8.76 44.16
CA SER A 296 6.76 -9.93 44.37
C SER A 296 5.96 -11.15 44.86
N VAL A 297 6.18 -12.32 44.23
CA VAL A 297 5.73 -13.65 44.79
C VAL A 297 6.57 -14.01 46.02
N LYS A 298 7.81 -13.48 46.11
CA LYS A 298 8.66 -13.68 47.31
C LYS A 298 8.30 -12.63 48.36
N LEU A 299 7.69 -13.09 49.46
CA LEU A 299 7.25 -12.25 50.57
C LEU A 299 8.20 -12.38 51.75
N PRO A 300 8.21 -11.39 52.65
CA PRO A 300 7.55 -10.10 52.47
C PRO A 300 8.40 -9.16 51.62
N ALA A 301 7.85 -7.98 51.32
CA ALA A 301 8.51 -6.97 50.50
C ALA A 301 8.06 -5.58 50.94
N PRO A 302 8.76 -4.51 50.54
CA PRO A 302 8.39 -3.15 50.94
C PRO A 302 7.02 -2.69 50.44
N VAL A 303 6.51 -1.64 51.10
CA VAL A 303 5.34 -0.92 50.63
C VAL A 303 5.75 0.53 50.40
N ALA A 304 5.33 1.09 49.26
CA ALA A 304 5.62 2.47 48.95
C ALA A 304 4.32 3.23 48.79
N GLU A 305 4.39 4.56 48.80
CA GLU A 305 3.27 5.38 48.34
C GLU A 305 3.79 6.32 47.25
N ILE A 306 2.87 6.72 46.37
CA ILE A 306 3.15 7.67 45.27
C ILE A 306 2.28 8.91 45.46
N ILE A 307 2.92 10.08 45.35
CA ILE A 307 2.29 11.40 45.57
C ILE A 307 2.38 12.22 44.26
N VAL A 308 1.25 12.80 43.86
CA VAL A 308 1.19 13.61 42.66
C VAL A 308 0.91 15.07 43.05
N ASP A 309 1.84 15.97 42.73
CA ASP A 309 1.71 17.44 42.95
C ASP A 309 1.64 17.74 44.45
N GLY A 310 2.41 17.00 45.24
CA GLY A 310 2.59 17.29 46.67
C GLY A 310 1.37 16.95 47.51
N ASP A 311 0.36 16.30 46.90
CA ASP A 311 -0.90 15.96 47.52
C ASP A 311 -0.77 14.64 48.30
N ALA A 312 0.00 14.66 49.39
CA ALA A 312 0.34 13.48 50.18
C ALA A 312 -0.88 12.96 50.96
N GLU A 313 -1.85 13.85 51.18
CA GLU A 313 -3.07 13.47 51.87
C GLU A 313 -3.84 12.44 51.04
N HIS A 314 -3.63 12.43 49.71
CA HIS A 314 -4.35 11.54 48.81
C HIS A 314 -3.37 10.63 48.05
N ALA A 315 -2.32 10.21 48.73
CA ALA A 315 -1.30 9.33 48.14
C ALA A 315 -1.91 7.95 47.92
N VAL A 316 -1.36 7.21 46.94
CA VAL A 316 -1.77 5.87 46.61
C VAL A 316 -0.69 4.89 47.11
N ARG A 317 -1.15 3.83 47.78
CA ARG A 317 -0.33 2.75 48.31
C ARG A 317 0.07 1.80 47.16
N LEU A 318 1.38 1.56 47.05
CA LEU A 318 1.96 0.61 46.10
C LEU A 318 2.54 -0.57 46.89
N ASP A 319 1.73 -1.62 47.07
CA ASP A 319 2.10 -2.74 47.91
C ASP A 319 2.77 -3.79 47.02
N ALA A 320 4.08 -4.01 47.24
CA ALA A 320 4.84 -5.02 46.50
C ALA A 320 4.63 -6.43 47.07
N ASN A 321 3.75 -6.58 48.07
CA ASN A 321 3.40 -7.91 48.64
C ASN A 321 2.23 -8.49 47.82
N PHE A 322 2.57 -9.33 46.85
CA PHE A 322 1.57 -9.82 45.91
C PHE A 322 0.67 -10.79 46.67
N ASP A 323 -0.64 -10.72 46.42
CA ASP A 323 -1.60 -11.61 47.05
C ASP A 323 -1.94 -12.77 46.11
N GLU A 324 -1.23 -12.90 44.98
CA GLU A 324 -1.41 -14.02 44.03
C GLU A 324 -0.12 -14.83 44.03
N THR A 325 -0.14 -16.04 43.48
CA THR A 325 0.96 -17.02 43.75
C THR A 325 1.58 -17.62 42.48
N TRP A 326 1.24 -17.10 41.31
CA TRP A 326 1.64 -17.69 40.02
C TRP A 326 3.03 -17.25 39.62
N GLY A 327 3.45 -16.08 40.13
CA GLY A 327 4.73 -15.45 39.77
C GLY A 327 4.68 -13.95 40.02
N ASP A 328 5.79 -13.27 39.71
CA ASP A 328 5.93 -11.84 39.83
C ASP A 328 5.05 -11.16 38.78
N LYS A 329 4.49 -10.00 39.15
CA LYS A 329 3.64 -9.23 38.27
C LYS A 329 4.28 -7.86 38.04
N LEU A 330 4.27 -7.42 36.79
CA LEU A 330 4.61 -6.06 36.45
C LEU A 330 3.34 -5.22 36.55
N GLU A 331 3.09 -4.69 37.74
CA GLU A 331 1.87 -3.94 37.99
C GLU A 331 1.97 -2.57 37.32
N LEU A 332 0.80 -2.05 36.92
CA LEU A 332 0.63 -0.73 36.40
C LEU A 332 -0.67 -0.18 37.02
N ASP A 333 -0.56 0.86 37.83
CA ASP A 333 -1.71 1.49 38.47
C ASP A 333 -1.95 2.87 37.80
N THR A 334 -3.20 3.18 37.49
CA THR A 334 -3.58 4.53 37.05
C THR A 334 -3.78 5.38 38.30
N ILE A 335 -2.96 6.42 38.45
CA ILE A 335 -2.89 7.24 39.68
C ILE A 335 -3.69 8.54 39.48
N LEU A 336 -3.50 9.20 38.34
CA LEU A 336 -4.30 10.35 37.95
C LEU A 336 -4.84 10.13 36.54
N GLU A 337 -6.13 10.40 36.34
CA GLU A 337 -6.73 10.27 35.02
C GLU A 337 -7.56 11.52 34.72
N HIS A 338 -7.39 12.07 33.50
CA HIS A 338 -8.10 13.24 32.97
C HIS A 338 -7.96 14.40 33.95
N GLY A 339 -6.75 14.59 34.45
CA GLY A 339 -6.37 15.77 35.13
C GLY A 339 -6.04 16.86 34.13
N GLU A 340 -5.25 17.85 34.58
CA GLU A 340 -4.81 18.89 33.72
C GLU A 340 -3.53 18.42 33.04
N ASN A 341 -3.39 18.72 31.74
CA ASN A 341 -2.23 18.31 30.94
C ASN A 341 -1.10 19.32 31.20
N LYS A 342 -0.06 18.87 31.90
CA LYS A 342 1.07 19.68 32.26
C LYS A 342 2.14 18.82 32.92
N VAL A 343 3.28 19.41 33.26
CA VAL A 343 4.32 18.72 33.99
C VAL A 343 3.85 18.57 35.44
N HIS A 344 3.58 17.33 35.86
CA HIS A 344 3.25 16.99 37.26
C HIS A 344 4.52 16.59 38.03
N LYS A 345 4.56 16.94 39.31
CA LYS A 345 5.61 16.41 40.20
C LYS A 345 5.15 15.04 40.72
N VAL A 346 6.00 14.01 40.58
CA VAL A 346 5.65 12.66 41.08
C VAL A 346 6.72 12.22 42.09
N GLU A 347 6.30 11.78 43.28
CA GLU A 347 7.22 11.25 44.28
C GLU A 347 6.79 9.83 44.64
N VAL A 348 7.78 8.96 44.83
CA VAL A 348 7.60 7.63 45.34
C VAL A 348 8.50 7.45 46.58
N ARG A 349 7.90 7.07 47.72
CA ARG A 349 8.67 6.80 48.92
C ARG A 349 8.20 5.51 49.60
N LEU A 350 9.18 4.81 50.18
CA LEU A 350 8.94 3.59 50.93
C LEU A 350 8.32 3.99 52.27
N THR A 351 7.17 3.39 52.58
CA THR A 351 6.42 3.67 53.78
C THR A 351 6.49 2.52 54.79
N GLU A 352 6.80 1.29 54.32
CA GLU A 352 6.88 0.08 55.18
C GLU A 352 8.00 -0.82 54.64
N THR A 353 8.84 -1.32 55.52
CA THR A 353 9.85 -2.30 55.19
C THR A 353 9.92 -3.35 56.32
N HIS A 354 10.61 -4.46 56.05
CA HIS A 354 10.70 -5.59 56.98
C HIS A 354 12.16 -6.06 57.00
N GLU A 355 12.66 -6.46 58.16
CA GLU A 355 14.01 -6.97 58.29
C GLU A 355 14.18 -8.17 57.33
N ASN A 356 13.09 -8.92 57.09
CA ASN A 356 13.17 -10.16 56.29
C ASN A 356 12.62 -9.96 54.86
N ASP A 357 12.62 -8.72 54.35
CA ASP A 357 12.16 -8.46 52.98
C ASP A 357 13.03 -9.29 52.03
N ALA A 358 12.37 -10.10 51.18
CA ALA A 358 13.05 -11.04 50.28
C ALA A 358 13.54 -10.36 48.99
N VAL A 359 13.05 -9.15 48.70
CA VAL A 359 13.44 -8.39 47.49
C VAL A 359 13.30 -6.91 47.80
N PRO A 360 14.07 -6.03 47.15
CA PRO A 360 13.79 -4.59 47.22
C PRO A 360 12.51 -4.23 46.45
N PHE A 361 12.00 -3.05 46.73
CA PHE A 361 10.98 -2.45 45.90
C PHE A 361 11.63 -2.12 44.57
N TYR A 362 10.98 -2.53 43.47
CA TYR A 362 11.40 -2.20 42.12
C TYR A 362 10.36 -1.26 41.50
N LEU A 363 10.79 -0.02 41.26
CA LEU A 363 10.04 0.99 40.48
C LEU A 363 10.56 0.90 39.05
N VAL A 364 9.69 0.49 38.13
CA VAL A 364 10.06 0.23 36.74
C VAL A 364 9.93 1.54 35.94
N SER A 365 8.76 2.17 36.00
CA SER A 365 8.53 3.36 35.23
C SER A 365 7.43 4.19 35.90
N VAL A 366 7.38 5.46 35.52
CA VAL A 366 6.19 6.31 35.70
C VAL A 366 5.79 6.78 34.30
N ILE A 367 4.50 6.68 33.94
CA ILE A 367 4.07 6.95 32.59
C ILE A 367 3.20 8.19 32.59
N GLY A 368 3.56 9.14 31.72
CA GLY A 368 2.79 10.35 31.44
C GLY A 368 2.11 10.25 30.09
N SER A 369 0.81 10.56 30.07
CA SER A 369 -0.05 10.32 28.95
C SER A 369 -0.95 11.53 28.70
N SER A 370 -1.17 11.83 27.42
CA SER A 370 -2.17 12.79 27.00
C SER A 370 -2.66 12.41 25.60
N GLU A 371 -3.69 13.11 25.10
CA GLU A 371 -4.21 12.84 23.76
C GLU A 371 -3.21 13.34 22.72
N LYS A 372 -3.22 12.72 21.55
CA LYS A 372 -2.68 13.29 20.35
C LYS A 372 -3.86 13.89 19.59
N ALA A 373 -3.67 15.11 19.09
CA ALA A 373 -4.72 15.82 18.37
C ALA A 373 -5.10 15.03 17.11
N HIS A 374 -6.41 14.83 16.93
CA HIS A 374 -6.97 14.37 15.67
C HIS A 374 -7.10 15.55 14.70
N HIS A 375 -6.91 15.28 13.40
CA HIS A 375 -7.10 16.27 12.32
C HIS A 375 -8.27 15.87 11.40
N TYR B 3 0.80 33.87 -29.61
CA TYR B 3 0.45 32.54 -30.25
C TYR B 3 -1.08 32.30 -30.27
N GLN B 4 -1.47 31.35 -31.12
CA GLN B 4 -2.84 30.89 -31.29
C GLN B 4 -2.81 29.43 -31.75
N ILE B 5 -3.23 28.51 -30.89
CA ILE B 5 -3.22 27.08 -31.16
C ILE B 5 -4.46 26.73 -32.00
N LYS B 6 -4.27 25.92 -33.05
CA LYS B 6 -5.38 25.43 -33.87
C LYS B 6 -5.76 24.05 -33.34
N TYR B 7 -6.66 24.06 -32.34
CA TYR B 7 -7.01 22.92 -31.50
C TYR B 7 -7.58 21.75 -32.30
N GLU B 8 -8.36 22.05 -33.36
CA GLU B 8 -8.92 21.00 -34.22
C GLU B 8 -7.79 20.13 -34.81
N ASN B 9 -6.63 20.73 -35.10
CA ASN B 9 -5.48 19.98 -35.62
C ASN B 9 -4.93 19.03 -34.57
N GLY B 10 -5.32 19.21 -33.30
CA GLY B 10 -4.95 18.33 -32.17
C GLY B 10 -5.43 16.89 -32.33
N ILE B 11 -6.62 16.73 -32.96
CA ILE B 11 -7.33 15.45 -33.10
C ILE B 11 -6.69 14.65 -34.24
N ALA B 12 -5.73 13.80 -33.89
CA ALA B 12 -4.98 13.06 -34.86
C ALA B 12 -5.82 11.89 -35.36
N ASN B 13 -6.62 11.32 -34.46
CA ASN B 13 -7.63 10.31 -34.81
C ASN B 13 -8.89 10.57 -33.98
N ARG B 14 -10.03 10.75 -34.64
CA ARG B 14 -11.31 10.86 -33.92
C ARG B 14 -11.61 9.51 -33.27
N GLY B 15 -11.66 8.45 -34.07
CA GLY B 15 -11.87 7.07 -33.58
C GLY B 15 -13.32 6.79 -33.16
N CYS B 16 -13.52 5.65 -32.49
CA CYS B 16 -14.82 5.24 -32.00
C CYS B 16 -14.98 5.78 -30.57
N LEU B 17 -16.04 6.56 -30.35
CA LEU B 17 -16.22 7.28 -29.10
C LEU B 17 -17.22 6.57 -28.19
N TYR B 18 -17.58 5.33 -28.55
CA TYR B 18 -18.52 4.53 -27.75
C TYR B 18 -18.07 4.47 -26.27
N ARG B 19 -16.90 3.88 -26.01
CA ARG B 19 -16.44 3.65 -24.64
C ARG B 19 -16.29 4.97 -23.87
N LEU B 20 -15.65 5.94 -24.50
CA LEU B 20 -15.43 7.23 -23.88
C LEU B 20 -16.78 7.90 -23.53
N LYS B 21 -17.75 7.83 -24.45
CA LYS B 21 -19.08 8.41 -24.19
C LYS B 21 -19.79 7.61 -23.08
N LYS B 22 -19.58 6.29 -23.03
CA LYS B 22 -20.22 5.47 -22.01
C LYS B 22 -19.68 5.86 -20.63
N VAL B 23 -18.37 6.11 -20.53
CA VAL B 23 -17.76 6.54 -19.27
C VAL B 23 -18.35 7.89 -18.85
N MET B 24 -18.45 8.82 -19.81
CA MET B 24 -18.98 10.18 -19.55
C MET B 24 -20.41 10.08 -19.01
N ASP B 25 -21.23 9.19 -19.59
CA ASP B 25 -22.57 8.90 -19.07
C ASP B 25 -22.46 8.39 -17.63
N ARG B 26 -21.63 7.36 -17.40
CA ARG B 26 -21.53 6.80 -16.08
C ARG B 26 -21.16 7.91 -15.11
N ALA B 27 -20.35 8.88 -15.55
CA ALA B 27 -19.88 9.99 -14.70
C ALA B 27 -21.03 10.97 -14.40
N LYS B 28 -22.01 11.01 -15.30
CA LYS B 28 -23.15 11.90 -15.22
C LYS B 28 -24.13 11.36 -14.17
N ALA B 29 -24.31 10.03 -14.16
CA ALA B 29 -25.08 9.31 -13.11
C ALA B 29 -24.34 9.32 -11.76
N GLY B 30 -23.11 9.83 -11.74
CA GLY B 30 -22.38 10.07 -10.52
C GLY B 30 -21.74 8.80 -9.99
N GLU B 31 -21.39 7.88 -10.89
CA GLU B 31 -20.66 6.67 -10.56
C GLU B 31 -19.25 7.04 -10.10
N ALA B 32 -18.64 6.14 -9.33
CA ALA B 32 -17.21 6.19 -8.99
C ALA B 32 -16.39 5.64 -10.18
N LEU B 33 -15.37 6.39 -10.59
CA LEU B 33 -14.61 6.08 -11.79
C LEU B 33 -13.12 6.28 -11.55
N ASN B 34 -12.33 5.49 -12.26
CA ASN B 34 -10.89 5.47 -12.14
C ASN B 34 -10.27 6.09 -13.40
N ILE B 35 -9.52 7.17 -13.20
CA ILE B 35 -8.91 7.95 -14.26
C ILE B 35 -7.39 7.70 -14.21
N ALA B 36 -6.87 7.02 -15.25
CA ALA B 36 -5.50 6.50 -15.29
C ALA B 36 -4.73 7.05 -16.49
N PHE B 37 -3.40 7.08 -16.36
CA PHE B 37 -2.43 7.51 -17.37
C PHE B 37 -1.21 6.57 -17.29
N LEU B 38 -0.75 6.11 -18.45
CA LEU B 38 0.40 5.21 -18.60
C LEU B 38 1.33 5.82 -19.65
N GLY B 39 2.57 6.09 -19.24
CA GLY B 39 3.47 6.82 -20.09
C GLY B 39 4.86 6.90 -19.48
N GLY B 40 5.67 7.80 -20.04
CA GLY B 40 7.00 8.06 -19.60
C GLY B 40 7.05 9.29 -18.73
N SER B 41 8.13 10.06 -18.86
CA SER B 41 8.43 11.16 -17.95
C SER B 41 7.31 12.21 -17.97
N ILE B 42 6.78 12.50 -19.17
CA ILE B 42 5.88 13.64 -19.31
C ILE B 42 4.57 13.30 -18.59
N THR B 43 4.25 11.99 -18.55
CA THR B 43 3.07 11.51 -17.87
C THR B 43 3.32 11.54 -16.35
N GLN B 44 4.49 11.03 -15.95
CA GLN B 44 4.96 11.04 -14.56
C GLN B 44 4.77 12.44 -13.95
N GLY B 45 5.17 13.47 -14.71
CA GLY B 45 4.90 14.86 -14.35
C GLY B 45 6.07 15.81 -14.59
N SER B 46 7.22 15.28 -15.03
CA SER B 46 8.39 16.10 -15.38
C SER B 46 7.98 17.08 -16.47
N LEU B 47 8.33 18.38 -16.38
CA LEU B 47 9.08 19.03 -15.33
C LEU B 47 8.17 20.06 -14.64
N SER B 48 6.98 19.64 -14.23
CA SER B 48 6.06 20.55 -13.60
C SER B 48 6.64 20.93 -12.23
N SER B 49 6.19 22.07 -11.70
CA SER B 49 6.71 22.59 -10.42
C SER B 49 6.03 21.88 -9.24
N LYS B 50 4.91 21.19 -9.47
CA LYS B 50 4.18 20.39 -8.46
C LYS B 50 3.43 19.26 -9.15
N PRO B 51 3.19 18.11 -8.47
CA PRO B 51 2.31 17.08 -9.01
C PRO B 51 0.98 17.57 -9.61
N GLU B 52 0.46 18.69 -9.11
CA GLU B 52 -0.90 19.16 -9.43
C GLU B 52 -0.91 19.91 -10.78
N LEU B 53 0.28 20.25 -11.30
CA LEU B 53 0.42 21.09 -12.46
C LEU B 53 1.02 20.30 -13.64
N CYS B 54 1.03 18.98 -13.54
CA CYS B 54 1.31 18.10 -14.67
C CYS B 54 0.00 17.90 -15.46
N TYR B 55 0.13 17.52 -16.75
CA TYR B 55 -0.98 17.52 -17.68
C TYR B 55 -2.00 16.46 -17.25
N ALA B 56 -1.48 15.35 -16.71
CA ALA B 56 -2.28 14.27 -16.20
C ALA B 56 -3.23 14.76 -15.10
N TYR B 57 -2.70 15.60 -14.19
CA TYR B 57 -3.51 16.11 -13.09
C TYR B 57 -4.51 17.15 -13.63
N HIS B 58 -4.11 17.94 -14.64
CA HIS B 58 -5.03 18.89 -15.29
C HIS B 58 -6.24 18.14 -15.87
N VAL B 59 -5.98 16.98 -16.49
CA VAL B 59 -7.00 16.14 -17.14
C VAL B 59 -7.92 15.54 -16.06
N TYR B 60 -7.30 15.05 -14.98
CA TYR B 60 -8.00 14.50 -13.83
C TYR B 60 -8.99 15.54 -13.30
N GLU B 61 -8.54 16.78 -13.16
CA GLU B 61 -9.38 17.85 -12.63
C GLU B 61 -10.50 18.19 -13.63
N TRP B 62 -10.20 18.09 -14.94
CA TRP B 62 -11.22 18.28 -15.95
C TRP B 62 -12.41 17.35 -15.71
N TRP B 63 -12.12 16.11 -15.29
CA TRP B 63 -13.13 15.14 -15.01
C TRP B 63 -13.98 15.55 -13.80
N LYS B 64 -13.34 16.02 -12.73
CA LYS B 64 -14.01 16.39 -11.48
C LYS B 64 -14.87 17.64 -11.66
N LYS B 65 -14.31 18.67 -12.31
CA LYS B 65 -14.98 19.93 -12.64
C LYS B 65 -16.25 19.64 -13.44
N THR B 66 -16.11 18.81 -14.47
CA THR B 66 -17.13 18.57 -15.50
C THR B 66 -18.26 17.68 -14.95
N PHE B 67 -17.88 16.73 -14.09
CA PHE B 67 -18.82 15.78 -13.48
C PHE B 67 -18.74 15.86 -11.95
N PRO B 68 -19.19 16.98 -11.32
CA PRO B 68 -19.05 17.15 -9.87
C PRO B 68 -19.75 16.08 -9.02
N GLN B 69 -20.75 15.40 -9.59
CA GLN B 69 -21.59 14.42 -8.89
C GLN B 69 -20.83 13.09 -8.72
N ALA B 70 -19.86 12.83 -9.61
CA ALA B 70 -19.11 11.58 -9.65
C ALA B 70 -17.86 11.70 -8.76
N ASP B 71 -17.36 10.54 -8.30
CA ASP B 71 -16.14 10.45 -7.52
C ASP B 71 -15.05 9.77 -8.37
N PHE B 72 -13.95 10.50 -8.59
CA PHE B 72 -12.89 10.10 -9.50
C PHE B 72 -11.60 9.79 -8.71
N THR B 73 -10.94 8.70 -9.11
CA THR B 73 -9.63 8.29 -8.60
C THR B 73 -8.56 8.56 -9.68
N TYR B 74 -7.49 9.24 -9.26
CA TYR B 74 -6.33 9.53 -10.04
C TYR B 74 -5.34 8.36 -9.96
N ILE B 75 -4.96 7.82 -11.13
CA ILE B 75 -3.94 6.74 -11.25
C ILE B 75 -2.88 7.17 -12.27
N ASN B 76 -1.73 7.61 -11.75
CA ASN B 76 -0.61 8.06 -12.54
C ASN B 76 0.48 6.97 -12.50
N ALA B 77 0.57 6.22 -13.60
CA ALA B 77 1.42 5.04 -13.72
C ALA B 77 2.54 5.32 -14.72
N GLY B 78 2.99 6.57 -14.76
CA GLY B 78 4.09 6.99 -15.56
C GLY B 78 5.42 6.63 -14.89
N ILE B 79 6.39 6.21 -15.71
CA ILE B 79 7.74 6.03 -15.24
C ILE B 79 8.67 6.71 -16.24
N GLY B 80 9.48 7.65 -15.77
CA GLY B 80 10.40 8.37 -16.63
C GLY B 80 11.42 7.46 -17.30
N GLY B 81 11.73 7.79 -18.56
CA GLY B 81 12.76 7.16 -19.37
C GLY B 81 12.41 5.75 -19.76
N THR B 82 11.12 5.48 -20.02
CA THR B 82 10.69 4.11 -20.40
C THR B 82 9.66 4.14 -21.54
N THR B 83 9.50 2.97 -22.16
CA THR B 83 8.84 2.79 -23.44
C THR B 83 7.58 1.93 -23.29
N SER B 84 6.83 1.81 -24.38
CA SER B 84 5.65 0.96 -24.44
C SER B 84 6.04 -0.52 -24.25
N GLN B 85 7.33 -0.84 -24.37
CA GLN B 85 7.83 -2.22 -24.23
C GLN B 85 7.85 -2.63 -22.75
N PHE B 86 8.23 -1.70 -21.87
CA PHE B 86 8.11 -1.90 -20.44
C PHE B 86 6.63 -1.84 -20.06
N GLY B 87 5.91 -0.90 -20.67
CA GLY B 87 4.50 -0.64 -20.41
C GLY B 87 3.65 -1.90 -20.45
N VAL B 88 3.76 -2.67 -21.54
CA VAL B 88 2.93 -3.84 -21.72
C VAL B 88 3.32 -4.89 -20.67
N ALA B 89 4.61 -4.94 -20.32
CA ALA B 89 5.11 -5.92 -19.39
C ALA B 89 4.68 -5.58 -17.95
N ARG B 90 4.43 -4.30 -17.67
CA ARG B 90 4.12 -3.81 -16.32
C ARG B 90 2.64 -3.41 -16.23
N ALA B 91 1.86 -3.60 -17.30
CA ALA B 91 0.50 -3.05 -17.42
C ALA B 91 -0.42 -3.64 -16.34
N GLU B 92 -0.35 -4.96 -16.16
CA GLU B 92 -1.17 -5.68 -15.17
C GLU B 92 -1.01 -5.11 -13.75
N ALA B 93 0.24 -4.94 -13.30
CA ALA B 93 0.53 -4.51 -11.93
C ALA B 93 0.26 -3.01 -11.76
N ASP B 94 0.83 -2.22 -12.67
CA ASP B 94 0.84 -0.77 -12.52
C ASP B 94 -0.51 -0.16 -12.94
N LEU B 95 -1.29 -0.82 -13.81
CA LEU B 95 -2.46 -0.17 -14.41
C LEU B 95 -3.75 -0.96 -14.16
N LEU B 96 -3.81 -2.18 -14.72
CA LEU B 96 -5.07 -2.94 -14.83
C LEU B 96 -5.54 -3.42 -13.44
N SER B 97 -4.60 -3.69 -12.52
CA SER B 97 -4.97 -4.12 -11.17
C SER B 97 -5.72 -2.99 -10.45
N LYS B 98 -5.62 -1.76 -10.99
CA LYS B 98 -6.31 -0.58 -10.44
C LYS B 98 -7.70 -0.40 -11.08
N GLU B 99 -8.09 -1.31 -11.96
CA GLU B 99 -9.45 -1.32 -12.54
C GLU B 99 -9.76 0.05 -13.15
N PRO B 100 -9.01 0.45 -14.19
CA PRO B 100 -9.21 1.76 -14.82
C PRO B 100 -10.46 1.76 -15.69
N ASP B 101 -11.10 2.92 -15.78
CA ASP B 101 -12.25 3.16 -16.65
C ASP B 101 -11.84 4.00 -17.86
N PHE B 102 -10.81 4.82 -17.65
CA PHE B 102 -10.23 5.71 -18.64
C PHE B 102 -8.71 5.67 -18.55
N VAL B 103 -8.05 5.37 -19.69
CA VAL B 103 -6.60 5.22 -19.80
C VAL B 103 -6.07 6.09 -20.94
N ILE B 104 -5.14 6.99 -20.61
CA ILE B 104 -4.32 7.64 -21.59
C ILE B 104 -3.02 6.84 -21.75
N ILE B 105 -2.64 6.60 -23.00
CA ILE B 105 -1.35 6.00 -23.35
C ILE B 105 -0.50 7.10 -24.00
N GLU B 106 0.67 7.34 -23.42
CA GLU B 106 1.50 8.49 -23.67
C GLU B 106 2.96 8.03 -23.74
N PHE B 107 3.39 7.56 -24.92
CA PHE B 107 4.72 6.96 -25.15
C PHE B 107 5.33 7.41 -26.48
N SER B 108 4.84 8.51 -27.07
CA SER B 108 5.23 8.84 -28.46
C SER B 108 6.54 9.64 -28.51
N VAL B 109 7.11 9.98 -27.35
CA VAL B 109 8.45 10.53 -27.30
C VAL B 109 9.32 9.71 -26.35
N ASN B 110 8.96 8.44 -26.12
CA ASN B 110 9.87 7.47 -25.48
C ASN B 110 10.22 6.36 -26.49
N ASP B 111 9.17 5.75 -27.06
CA ASP B 111 9.34 4.82 -28.15
C ASP B 111 10.05 5.57 -29.28
N ASP B 112 10.96 4.87 -29.95
CA ASP B 112 11.47 5.24 -31.25
C ASP B 112 10.41 4.90 -32.31
N SER B 113 10.48 5.62 -33.44
CA SER B 113 9.53 5.48 -34.53
C SER B 113 9.99 4.33 -35.43
N THR B 114 9.94 3.11 -34.87
CA THR B 114 10.47 1.87 -35.50
C THR B 114 9.40 0.78 -35.46
N GLU B 115 9.50 -0.20 -36.37
CA GLU B 115 8.52 -1.31 -36.48
C GLU B 115 8.46 -2.05 -35.13
N HIS B 116 9.62 -2.16 -34.48
CA HIS B 116 9.77 -2.82 -33.20
C HIS B 116 8.81 -2.21 -32.16
N PHE B 117 8.79 -0.86 -32.07
CA PHE B 117 7.96 -0.15 -31.09
C PHE B 117 6.52 -0.01 -31.59
N MET B 118 6.28 -0.13 -32.91
CA MET B 118 4.91 -0.33 -33.40
C MET B 118 4.36 -1.64 -32.80
N GLU B 119 5.20 -2.68 -32.72
CA GLU B 119 4.82 -4.01 -32.25
C GLU B 119 4.56 -4.00 -30.73
N THR B 120 5.43 -3.33 -29.98
CA THR B 120 5.31 -3.32 -28.52
C THR B 120 4.10 -2.49 -28.09
N TYR B 121 3.82 -1.42 -28.84
CA TYR B 121 2.72 -0.50 -28.56
C TYR B 121 1.39 -1.20 -28.82
N GLU B 122 1.35 -2.04 -29.85
CA GLU B 122 0.17 -2.81 -30.22
C GLU B 122 -0.11 -3.82 -29.11
N GLY B 123 0.95 -4.50 -28.65
CA GLY B 123 0.91 -5.33 -27.46
C GLY B 123 0.21 -4.60 -26.34
N LEU B 124 0.75 -3.43 -26.00
CA LEU B 124 0.25 -2.60 -24.92
C LEU B 124 -1.22 -2.25 -25.14
N VAL B 125 -1.57 -1.87 -26.37
CA VAL B 125 -2.87 -1.34 -26.67
C VAL B 125 -3.89 -2.47 -26.55
N ARG B 126 -3.62 -3.62 -27.19
CA ARG B 126 -4.51 -4.80 -27.12
C ARG B 126 -4.79 -5.19 -25.65
N LYS B 127 -3.74 -5.20 -24.84
CA LYS B 127 -3.83 -5.71 -23.49
C LYS B 127 -4.75 -4.79 -22.69
N VAL B 128 -4.56 -3.47 -22.82
CA VAL B 128 -5.36 -2.51 -22.04
C VAL B 128 -6.82 -2.58 -22.51
N TYR B 129 -7.02 -2.55 -23.83
CA TYR B 129 -8.33 -2.48 -24.47
C TYR B 129 -9.21 -3.70 -24.13
N THR B 130 -8.63 -4.92 -24.15
CA THR B 130 -9.38 -6.17 -23.94
C THR B 130 -9.38 -6.57 -22.46
N SER B 131 -8.77 -5.75 -21.60
CA SER B 131 -8.67 -6.03 -20.19
C SER B 131 -10.08 -6.08 -19.58
N LYS B 132 -10.18 -6.65 -18.38
CA LYS B 132 -11.41 -6.93 -17.65
C LYS B 132 -12.42 -5.78 -17.79
N THR B 133 -12.02 -4.53 -17.47
CA THR B 133 -12.94 -3.40 -17.30
C THR B 133 -13.22 -2.63 -18.61
N LYS B 134 -12.72 -3.14 -19.74
CA LYS B 134 -12.99 -2.60 -21.07
C LYS B 134 -12.90 -1.07 -21.07
N PRO B 135 -11.76 -0.47 -20.64
CA PRO B 135 -11.71 0.97 -20.40
C PRO B 135 -11.66 1.77 -21.71
N ALA B 136 -12.16 3.01 -21.65
CA ALA B 136 -11.97 3.92 -22.78
C ALA B 136 -10.48 4.26 -22.82
N VAL B 137 -9.90 4.22 -24.02
CA VAL B 137 -8.48 4.46 -24.24
C VAL B 137 -8.35 5.66 -25.17
N LEU B 138 -7.45 6.58 -24.80
CA LEU B 138 -7.12 7.74 -25.55
C LEU B 138 -5.59 7.77 -25.68
N LEU B 139 -5.08 7.79 -26.92
CA LEU B 139 -3.65 7.91 -27.15
C LEU B 139 -3.27 9.39 -27.12
N VAL B 140 -2.11 9.70 -26.51
CA VAL B 140 -1.57 11.04 -26.48
C VAL B 140 -0.16 11.01 -27.06
N HIS B 141 0.06 11.89 -28.05
CA HIS B 141 1.32 12.02 -28.76
C HIS B 141 1.94 13.38 -28.45
N ASN B 142 2.93 13.38 -27.56
CA ASN B 142 3.81 14.51 -27.35
C ASN B 142 4.80 14.59 -28.52
N VAL B 143 5.65 15.62 -28.49
CA VAL B 143 6.58 15.93 -29.56
C VAL B 143 7.86 16.52 -28.95
N PHE B 144 8.98 16.23 -29.61
CA PHE B 144 10.27 16.89 -29.34
C PHE B 144 10.27 18.29 -29.98
N TYR B 145 10.56 19.33 -29.18
CA TYR B 145 10.41 20.72 -29.61
C TYR B 145 11.66 21.23 -30.35
N ASN B 146 12.70 20.39 -30.47
CA ASN B 146 13.94 20.79 -31.15
C ASN B 146 13.85 20.58 -32.67
N ASN B 147 13.17 19.52 -33.12
CA ASN B 147 13.07 19.19 -34.57
C ASN B 147 11.66 18.75 -35.00
N GLY B 148 10.69 18.70 -34.08
CA GLY B 148 9.32 18.30 -34.38
C GLY B 148 9.11 16.78 -34.40
N ALA B 149 10.12 16.01 -33.97
CA ALA B 149 10.10 14.53 -34.06
C ALA B 149 9.11 13.90 -33.07
N ASN B 150 8.53 12.75 -33.43
CA ASN B 150 7.85 11.83 -32.49
C ASN B 150 7.65 10.48 -33.19
N ALA B 151 7.18 9.47 -32.45
CA ALA B 151 6.92 8.17 -33.03
C ALA B 151 5.42 8.02 -33.37
N GLN B 152 4.77 9.16 -33.65
CA GLN B 152 3.33 9.18 -33.91
C GLN B 152 3.03 8.46 -35.22
N LEU B 153 4.02 8.32 -36.11
CA LEU B 153 3.80 7.59 -37.35
C LEU B 153 3.43 6.15 -37.02
N MET B 154 4.21 5.51 -36.14
CA MET B 154 4.00 4.10 -35.75
C MET B 154 2.79 3.99 -34.83
N HIS B 155 2.67 4.91 -33.87
CA HIS B 155 1.60 4.86 -32.89
C HIS B 155 0.24 5.15 -33.55
N GLY B 156 0.23 5.95 -34.64
CA GLY B 156 -1.01 6.36 -35.34
C GLY B 156 -1.65 5.26 -36.18
N ARG B 157 -0.82 4.36 -36.69
CA ARG B 157 -1.25 3.16 -37.42
C ARG B 157 -2.00 2.20 -36.47
N ILE B 158 -1.54 2.12 -35.22
CA ILE B 158 -2.24 1.37 -34.18
C ILE B 158 -3.55 2.08 -33.81
N ALA B 159 -3.50 3.40 -33.68
CA ALA B 159 -4.69 4.20 -33.36
C ALA B 159 -5.80 3.90 -34.36
N ARG B 160 -5.45 3.91 -35.65
CA ARG B 160 -6.44 3.80 -36.73
C ARG B 160 -6.91 2.35 -36.84
N HIS B 161 -6.01 1.38 -36.57
CA HIS B 161 -6.33 -0.06 -36.61
C HIS B 161 -7.38 -0.45 -35.57
N TYR B 162 -7.33 0.17 -34.37
CA TYR B 162 -8.26 -0.18 -33.28
C TYR B 162 -9.33 0.91 -33.13
N ASN B 163 -9.30 1.92 -34.01
CA ASN B 163 -10.30 3.00 -34.00
C ASN B 163 -10.26 3.74 -32.66
N LEU B 164 -9.05 4.11 -32.25
CA LEU B 164 -8.85 4.75 -30.99
C LEU B 164 -8.72 6.25 -31.20
N PRO B 165 -9.30 7.05 -30.29
CA PRO B 165 -9.09 8.49 -30.33
C PRO B 165 -7.63 8.76 -29.95
N ALA B 166 -7.06 9.81 -30.53
CA ALA B 166 -5.67 10.18 -30.37
C ALA B 166 -5.55 11.69 -30.52
N VAL B 167 -4.77 12.34 -29.65
CA VAL B 167 -4.50 13.76 -29.80
C VAL B 167 -2.99 13.98 -29.84
N SER B 168 -2.59 15.11 -30.47
CA SER B 168 -1.21 15.30 -30.83
C SER B 168 -0.79 16.73 -30.53
N MET B 169 0.39 16.88 -29.92
CA MET B 169 1.08 18.16 -29.74
C MET B 169 1.99 18.47 -30.94
N GLN B 170 2.29 17.44 -31.76
CA GLN B 170 3.09 17.62 -32.98
C GLN B 170 2.35 18.49 -34.01
N SER B 171 1.01 18.47 -34.00
CA SER B 171 0.25 19.22 -34.99
C SER B 171 -0.50 20.40 -34.34
N THR B 172 -0.19 20.73 -33.08
CA THR B 172 -0.81 21.86 -32.38
C THR B 172 0.24 22.80 -31.76
N ILE B 173 1.04 22.32 -30.81
CA ILE B 173 1.99 23.19 -30.10
C ILE B 173 3.22 23.43 -30.98
N TYR B 174 3.80 22.36 -31.52
CA TYR B 174 5.03 22.47 -32.27
C TYR B 174 4.89 23.50 -33.40
N PRO B 175 3.83 23.45 -34.25
CA PRO B 175 3.62 24.46 -35.28
C PRO B 175 3.81 25.93 -34.87
N GLU B 176 3.39 26.27 -33.64
CA GLU B 176 3.51 27.60 -33.10
C GLU B 176 4.95 27.89 -32.62
N VAL B 177 5.69 26.82 -32.28
CA VAL B 177 7.07 26.98 -31.92
C VAL B 177 7.88 27.27 -33.21
N VAL B 178 7.74 26.40 -34.23
CA VAL B 178 8.57 26.45 -35.43
C VAL B 178 8.31 27.73 -36.22
N ALA B 179 7.13 28.36 -36.01
CA ALA B 179 6.74 29.61 -36.67
C ALA B 179 7.20 30.81 -35.85
N GLY B 180 7.76 30.56 -34.67
CA GLY B 180 8.45 31.55 -33.88
C GLY B 180 7.53 32.30 -32.94
N ARG B 181 6.31 31.77 -32.73
CA ARG B 181 5.31 32.46 -31.91
C ARG B 181 5.35 31.98 -30.45
N ILE B 182 5.93 30.80 -30.22
CA ILE B 182 6.29 30.34 -28.89
C ILE B 182 7.79 30.09 -28.90
N GLU B 183 8.55 30.75 -28.01
CA GLU B 183 9.96 30.42 -27.81
C GLU B 183 10.00 29.14 -26.96
N ASN B 184 10.85 28.19 -27.36
CA ASN B 184 10.90 26.87 -26.75
C ASN B 184 10.93 26.96 -25.22
N ARG B 185 11.84 27.82 -24.71
CA ARG B 185 12.16 27.87 -23.28
C ARG B 185 10.99 28.43 -22.48
N GLU B 186 9.97 29.01 -23.15
CA GLU B 186 8.74 29.45 -22.49
C GLU B 186 7.96 28.23 -22.01
N ILE B 187 8.09 27.08 -22.70
CA ILE B 187 7.24 25.90 -22.41
C ILE B 187 8.06 24.65 -22.08
N THR B 188 9.37 24.67 -22.32
CA THR B 188 10.20 23.48 -22.13
C THR B 188 11.66 23.89 -21.94
N PRO B 189 12.27 23.52 -20.80
CA PRO B 189 13.68 23.82 -20.59
C PRO B 189 14.64 23.02 -21.47
N ASP B 190 14.25 21.79 -21.85
CA ASP B 190 15.16 20.85 -22.53
C ASP B 190 14.57 20.27 -23.84
N ASP B 191 13.49 20.86 -24.34
CA ASP B 191 12.91 20.55 -25.66
C ASP B 191 12.15 19.22 -25.64
N LEU B 192 11.84 18.72 -24.45
CA LEU B 192 11.15 17.44 -24.30
C LEU B 192 10.13 17.55 -23.16
N HIS B 193 10.60 17.97 -21.98
CA HIS B 193 9.73 18.06 -20.86
C HIS B 193 9.07 19.43 -20.89
N PRO B 194 7.73 19.48 -20.83
CA PRO B 194 7.03 20.74 -20.60
C PRO B 194 7.29 21.24 -19.16
N ASN B 195 7.39 22.56 -19.00
CA ASN B 195 7.25 23.19 -17.67
C ASN B 195 5.74 23.31 -17.34
N ASP B 196 5.42 24.08 -16.30
CA ASP B 196 4.04 24.33 -15.87
C ASP B 196 3.18 24.82 -17.04
N ALA B 197 3.70 25.82 -17.76
CA ALA B 197 2.98 26.42 -18.90
C ALA B 197 2.83 25.40 -20.02
N GLY B 198 3.88 24.62 -20.24
CA GLY B 198 3.86 23.53 -21.22
C GLY B 198 2.83 22.47 -20.87
N HIS B 199 2.77 22.09 -19.59
CA HIS B 199 1.83 21.08 -19.14
C HIS B 199 0.38 21.57 -19.30
N ALA B 200 0.15 22.85 -19.03
CA ALA B 200 -1.19 23.45 -19.13
C ALA B 200 -1.64 23.42 -20.60
N LEU B 201 -0.69 23.69 -21.49
CA LEU B 201 -0.96 23.72 -22.94
C LEU B 201 -1.25 22.31 -23.47
N VAL B 202 -0.52 21.31 -22.95
CA VAL B 202 -0.71 19.94 -23.39
C VAL B 202 -2.12 19.51 -22.99
N ALA B 203 -2.47 19.76 -21.72
CA ALA B 203 -3.71 19.29 -21.15
C ALA B 203 -4.89 19.97 -21.83
N SER B 204 -4.73 21.24 -22.21
CA SER B 204 -5.82 21.97 -22.87
C SER B 204 -6.09 21.40 -24.27
N VAL B 205 -5.02 20.93 -24.96
CA VAL B 205 -5.20 20.22 -26.21
C VAL B 205 -6.08 19.00 -25.94
N ILE B 206 -5.76 18.23 -24.89
CA ILE B 206 -6.54 17.05 -24.50
C ILE B 206 -7.99 17.46 -24.15
N THR B 207 -8.17 18.48 -23.32
CA THR B 207 -9.50 18.76 -22.74
C THR B 207 -10.44 19.34 -23.79
N TYR B 208 -9.89 20.16 -24.72
CA TYR B 208 -10.61 20.60 -25.92
C TYR B 208 -11.36 19.43 -26.59
N PHE B 209 -10.62 18.35 -26.87
CA PHE B 209 -11.17 17.16 -27.46
C PHE B 209 -12.20 16.48 -26.55
N LEU B 210 -11.86 16.37 -25.25
CA LEU B 210 -12.76 15.74 -24.29
C LEU B 210 -14.08 16.52 -24.27
N ASP B 211 -13.98 17.85 -24.24
CA ASP B 211 -15.12 18.77 -24.23
C ASP B 211 -15.97 18.57 -25.50
N LYS B 212 -15.32 18.36 -26.65
CA LYS B 212 -15.99 18.15 -27.92
C LYS B 212 -16.77 16.84 -27.88
N VAL B 213 -16.14 15.78 -27.37
CA VAL B 213 -16.75 14.43 -27.24
C VAL B 213 -17.97 14.47 -26.30
N LYS B 214 -17.83 15.19 -25.18
CA LYS B 214 -18.88 15.34 -24.18
C LYS B 214 -20.14 15.97 -24.79
N THR B 215 -19.96 17.04 -25.58
CA THR B 215 -21.06 17.89 -26.02
C THR B 215 -21.61 17.40 -27.36
N GLU B 216 -21.20 16.22 -27.82
CA GLU B 216 -21.93 15.48 -28.85
C GLU B 216 -23.04 14.64 -28.18
N SER B 222 -22.78 0.93 -30.11
CA SER B 222 -22.05 -0.15 -30.79
C SER B 222 -20.56 0.21 -30.93
N GLU B 223 -19.71 -0.77 -30.61
CA GLU B 223 -18.26 -0.69 -30.73
C GLU B 223 -17.80 -1.67 -31.81
N PRO B 224 -16.82 -1.29 -32.65
CA PRO B 224 -16.48 -2.08 -33.82
C PRO B 224 -15.84 -3.41 -33.39
N ASP B 225 -15.81 -4.35 -34.34
CA ASP B 225 -15.31 -5.70 -34.10
C ASP B 225 -13.82 -5.60 -33.77
N TYR B 226 -13.37 -6.39 -32.79
CA TYR B 226 -12.00 -6.40 -32.36
C TYR B 226 -11.13 -7.12 -33.39
N PRO B 227 -10.22 -6.41 -34.09
CA PRO B 227 -9.56 -6.99 -35.26
C PRO B 227 -8.35 -7.88 -34.91
N ALA B 228 -7.85 -8.58 -35.94
CA ALA B 228 -6.60 -9.31 -35.90
C ALA B 228 -5.45 -8.31 -35.88
N PRO B 229 -4.31 -8.65 -35.22
CA PRO B 229 -3.22 -7.70 -35.01
C PRO B 229 -2.63 -7.29 -36.37
N LEU B 230 -2.18 -6.04 -36.44
CA LEU B 230 -1.56 -5.44 -37.62
C LEU B 230 -0.10 -5.95 -37.74
N THR B 231 0.60 -6.04 -36.60
CA THR B 231 1.98 -6.58 -36.53
C THR B 231 1.91 -8.06 -36.19
N LYS B 232 3.07 -8.66 -35.90
CA LYS B 232 3.18 -10.04 -35.37
C LYS B 232 2.76 -10.12 -33.89
N ASN B 233 2.60 -8.96 -33.24
CA ASN B 233 2.01 -8.86 -31.91
C ASN B 233 2.62 -9.90 -30.95
N THR B 234 3.96 -9.99 -30.94
CA THR B 234 4.68 -10.99 -30.13
C THR B 234 5.05 -10.45 -28.75
N TYR B 235 4.47 -9.31 -28.36
CA TYR B 235 4.78 -8.70 -27.06
C TYR B 235 3.54 -8.52 -26.17
N GLU B 236 2.36 -8.94 -26.66
CA GLU B 236 1.10 -8.72 -25.91
C GLU B 236 1.11 -9.54 -24.61
N LYS B 237 1.70 -10.73 -24.64
CA LYS B 237 2.10 -11.47 -23.43
C LYS B 237 3.55 -11.12 -23.09
N SER B 238 3.76 -10.31 -22.03
CA SER B 238 5.09 -9.91 -21.60
C SER B 238 5.18 -10.08 -20.08
N ILE B 239 5.93 -11.09 -19.65
CA ILE B 239 6.12 -11.43 -18.25
C ILE B 239 7.50 -10.94 -17.81
N ARG B 240 7.53 -10.21 -16.70
CA ARG B 240 8.77 -9.90 -15.98
C ARG B 240 9.15 -11.08 -15.06
N HIS B 241 10.38 -11.56 -15.20
CA HIS B 241 10.97 -12.47 -14.25
C HIS B 241 11.77 -11.62 -13.26
N GLN B 242 11.30 -11.56 -12.02
CA GLN B 242 11.96 -10.78 -10.99
C GLN B 242 12.32 -11.71 -9.83
N ASN B 243 12.75 -11.17 -8.68
CA ASN B 243 13.46 -11.98 -7.67
C ASN B 243 12.47 -12.88 -6.91
N SER B 244 11.16 -12.75 -7.16
CA SER B 244 10.12 -13.65 -6.59
C SER B 244 9.89 -14.86 -7.50
N ASP B 245 10.65 -14.96 -8.59
CA ASP B 245 10.48 -16.00 -9.58
C ASP B 245 11.24 -17.23 -9.09
N GLU B 246 10.55 -18.35 -8.96
CA GLU B 246 11.23 -19.65 -8.88
C GLU B 246 11.85 -19.91 -10.26
N ASN B 247 12.80 -20.86 -10.31
CA ASN B 247 13.57 -21.19 -11.53
C ASN B 247 14.75 -20.23 -11.67
N VAL B 248 14.93 -19.34 -10.68
CA VAL B 248 16.05 -18.42 -10.64
C VAL B 248 17.11 -19.03 -9.72
N VAL B 249 18.37 -18.99 -10.17
CA VAL B 249 19.48 -19.49 -9.40
C VAL B 249 20.54 -18.40 -9.36
N CYS B 250 20.90 -17.99 -8.14
CA CYS B 250 21.93 -16.99 -7.92
C CYS B 250 23.30 -17.65 -7.77
N HIS B 251 24.33 -17.03 -8.35
CA HIS B 251 25.74 -17.41 -8.20
C HIS B 251 26.56 -16.12 -8.12
N GLY B 252 26.34 -15.35 -7.05
CA GLY B 252 27.02 -14.05 -6.88
C GLY B 252 26.03 -12.90 -6.79
N PHE B 253 25.05 -12.88 -7.70
CA PHE B 253 23.95 -11.91 -7.67
C PHE B 253 23.16 -12.16 -6.39
N VAL B 254 22.57 -11.10 -5.84
CA VAL B 254 21.77 -11.26 -4.62
C VAL B 254 20.46 -10.49 -4.78
N ALA B 255 19.35 -11.10 -4.33
CA ALA B 255 18.01 -10.52 -4.39
C ALA B 255 17.90 -9.23 -3.54
N ASP B 256 17.28 -8.19 -4.11
CA ASP B 256 16.92 -6.97 -3.43
C ASP B 256 15.48 -7.10 -2.92
N THR B 257 15.33 -7.28 -1.60
CA THR B 257 14.07 -7.59 -1.01
C THR B 257 13.47 -6.37 -0.29
N SER B 258 14.09 -5.20 -0.49
CA SER B 258 13.64 -3.97 0.10
C SER B 258 12.33 -3.53 -0.58
N ALA B 259 11.59 -2.62 0.06
CA ALA B 259 10.22 -2.31 -0.36
C ALA B 259 10.22 -1.26 -1.46
N GLN B 260 9.51 -1.55 -2.57
CA GLN B 260 9.19 -0.56 -3.59
C GLN B 260 8.20 0.48 -3.03
N ARG B 261 8.66 1.73 -2.89
CA ARG B 261 7.80 2.79 -2.34
C ARG B 261 6.60 2.91 -3.29
N ASP B 262 6.90 3.24 -4.55
CA ASP B 262 5.94 3.25 -5.62
C ASP B 262 6.71 2.87 -6.90
N ILE B 263 6.05 3.00 -8.05
CA ILE B 263 6.50 2.34 -9.25
C ILE B 263 7.71 3.08 -9.84
N THR B 264 7.86 4.37 -9.49
CA THR B 264 8.96 5.21 -9.97
C THR B 264 10.25 4.89 -9.21
N ASP B 265 10.14 4.28 -8.02
CA ASP B 265 11.25 3.66 -7.35
C ASP B 265 11.56 2.36 -8.10
N CYS B 266 12.23 2.50 -9.25
CA CYS B 266 12.14 1.45 -10.27
C CYS B 266 13.27 0.43 -10.13
N PHE B 267 14.28 0.73 -9.31
CA PHE B 267 15.35 -0.26 -9.00
C PHE B 267 14.96 -1.08 -7.77
N LYS B 268 13.97 -1.94 -7.97
CA LYS B 268 13.42 -2.78 -6.94
C LYS B 268 13.10 -4.13 -7.55
N HIS B 269 12.98 -5.15 -6.68
CA HIS B 269 12.44 -6.49 -7.04
C HIS B 269 13.43 -7.27 -7.91
N GLY B 270 14.68 -6.81 -7.96
CA GLY B 270 15.71 -7.36 -8.83
C GLY B 270 16.86 -7.93 -8.03
N TRP B 271 18.07 -7.84 -8.59
CA TRP B 271 19.28 -8.38 -7.99
C TRP B 271 20.46 -7.44 -8.19
N THR B 272 21.38 -7.46 -7.21
CA THR B 272 22.62 -6.69 -7.24
C THR B 272 23.85 -7.62 -7.29
N ALA B 273 24.98 -7.03 -7.71
CA ALA B 273 26.26 -7.73 -7.81
C ALA B 273 27.40 -6.70 -7.91
N SER B 274 28.52 -7.02 -7.26
CA SER B 274 29.65 -6.07 -7.12
C SER B 274 30.98 -6.66 -7.64
N LYS B 275 30.97 -7.95 -8.00
CA LYS B 275 32.20 -8.68 -8.22
C LYS B 275 32.20 -9.37 -9.58
N LYS B 276 33.34 -9.27 -10.30
CA LYS B 276 33.54 -9.98 -11.58
C LYS B 276 33.22 -11.48 -11.37
N GLY B 277 32.46 -12.08 -12.29
CA GLY B 277 32.09 -13.50 -12.17
C GLY B 277 30.76 -13.76 -11.49
N ASP B 278 30.25 -12.76 -10.76
CA ASP B 278 28.92 -12.88 -10.19
C ASP B 278 27.93 -13.14 -11.34
N SER B 279 27.16 -14.22 -11.22
CA SER B 279 26.21 -14.62 -12.26
C SER B 279 24.84 -14.91 -11.63
N ILE B 280 23.86 -15.14 -12.52
CA ILE B 280 22.49 -15.56 -12.23
C ILE B 280 21.93 -16.22 -13.50
N THR B 281 21.16 -17.30 -13.34
CA THR B 281 20.46 -17.94 -14.46
C THR B 281 18.95 -17.87 -14.19
N LEU B 282 18.21 -17.71 -15.28
CA LEU B 282 16.75 -17.64 -15.31
C LEU B 282 16.25 -18.49 -16.48
N ASP B 283 15.13 -19.18 -16.24
CA ASP B 283 14.30 -19.78 -17.27
C ASP B 283 13.22 -18.79 -17.68
N VAL B 284 13.24 -18.41 -18.96
CA VAL B 284 12.33 -17.39 -19.49
C VAL B 284 11.66 -17.96 -20.74
N GLU B 285 10.33 -18.03 -20.71
CA GLU B 285 9.53 -18.57 -21.79
C GLU B 285 9.06 -17.43 -22.71
N GLY B 286 9.09 -17.69 -24.03
CA GLY B 286 8.62 -16.78 -25.08
C GLY B 286 9.51 -16.80 -26.31
N CYS B 287 9.15 -16.02 -27.33
CA CYS B 287 9.93 -15.90 -28.56
C CYS B 287 10.88 -14.70 -28.45
N ASN B 288 10.59 -13.79 -27.52
CA ASN B 288 11.36 -12.57 -27.31
C ASN B 288 11.89 -12.57 -25.89
N ILE B 289 13.14 -12.12 -25.74
CA ILE B 289 13.80 -11.94 -24.44
C ILE B 289 14.36 -10.52 -24.41
N SER B 290 13.97 -9.76 -23.38
CA SER B 290 14.55 -8.44 -23.15
C SER B 290 14.99 -8.40 -21.68
N VAL B 291 15.87 -7.45 -21.33
CA VAL B 291 16.43 -7.34 -19.98
C VAL B 291 16.38 -5.87 -19.51
N GLN B 292 16.05 -5.66 -18.23
CA GLN B 292 16.06 -4.31 -17.61
C GLN B 292 17.23 -4.20 -16.62
N TYR B 293 17.92 -3.06 -16.61
CA TYR B 293 18.99 -2.84 -15.67
C TYR B 293 19.25 -1.34 -15.51
N ARG B 294 20.09 -1.02 -14.52
CA ARG B 294 20.40 0.34 -14.19
C ARG B 294 21.59 0.78 -15.01
N LYS B 295 21.45 1.97 -15.61
CA LYS B 295 22.52 2.77 -16.10
C LYS B 295 22.69 3.96 -15.15
N SER B 296 23.83 3.98 -14.44
CA SER B 296 24.07 4.85 -13.31
C SER B 296 24.75 6.16 -13.75
N VAL B 297 24.39 7.28 -13.11
CA VAL B 297 25.13 8.53 -13.29
C VAL B 297 26.24 8.63 -12.23
N LYS B 298 26.12 7.87 -11.13
CA LYS B 298 27.22 7.67 -10.18
C LYS B 298 28.23 6.69 -10.78
N LEU B 299 29.42 7.18 -11.17
CA LEU B 299 30.44 6.39 -11.85
C LEU B 299 31.62 6.12 -10.91
N PRO B 300 32.44 5.10 -11.23
CA PRO B 300 32.17 4.13 -12.26
C PRO B 300 31.21 3.06 -11.72
N ALA B 301 30.88 2.09 -12.58
CA ALA B 301 30.02 0.99 -12.22
C ALA B 301 30.41 -0.24 -13.04
N PRO B 302 29.91 -1.44 -12.70
CA PRO B 302 30.26 -2.65 -13.42
C PRO B 302 29.68 -2.73 -14.83
N VAL B 303 30.15 -3.74 -15.57
CA VAL B 303 29.69 -4.13 -16.86
C VAL B 303 29.30 -5.60 -16.71
N ALA B 304 28.19 -5.99 -17.33
CA ALA B 304 27.76 -7.37 -17.33
C ALA B 304 27.62 -7.82 -18.78
N GLU B 305 27.37 -9.12 -18.97
CA GLU B 305 26.91 -9.65 -20.23
C GLU B 305 25.75 -10.61 -19.97
N ILE B 306 24.85 -10.70 -20.96
CA ILE B 306 23.70 -11.58 -20.89
C ILE B 306 23.83 -12.56 -22.05
N ILE B 307 23.61 -13.85 -21.76
CA ILE B 307 23.77 -14.93 -22.72
C ILE B 307 22.46 -15.72 -22.75
N VAL B 308 21.95 -15.98 -23.97
CA VAL B 308 20.69 -16.71 -24.18
C VAL B 308 20.99 -18.06 -24.84
N ASP B 309 20.63 -19.15 -24.16
CA ASP B 309 20.69 -20.53 -24.69
C ASP B 309 22.15 -20.94 -24.92
N GLY B 310 23.03 -20.55 -23.99
CA GLY B 310 24.47 -20.85 -23.98
C GLY B 310 25.22 -20.30 -25.19
N ASP B 311 24.66 -19.27 -25.84
CA ASP B 311 25.23 -18.66 -27.06
C ASP B 311 26.19 -17.52 -26.66
N ALA B 312 27.29 -17.89 -26.00
CA ALA B 312 28.18 -16.95 -25.30
C ALA B 312 28.98 -16.09 -26.30
N GLU B 313 29.14 -16.61 -27.52
CA GLU B 313 29.88 -15.92 -28.57
C GLU B 313 29.08 -14.71 -29.07
N HIS B 314 27.75 -14.70 -28.85
CA HIS B 314 26.85 -13.62 -29.30
C HIS B 314 26.14 -12.98 -28.08
N ALA B 315 26.86 -12.97 -26.95
CA ALA B 315 26.44 -12.34 -25.73
C ALA B 315 26.39 -10.82 -25.93
N VAL B 316 25.46 -10.17 -25.24
CA VAL B 316 25.22 -8.74 -25.31
C VAL B 316 25.80 -8.08 -24.06
N ARG B 317 26.58 -7.03 -24.27
CA ARG B 317 27.18 -6.21 -23.22
C ARG B 317 26.11 -5.28 -22.61
N LEU B 318 26.04 -5.29 -21.27
CA LEU B 318 25.18 -4.40 -20.47
C LEU B 318 26.07 -3.53 -19.57
N ASP B 319 26.27 -2.27 -19.97
CA ASP B 319 27.20 -1.33 -19.35
C ASP B 319 26.40 -0.34 -18.50
N ALA B 320 26.61 -0.35 -17.16
CA ALA B 320 25.87 0.49 -16.22
C ALA B 320 26.53 1.88 -16.08
N ASN B 321 27.62 2.09 -16.82
CA ASN B 321 28.24 3.40 -16.88
C ASN B 321 27.50 4.23 -17.92
N PHE B 322 26.55 5.04 -17.44
CA PHE B 322 25.68 5.79 -18.34
C PHE B 322 26.51 6.90 -18.98
N ASP B 323 26.34 7.11 -20.29
CA ASP B 323 27.07 8.16 -21.01
C ASP B 323 26.31 9.49 -20.95
N GLU B 324 25.08 9.50 -20.41
CA GLU B 324 24.28 10.76 -20.27
C GLU B 324 24.28 11.16 -18.78
N THR B 325 23.71 12.32 -18.45
CA THR B 325 23.89 12.90 -17.10
C THR B 325 22.59 13.43 -16.47
N TRP B 326 21.43 13.27 -17.11
CA TRP B 326 20.13 13.73 -16.53
C TRP B 326 19.77 12.96 -15.26
N GLY B 327 20.08 11.65 -15.28
CA GLY B 327 19.68 10.77 -14.22
C GLY B 327 20.00 9.33 -14.58
N ASP B 328 19.76 8.44 -13.61
CA ASP B 328 19.82 7.02 -13.85
C ASP B 328 18.68 6.62 -14.80
N LYS B 329 18.95 5.61 -15.61
CA LYS B 329 18.01 5.15 -16.61
C LYS B 329 17.71 3.68 -16.33
N LEU B 330 16.44 3.35 -16.29
CA LEU B 330 15.99 1.98 -16.28
C LEU B 330 16.04 1.45 -17.72
N GLU B 331 17.20 0.92 -18.09
CA GLU B 331 17.44 0.49 -19.46
C GLU B 331 16.64 -0.77 -19.73
N LEU B 332 16.33 -0.96 -21.02
CA LEU B 332 15.67 -2.12 -21.57
C LEU B 332 16.26 -2.40 -22.96
N ASP B 333 17.03 -3.51 -23.06
CA ASP B 333 17.62 -4.01 -24.30
C ASP B 333 16.86 -5.29 -24.71
N THR B 334 16.45 -5.34 -25.98
CA THR B 334 15.91 -6.55 -26.59
C THR B 334 17.09 -7.46 -27.01
N ILE B 335 17.16 -8.68 -26.48
CA ILE B 335 18.27 -9.58 -26.75
C ILE B 335 17.88 -10.55 -27.87
N LEU B 336 16.65 -11.06 -27.80
CA LEU B 336 16.12 -11.99 -28.78
C LEU B 336 14.75 -11.46 -29.22
N GLU B 337 14.54 -11.39 -30.53
CA GLU B 337 13.27 -11.02 -31.09
C GLU B 337 12.91 -12.05 -32.16
N HIS B 338 11.65 -12.49 -32.15
CA HIS B 338 11.05 -13.36 -33.15
C HIS B 338 11.89 -14.63 -33.32
N GLY B 339 12.35 -15.18 -32.21
CA GLY B 339 13.05 -16.46 -32.17
C GLY B 339 12.08 -17.60 -31.95
N GLU B 340 12.64 -18.75 -31.54
CA GLU B 340 11.90 -19.94 -31.21
C GLU B 340 11.17 -19.71 -29.89
N ASN B 341 9.88 -20.02 -29.86
CA ASN B 341 9.05 -19.96 -28.68
C ASN B 341 9.29 -21.23 -27.88
N LYS B 342 9.88 -21.06 -26.69
CA LYS B 342 10.18 -22.14 -25.78
C LYS B 342 10.72 -21.51 -24.49
N VAL B 343 11.14 -22.38 -23.55
CA VAL B 343 11.87 -21.98 -22.37
C VAL B 343 13.33 -21.76 -22.75
N HIS B 344 13.78 -20.51 -22.69
CA HIS B 344 15.17 -20.18 -22.92
C HIS B 344 15.89 -20.14 -21.57
N LYS B 345 17.16 -20.57 -21.59
CA LYS B 345 18.02 -20.41 -20.45
C LYS B 345 18.75 -19.08 -20.65
N VAL B 346 18.75 -18.24 -19.62
CA VAL B 346 19.38 -16.92 -19.70
C VAL B 346 20.36 -16.79 -18.54
N GLU B 347 21.58 -16.32 -18.82
CA GLU B 347 22.61 -16.08 -17.81
C GLU B 347 23.03 -14.61 -17.90
N VAL B 348 23.11 -13.97 -16.73
CA VAL B 348 23.68 -12.62 -16.62
C VAL B 348 24.90 -12.74 -15.72
N ARG B 349 26.07 -12.28 -16.19
CA ARG B 349 27.25 -12.33 -15.40
C ARG B 349 28.06 -11.04 -15.56
N LEU B 350 28.62 -10.55 -14.45
CA LEU B 350 29.52 -9.39 -14.43
C LEU B 350 30.86 -9.77 -15.08
N THR B 351 31.33 -8.89 -15.99
CA THR B 351 32.54 -9.09 -16.82
C THR B 351 33.62 -8.07 -16.49
N GLU B 352 33.24 -6.85 -16.08
CA GLU B 352 34.18 -5.83 -15.60
C GLU B 352 33.65 -5.21 -14.30
N THR B 353 34.56 -5.01 -13.36
CA THR B 353 34.33 -4.19 -12.21
C THR B 353 35.52 -3.28 -12.03
N HIS B 354 35.31 -2.25 -11.20
CA HIS B 354 36.31 -1.30 -10.81
C HIS B 354 36.36 -1.25 -9.28
N GLU B 355 37.57 -1.21 -8.75
CA GLU B 355 37.80 -1.23 -7.33
C GLU B 355 37.02 -0.06 -6.69
N ASN B 356 36.89 1.05 -7.42
CA ASN B 356 36.28 2.31 -6.94
C ASN B 356 34.80 2.46 -7.35
N ASP B 357 34.12 1.37 -7.70
CA ASP B 357 32.73 1.42 -8.23
C ASP B 357 31.81 2.14 -7.23
N ALA B 358 30.97 3.04 -7.74
CA ALA B 358 30.15 3.92 -6.91
C ALA B 358 28.85 3.21 -6.54
N VAL B 359 28.42 2.29 -7.41
CA VAL B 359 27.21 1.47 -7.21
C VAL B 359 27.46 0.05 -7.74
N PRO B 360 26.70 -0.95 -7.25
CA PRO B 360 26.71 -2.28 -7.85
C PRO B 360 25.90 -2.29 -9.15
N PHE B 361 26.06 -3.35 -9.93
CA PHE B 361 25.20 -3.62 -11.06
C PHE B 361 23.83 -4.01 -10.51
N TYR B 362 22.76 -3.39 -11.06
CA TYR B 362 21.39 -3.70 -10.63
C TYR B 362 20.62 -4.29 -11.81
N LEU B 363 20.37 -5.60 -11.77
CA LEU B 363 19.52 -6.28 -12.75
C LEU B 363 18.08 -6.20 -12.25
N VAL B 364 17.20 -5.54 -13.02
CA VAL B 364 15.84 -5.27 -12.59
C VAL B 364 14.93 -6.43 -13.00
N SER B 365 15.00 -6.85 -14.26
CA SER B 365 14.16 -7.93 -14.75
C SER B 365 14.77 -8.57 -16.00
N VAL B 366 14.26 -9.75 -16.34
CA VAL B 366 14.34 -10.29 -17.65
C VAL B 366 12.90 -10.60 -18.08
N ILE B 367 12.53 -10.08 -19.25
CA ILE B 367 11.14 -10.06 -19.75
C ILE B 367 11.05 -11.07 -20.90
N GLY B 368 10.12 -12.02 -20.78
CA GLY B 368 9.82 -12.97 -21.84
C GLY B 368 8.47 -12.66 -22.45
N SER B 369 8.41 -12.65 -23.79
CA SER B 369 7.21 -12.27 -24.49
C SER B 369 6.91 -13.26 -25.63
N SER B 370 5.61 -13.42 -25.92
CA SER B 370 5.12 -14.09 -27.14
C SER B 370 3.73 -13.57 -27.46
N GLU B 371 3.18 -13.94 -28.63
CA GLU B 371 1.84 -13.49 -29.05
C GLU B 371 0.77 -14.15 -28.14
N LYS B 372 -0.17 -13.32 -27.67
CA LYS B 372 -1.46 -13.77 -27.16
C LYS B 372 -2.35 -14.01 -28.37
N ALA B 373 -2.73 -15.28 -28.58
CA ALA B 373 -3.54 -15.70 -29.73
C ALA B 373 -4.84 -14.90 -29.77
N HIS B 374 -5.23 -14.51 -30.98
CA HIS B 374 -6.40 -13.69 -31.25
C HIS B 374 -7.62 -14.58 -31.53
N HIS B 375 -8.78 -14.18 -30.98
CA HIS B 375 -10.06 -14.85 -31.19
C HIS B 375 -11.04 -13.92 -31.96
N HIS B 376 -11.73 -14.50 -32.97
CA HIS B 376 -12.75 -13.87 -33.85
C HIS B 376 -14.01 -13.47 -33.03
N HIS B 377 -15.15 -14.14 -33.28
CA HIS B 377 -16.46 -13.90 -32.61
C HIS B 377 -17.54 -14.76 -33.27
N TYR C 3 -4.54 12.74 -53.58
CA TYR C 3 -4.36 13.09 -52.13
C TYR C 3 -4.51 14.60 -51.90
N GLN C 4 -4.96 14.96 -50.70
CA GLN C 4 -5.49 16.27 -50.35
C GLN C 4 -4.48 17.05 -49.49
N ILE C 5 -3.37 17.47 -50.12
CA ILE C 5 -2.33 18.26 -49.44
C ILE C 5 -2.86 19.69 -49.22
N LYS C 6 -2.68 20.19 -48.01
CA LYS C 6 -3.11 21.53 -47.66
C LYS C 6 -1.94 22.46 -47.95
N TYR C 7 -1.94 22.99 -49.19
CA TYR C 7 -0.85 23.79 -49.71
C TYR C 7 -0.66 25.07 -48.90
N GLU C 8 -1.74 25.63 -48.34
CA GLU C 8 -1.65 26.90 -47.58
C GLU C 8 -0.82 26.72 -46.30
N ASN C 9 -0.61 25.48 -45.87
CA ASN C 9 0.26 25.19 -44.73
C ASN C 9 1.72 25.17 -45.15
N GLY C 10 1.99 25.24 -46.47
CA GLY C 10 3.35 25.09 -47.03
C GLY C 10 4.24 26.32 -46.84
N ILE C 11 3.64 27.49 -46.57
CA ILE C 11 4.39 28.75 -46.47
C ILE C 11 4.85 28.93 -45.03
N ALA C 12 6.09 28.48 -44.76
CA ALA C 12 6.78 28.60 -43.46
C ALA C 12 7.08 30.07 -43.15
N ASN C 13 7.32 30.85 -44.20
CA ASN C 13 7.52 32.27 -44.08
C ASN C 13 7.20 32.89 -45.43
N ARG C 14 6.39 33.95 -45.45
CA ARG C 14 6.09 34.63 -46.70
C ARG C 14 7.31 35.47 -47.07
N GLY C 15 7.84 36.22 -46.10
CA GLY C 15 9.06 37.02 -46.26
C GLY C 15 8.88 38.14 -47.28
N CYS C 16 9.99 38.79 -47.63
CA CYS C 16 9.97 39.90 -48.57
C CYS C 16 10.02 39.34 -50.00
N LEU C 17 9.04 39.76 -50.82
CA LEU C 17 8.82 39.23 -52.17
C LEU C 17 9.38 40.16 -53.25
N TYR C 18 10.14 41.18 -52.83
CA TYR C 18 10.73 42.20 -53.71
C TYR C 18 11.61 41.54 -54.79
N ARG C 19 12.65 40.79 -54.38
CA ARG C 19 13.60 40.20 -55.33
C ARG C 19 12.89 39.17 -56.22
N LEU C 20 12.05 38.36 -55.61
CA LEU C 20 11.38 37.31 -56.34
C LEU C 20 10.47 37.89 -57.44
N LYS C 21 9.77 38.99 -57.12
CA LYS C 21 8.81 39.59 -58.08
C LYS C 21 9.60 40.27 -59.20
N LYS C 22 10.75 40.84 -58.81
CA LYS C 22 11.71 41.48 -59.70
C LYS C 22 12.17 40.45 -60.76
N VAL C 23 12.56 39.27 -60.28
CA VAL C 23 12.94 38.19 -61.17
C VAL C 23 11.77 37.90 -62.13
N MET C 24 10.54 37.86 -61.60
CA MET C 24 9.38 37.44 -62.42
C MET C 24 9.07 38.50 -63.49
N ASP C 25 9.40 39.77 -63.21
CA ASP C 25 9.15 40.88 -64.11
C ASP C 25 10.12 40.83 -65.29
N ARG C 26 11.36 40.40 -65.01
CA ARG C 26 12.42 40.23 -66.02
C ARG C 26 12.02 39.07 -66.94
N ALA C 27 11.47 38.02 -66.32
CA ALA C 27 10.99 36.86 -67.05
C ALA C 27 9.81 37.27 -67.96
N LYS C 28 8.96 38.15 -67.43
CA LYS C 28 7.85 38.74 -68.17
C LYS C 28 8.40 39.42 -69.44
N ALA C 29 9.49 40.18 -69.29
CA ALA C 29 10.12 40.96 -70.36
C ALA C 29 10.93 40.07 -71.32
N GLY C 30 11.07 38.78 -70.99
CA GLY C 30 11.75 37.82 -71.83
C GLY C 30 13.26 37.85 -71.65
N GLU C 31 13.73 38.16 -70.43
CA GLU C 31 15.16 38.13 -70.10
C GLU C 31 15.68 36.69 -70.00
N ALA C 32 17.02 36.61 -70.00
CA ALA C 32 17.77 35.41 -69.68
C ALA C 32 18.04 35.38 -68.17
N LEU C 33 17.61 34.29 -67.52
CA LEU C 33 17.71 34.13 -66.07
C LEU C 33 18.34 32.76 -65.74
N ASN C 34 19.05 32.75 -64.62
CA ASN C 34 19.69 31.58 -64.06
C ASN C 34 18.90 31.14 -62.81
N ILE C 35 18.39 29.90 -62.84
CA ILE C 35 17.63 29.29 -61.75
C ILE C 35 18.55 28.28 -61.07
N ALA C 36 18.87 28.50 -59.78
CA ALA C 36 19.91 27.73 -59.10
C ALA C 36 19.35 27.04 -57.84
N PHE C 37 19.94 25.88 -57.50
CA PHE C 37 19.53 25.05 -56.34
C PHE C 37 20.77 24.57 -55.59
N LEU C 38 20.81 24.82 -54.29
CA LEU C 38 21.93 24.44 -53.46
C LEU C 38 21.38 23.61 -52.30
N GLY C 39 21.82 22.36 -52.19
CA GLY C 39 21.37 21.52 -51.10
C GLY C 39 22.06 20.16 -51.10
N GLY C 40 21.39 19.19 -50.45
CA GLY C 40 21.87 17.84 -50.34
C GLY C 40 21.32 16.93 -51.43
N SER C 41 21.28 15.64 -51.10
CA SER C 41 20.91 14.57 -52.03
C SER C 41 19.59 14.88 -52.76
N ILE C 42 18.62 15.44 -52.01
CA ILE C 42 17.27 15.64 -52.53
C ILE C 42 17.30 16.69 -53.64
N THR C 43 18.21 17.67 -53.48
CA THR C 43 18.37 18.69 -54.45
C THR C 43 19.15 18.10 -55.63
N GLN C 44 20.20 17.34 -55.33
CA GLN C 44 21.02 16.69 -56.34
C GLN C 44 20.12 15.84 -57.24
N GLY C 45 19.11 15.18 -56.67
CA GLY C 45 18.14 14.43 -57.47
C GLY C 45 17.66 13.12 -56.85
N SER C 46 18.36 12.60 -55.82
CA SER C 46 17.99 11.34 -55.12
C SER C 46 16.55 11.44 -54.58
N LEU C 47 15.73 10.38 -54.71
CA LEU C 47 15.97 9.21 -55.54
C LEU C 47 14.98 9.25 -56.73
N SER C 48 15.07 10.32 -57.53
CA SER C 48 14.32 10.40 -58.77
C SER C 48 14.91 9.38 -59.74
N SER C 49 14.06 8.86 -60.63
CA SER C 49 14.42 7.77 -61.54
C SER C 49 15.12 8.34 -62.78
N LYS C 50 14.90 9.64 -63.05
CA LYS C 50 15.44 10.36 -64.21
C LYS C 50 15.69 11.82 -63.81
N PRO C 51 16.81 12.44 -64.27
CA PRO C 51 17.16 13.80 -63.87
C PRO C 51 16.08 14.87 -64.05
N GLU C 52 15.17 14.69 -65.02
CA GLU C 52 14.09 15.66 -65.31
C GLU C 52 12.96 15.55 -64.29
N LEU C 53 13.01 14.54 -63.41
CA LEU C 53 11.91 14.22 -62.47
C LEU C 53 12.27 14.53 -61.01
N CYS C 54 13.38 15.23 -60.75
CA CYS C 54 13.70 15.70 -59.38
C CYS C 54 12.95 17.01 -59.13
N TYR C 55 12.82 17.43 -57.86
CA TYR C 55 11.98 18.59 -57.55
C TYR C 55 12.60 19.81 -58.23
N ALA C 56 13.94 19.85 -58.23
CA ALA C 56 14.70 20.96 -58.78
C ALA C 56 14.34 21.19 -60.24
N TYR C 57 14.37 20.12 -61.04
CA TYR C 57 14.06 20.27 -62.47
C TYR C 57 12.60 20.68 -62.68
N HIS C 58 11.68 20.07 -61.92
CA HIS C 58 10.25 20.41 -62.01
C HIS C 58 10.06 21.90 -61.78
N VAL C 59 10.74 22.45 -60.76
CA VAL C 59 10.68 23.88 -60.45
C VAL C 59 11.18 24.71 -61.65
N TYR C 60 12.34 24.31 -62.19
CA TYR C 60 12.93 24.90 -63.39
C TYR C 60 11.91 24.89 -64.54
N GLU C 61 11.23 23.75 -64.73
CA GLU C 61 10.22 23.63 -65.79
C GLU C 61 9.00 24.51 -65.47
N TRP C 62 8.76 24.85 -64.21
CA TRP C 62 7.72 25.78 -63.88
C TRP C 62 8.06 27.17 -64.42
N TRP C 63 9.32 27.59 -64.27
CA TRP C 63 9.77 28.90 -64.79
C TRP C 63 9.60 28.98 -66.32
N LYS C 64 10.04 27.94 -67.03
CA LYS C 64 9.96 27.87 -68.51
C LYS C 64 8.50 27.97 -68.98
N LYS C 65 7.61 27.24 -68.32
CA LYS C 65 6.22 27.09 -68.75
C LYS C 65 5.48 28.41 -68.50
N THR C 66 5.75 29.03 -67.34
CA THR C 66 5.06 30.23 -66.87
C THR C 66 5.56 31.46 -67.62
N PHE C 67 6.84 31.47 -67.97
CA PHE C 67 7.41 32.59 -68.71
C PHE C 67 8.06 32.11 -70.00
N PRO C 68 7.27 31.68 -71.03
CA PRO C 68 7.82 30.99 -72.20
C PRO C 68 8.61 31.91 -73.15
N GLN C 69 8.51 33.22 -72.93
CA GLN C 69 9.18 34.25 -73.71
C GLN C 69 10.58 34.53 -73.10
N ALA C 70 10.84 34.02 -71.89
CA ALA C 70 12.16 34.17 -71.27
C ALA C 70 13.01 32.95 -71.62
N ASP C 71 14.32 33.11 -71.40
CA ASP C 71 15.34 32.08 -71.59
C ASP C 71 15.94 31.73 -70.24
N PHE C 72 15.84 30.44 -69.85
CA PHE C 72 16.18 30.00 -68.50
C PHE C 72 17.37 29.02 -68.52
N THR C 73 18.25 29.16 -67.51
CA THR C 73 19.42 28.29 -67.31
C THR C 73 19.32 27.59 -65.95
N TYR C 74 19.58 26.28 -65.98
CA TYR C 74 19.42 25.35 -64.88
C TYR C 74 20.77 25.07 -64.21
N ILE C 75 20.92 25.48 -62.96
CA ILE C 75 22.11 25.26 -62.14
C ILE C 75 21.69 24.40 -60.94
N ASN C 76 22.06 23.11 -61.01
CA ASN C 76 21.86 22.17 -59.92
C ASN C 76 23.20 21.99 -59.20
N ALA C 77 23.36 22.75 -58.08
CA ALA C 77 24.58 22.76 -57.26
C ALA C 77 24.43 21.84 -56.04
N GLY C 78 23.54 20.85 -56.14
CA GLY C 78 23.33 19.90 -55.09
C GLY C 78 24.41 18.84 -55.05
N ILE C 79 24.74 18.41 -53.82
CA ILE C 79 25.71 17.35 -53.53
C ILE C 79 25.19 16.56 -52.32
N GLY C 80 24.91 15.26 -52.54
CA GLY C 80 24.36 14.40 -51.51
C GLY C 80 25.26 14.26 -50.28
N GLY C 81 24.61 14.21 -49.11
CA GLY C 81 25.22 13.84 -47.86
C GLY C 81 26.09 14.93 -47.30
N THR C 82 25.77 16.18 -47.65
CA THR C 82 26.52 17.35 -47.21
C THR C 82 25.54 18.40 -46.67
N THR C 83 26.08 19.39 -45.94
CA THR C 83 25.33 20.36 -45.15
C THR C 83 25.55 21.79 -45.68
N SER C 84 24.96 22.76 -44.97
CA SER C 84 25.16 24.19 -45.18
C SER C 84 26.59 24.59 -44.81
N GLN C 85 27.25 23.83 -43.93
CA GLN C 85 28.66 24.05 -43.62
C GLN C 85 29.54 23.88 -44.88
N PHE C 86 29.25 22.86 -45.69
CA PHE C 86 30.00 22.68 -46.91
C PHE C 86 29.46 23.67 -47.95
N GLY C 87 28.15 23.89 -47.89
CA GLY C 87 27.46 24.86 -48.69
C GLY C 87 28.19 26.19 -48.75
N VAL C 88 28.52 26.74 -47.59
CA VAL C 88 29.08 28.09 -47.55
C VAL C 88 30.49 28.08 -48.16
N ALA C 89 31.26 27.01 -47.89
CA ALA C 89 32.63 26.85 -48.37
C ALA C 89 32.67 26.69 -49.90
N ARG C 90 31.63 26.13 -50.51
CA ARG C 90 31.66 25.85 -51.96
C ARG C 90 30.80 26.84 -52.75
N ALA C 91 30.15 27.79 -52.07
CA ALA C 91 29.08 28.57 -52.67
C ALA C 91 29.61 29.46 -53.80
N GLU C 92 30.82 30.00 -53.57
CA GLU C 92 31.43 30.93 -54.51
C GLU C 92 31.60 30.24 -55.87
N ALA C 93 32.25 29.06 -55.84
CA ALA C 93 32.60 28.24 -57.02
C ALA C 93 31.38 27.52 -57.62
N ASP C 94 30.58 26.83 -56.78
CA ASP C 94 29.50 25.95 -57.25
C ASP C 94 28.26 26.75 -57.68
N LEU C 95 28.03 27.92 -57.06
CA LEU C 95 26.78 28.68 -57.22
C LEU C 95 27.03 30.12 -57.75
N LEU C 96 27.84 30.89 -57.03
CA LEU C 96 27.89 32.34 -57.19
C LEU C 96 28.65 32.73 -58.47
N SER C 97 29.64 31.91 -58.82
CA SER C 97 30.33 31.98 -60.12
C SER C 97 29.34 31.91 -61.28
N LYS C 98 28.24 31.16 -61.13
CA LYS C 98 27.33 30.91 -62.25
C LYS C 98 26.23 31.98 -62.34
N GLU C 99 26.33 33.00 -61.49
CA GLU C 99 25.61 34.27 -61.58
C GLU C 99 24.11 34.03 -61.45
N PRO C 100 23.64 33.49 -60.31
CA PRO C 100 22.24 33.08 -60.17
C PRO C 100 21.31 34.28 -59.91
N ASP C 101 20.09 34.21 -60.44
CA ASP C 101 19.05 35.22 -60.18
C ASP C 101 18.10 34.74 -59.07
N PHE C 102 17.87 33.42 -59.04
CA PHE C 102 16.97 32.75 -58.14
C PHE C 102 17.69 31.54 -57.55
N VAL C 103 17.79 31.50 -56.20
CA VAL C 103 18.46 30.45 -55.48
C VAL C 103 17.52 29.84 -54.43
N ILE C 104 17.24 28.54 -54.57
CA ILE C 104 16.66 27.68 -53.53
C ILE C 104 17.81 27.14 -52.67
N ILE C 105 17.65 27.26 -51.34
CA ILE C 105 18.56 26.65 -50.39
C ILE C 105 17.80 25.55 -49.64
N GLU C 106 18.40 24.36 -49.58
CA GLU C 106 17.72 23.11 -49.22
C GLU C 106 18.69 22.23 -48.42
N PHE C 107 18.76 22.46 -47.10
CA PHE C 107 19.71 21.74 -46.20
C PHE C 107 19.07 21.34 -44.86
N SER C 108 17.74 21.34 -44.78
CA SER C 108 17.00 21.21 -43.52
C SER C 108 16.81 19.75 -43.10
N VAL C 109 17.28 18.78 -43.91
CA VAL C 109 17.39 17.38 -43.51
C VAL C 109 18.83 16.86 -43.71
N ASN C 110 19.80 17.76 -43.82
CA ASN C 110 21.20 17.35 -43.79
C ASN C 110 21.85 17.91 -42.52
N ASP C 111 21.71 19.22 -42.32
CA ASP C 111 22.03 19.91 -41.07
C ASP C 111 21.22 19.30 -39.92
N ASP C 112 21.89 19.11 -38.77
CA ASP C 112 21.25 18.85 -37.47
C ASP C 112 20.54 20.12 -36.99
N SER C 113 19.66 19.97 -36.01
CA SER C 113 18.91 21.08 -35.52
C SER C 113 19.62 21.70 -34.31
N THR C 114 20.78 22.33 -34.55
CA THR C 114 21.67 22.79 -33.48
C THR C 114 22.13 24.23 -33.75
N GLU C 115 22.56 24.91 -32.68
CA GLU C 115 23.07 26.26 -32.77
C GLU C 115 24.25 26.28 -33.76
N HIS C 116 25.02 25.19 -33.78
CA HIS C 116 26.13 25.05 -34.71
C HIS C 116 25.65 25.28 -36.14
N PHE C 117 24.60 24.56 -36.56
CA PHE C 117 24.11 24.63 -37.94
C PHE C 117 23.19 25.84 -38.16
N MET C 118 22.58 26.41 -37.11
CA MET C 118 21.99 27.76 -37.28
C MET C 118 23.12 28.70 -37.73
N GLU C 119 24.31 28.56 -37.12
CA GLU C 119 25.46 29.46 -37.39
C GLU C 119 25.97 29.31 -38.83
N THR C 120 26.16 28.06 -39.31
CA THR C 120 26.70 27.82 -40.67
C THR C 120 25.71 28.27 -41.73
N TYR C 121 24.43 27.89 -41.56
CA TYR C 121 23.33 28.32 -42.42
C TYR C 121 23.26 29.85 -42.53
N GLU C 122 23.36 30.54 -41.38
CA GLU C 122 23.41 32.02 -41.38
C GLU C 122 24.53 32.46 -42.32
N GLY C 123 25.72 31.90 -42.09
CA GLY C 123 26.88 32.15 -42.96
C GLY C 123 26.48 32.11 -44.42
N LEU C 124 25.92 30.97 -44.82
CA LEU C 124 25.57 30.64 -46.21
C LEU C 124 24.52 31.60 -46.77
N VAL C 125 23.48 31.86 -45.99
CA VAL C 125 22.41 32.81 -46.40
C VAL C 125 22.97 34.24 -46.55
N ARG C 126 23.74 34.71 -45.55
CA ARG C 126 24.39 36.01 -45.62
C ARG C 126 25.18 36.18 -46.92
N LYS C 127 26.01 35.19 -47.26
CA LYS C 127 26.88 35.22 -48.44
C LYS C 127 26.05 35.17 -49.73
N VAL C 128 25.02 34.32 -49.76
CA VAL C 128 24.27 34.18 -51.01
C VAL C 128 23.46 35.46 -51.23
N TYR C 129 22.81 35.92 -50.15
CA TYR C 129 21.87 37.04 -50.25
C TYR C 129 22.60 38.32 -50.69
N THR C 130 23.84 38.53 -50.21
CA THR C 130 24.59 39.76 -50.47
C THR C 130 25.57 39.62 -51.65
N SER C 131 25.58 38.47 -52.34
CA SER C 131 26.44 38.30 -53.52
C SER C 131 26.05 39.30 -54.63
N LYS C 132 26.92 39.43 -55.64
CA LYS C 132 26.86 40.51 -56.64
C LYS C 132 25.51 40.52 -57.40
N THR C 133 24.97 39.35 -57.76
CA THR C 133 23.74 39.34 -58.57
C THR C 133 22.49 39.62 -57.70
N LYS C 134 22.66 39.73 -56.37
CA LYS C 134 21.56 40.05 -55.43
C LYS C 134 20.34 39.15 -55.70
N PRO C 135 20.51 37.81 -55.62
CA PRO C 135 19.47 36.88 -56.08
C PRO C 135 18.28 36.76 -55.13
N ALA C 136 17.07 36.62 -55.69
CA ALA C 136 15.92 36.18 -54.93
C ALA C 136 16.24 34.81 -54.33
N VAL C 137 16.03 34.69 -53.02
CA VAL C 137 16.38 33.48 -52.27
C VAL C 137 15.10 32.92 -51.65
N LEU C 138 14.87 31.61 -51.85
CA LEU C 138 13.77 30.83 -51.27
C LEU C 138 14.37 29.64 -50.53
N LEU C 139 14.02 29.48 -49.26
CA LEU C 139 14.42 28.36 -48.44
C LEU C 139 13.39 27.23 -48.58
N VAL C 140 13.90 26.00 -48.63
CA VAL C 140 13.09 24.83 -48.76
C VAL C 140 13.48 23.85 -47.66
N HIS C 141 12.48 23.53 -46.83
CA HIS C 141 12.65 22.69 -45.68
C HIS C 141 12.02 21.33 -46.00
N ASN C 142 12.85 20.35 -46.37
CA ASN C 142 12.38 18.96 -46.50
C ASN C 142 12.17 18.41 -45.09
N VAL C 143 11.77 17.12 -45.01
CA VAL C 143 11.44 16.53 -43.75
C VAL C 143 11.74 15.02 -43.79
N PHE C 144 12.12 14.49 -42.62
CA PHE C 144 12.20 13.07 -42.38
C PHE C 144 10.78 12.53 -42.21
N TYR C 145 10.43 11.49 -42.98
CA TYR C 145 9.06 10.94 -42.98
C TYR C 145 8.91 9.77 -41.98
N ASN C 146 10.00 9.33 -41.36
CA ASN C 146 9.91 8.29 -40.29
C ASN C 146 9.42 8.92 -38.98
N ASN C 147 9.79 10.18 -38.68
CA ASN C 147 9.39 10.79 -37.39
C ASN C 147 8.95 12.26 -37.49
N GLY C 148 8.90 12.83 -38.70
CA GLY C 148 8.51 14.24 -38.89
C GLY C 148 9.56 15.29 -38.51
N ALA C 149 10.84 14.89 -38.37
CA ALA C 149 11.92 15.82 -37.95
C ALA C 149 12.52 16.56 -39.14
N ASN C 150 12.98 17.79 -38.85
CA ASN C 150 13.94 18.50 -39.68
C ASN C 150 14.64 19.55 -38.78
N ALA C 151 15.49 20.39 -39.40
CA ALA C 151 16.23 21.44 -38.71
C ALA C 151 15.58 22.80 -38.97
N GLN C 152 14.29 22.78 -39.31
CA GLN C 152 13.51 23.98 -39.64
C GLN C 152 13.41 24.92 -38.43
N LEU C 153 13.60 24.42 -37.20
CA LEU C 153 13.56 25.33 -36.05
C LEU C 153 14.74 26.31 -36.13
N MET C 154 15.91 25.80 -36.55
CA MET C 154 17.12 26.59 -36.70
C MET C 154 17.04 27.40 -38.00
N HIS C 155 16.67 26.76 -39.12
CA HIS C 155 16.63 27.46 -40.43
C HIS C 155 15.54 28.54 -40.50
N GLY C 156 14.42 28.33 -39.81
CA GLY C 156 13.30 29.28 -39.76
C GLY C 156 13.64 30.55 -39.01
N ARG C 157 14.43 30.42 -37.94
CA ARG C 157 14.95 31.59 -37.19
C ARG C 157 15.73 32.50 -38.16
N ILE C 158 16.49 31.89 -39.07
CA ILE C 158 17.26 32.61 -40.08
C ILE C 158 16.29 33.23 -41.12
N ALA C 159 15.35 32.42 -41.63
CA ALA C 159 14.35 32.89 -42.58
C ALA C 159 13.69 34.19 -42.08
N ARG C 160 13.34 34.22 -40.79
CA ARG C 160 12.59 35.34 -40.22
C ARG C 160 13.51 36.54 -39.99
N HIS C 161 14.77 36.28 -39.61
CA HIS C 161 15.76 37.32 -39.36
C HIS C 161 16.00 38.13 -40.63
N TYR C 162 16.08 37.43 -41.78
CA TYR C 162 16.39 38.04 -43.09
C TYR C 162 15.12 38.14 -43.95
N ASN C 163 13.96 37.86 -43.37
CA ASN C 163 12.70 38.13 -44.01
C ASN C 163 12.66 37.41 -45.36
N LEU C 164 13.19 36.18 -45.39
CA LEU C 164 13.27 35.37 -46.62
C LEU C 164 12.04 34.48 -46.74
N PRO C 165 11.44 34.35 -47.94
CA PRO C 165 10.37 33.37 -48.14
C PRO C 165 10.93 31.96 -47.92
N ALA C 166 10.14 31.09 -47.27
CA ALA C 166 10.52 29.70 -47.06
C ALA C 166 9.27 28.81 -47.10
N VAL C 167 9.37 27.66 -47.77
CA VAL C 167 8.31 26.65 -47.81
C VAL C 167 8.84 25.37 -47.16
N SER C 168 7.91 24.55 -46.65
CA SER C 168 8.16 23.40 -45.77
C SER C 168 7.33 22.20 -46.23
N MET C 169 7.97 21.03 -46.31
CA MET C 169 7.28 19.75 -46.44
C MET C 169 6.88 19.20 -45.06
N GLN C 170 7.42 19.79 -43.97
CA GLN C 170 7.09 19.32 -42.61
C GLN C 170 5.61 19.65 -42.29
N SER C 171 5.07 20.73 -42.87
CA SER C 171 3.70 21.21 -42.56
C SER C 171 2.71 20.90 -43.69
N THR C 172 3.15 20.17 -44.73
CA THR C 172 2.33 19.92 -45.95
C THR C 172 2.25 18.40 -46.16
N ILE C 173 3.40 17.77 -46.42
CA ILE C 173 3.43 16.36 -46.85
C ILE C 173 3.38 15.44 -45.63
N TYR C 174 4.25 15.69 -44.65
CA TYR C 174 4.37 14.82 -43.45
C TYR C 174 3.01 14.63 -42.79
N PRO C 175 2.18 15.71 -42.60
CA PRO C 175 0.84 15.60 -42.04
C PRO C 175 -0.07 14.62 -42.79
N GLU C 176 0.14 14.45 -44.09
CA GLU C 176 -0.64 13.50 -44.87
C GLU C 176 -0.16 12.09 -44.54
N VAL C 177 1.16 11.92 -44.36
CA VAL C 177 1.77 10.61 -44.06
C VAL C 177 1.42 10.17 -42.63
N VAL C 178 1.54 11.08 -41.65
CA VAL C 178 1.29 10.72 -40.24
C VAL C 178 -0.21 10.40 -40.02
N ALA C 179 -1.10 11.04 -40.79
CA ALA C 179 -2.51 10.71 -40.78
C ALA C 179 -2.82 9.44 -41.60
N GLY C 180 -1.84 8.86 -42.27
CA GLY C 180 -2.08 7.63 -43.02
C GLY C 180 -2.88 7.83 -44.30
N ARG C 181 -2.98 9.08 -44.80
CA ARG C 181 -3.64 9.38 -46.10
C ARG C 181 -2.66 9.25 -47.27
N ILE C 182 -1.35 9.25 -47.00
CA ILE C 182 -0.34 8.89 -47.98
C ILE C 182 0.59 7.87 -47.31
N GLU C 183 0.74 6.69 -47.93
CA GLU C 183 1.61 5.66 -47.36
C GLU C 183 3.07 6.04 -47.67
N ASN C 184 3.95 5.86 -46.68
CA ASN C 184 5.35 6.23 -46.78
C ASN C 184 5.91 5.82 -48.15
N ARG C 185 5.72 4.55 -48.54
CA ARG C 185 6.48 3.93 -49.64
C ARG C 185 5.94 4.38 -51.02
N GLU C 186 4.77 5.02 -51.04
CA GLU C 186 4.27 5.70 -52.26
C GLU C 186 5.22 6.83 -52.69
N ILE C 187 5.79 7.57 -51.72
CA ILE C 187 6.52 8.83 -51.98
C ILE C 187 8.01 8.74 -51.60
N THR C 188 8.44 7.74 -50.83
CA THR C 188 9.86 7.60 -50.41
C THR C 188 10.15 6.18 -49.99
N PRO C 189 11.22 5.55 -50.52
CA PRO C 189 11.55 4.18 -50.15
C PRO C 189 12.32 4.04 -48.83
N ASP C 190 12.95 5.13 -48.35
CA ASP C 190 13.85 5.10 -47.16
C ASP C 190 13.47 6.19 -46.15
N ASP C 191 12.33 6.88 -46.34
CA ASP C 191 11.74 7.85 -45.37
C ASP C 191 12.53 9.17 -45.35
N LEU C 192 13.34 9.39 -46.38
CA LEU C 192 14.19 10.58 -46.51
C LEU C 192 14.18 11.11 -47.97
N HIS C 193 14.59 10.28 -48.93
CA HIS C 193 14.69 10.67 -50.32
C HIS C 193 13.37 10.40 -51.04
N PRO C 194 12.74 11.42 -51.66
CA PRO C 194 11.54 11.19 -52.44
C PRO C 194 11.82 10.34 -53.70
N ASN C 195 10.81 9.61 -54.14
CA ASN C 195 10.81 8.94 -55.43
C ASN C 195 10.20 9.93 -56.44
N ASP C 196 9.86 9.45 -57.65
CA ASP C 196 9.38 10.36 -58.70
C ASP C 196 8.14 11.11 -58.20
N ALA C 197 7.21 10.38 -57.57
CA ALA C 197 5.98 10.98 -57.05
C ALA C 197 6.30 11.95 -55.91
N GLY C 198 7.28 11.59 -55.08
CA GLY C 198 7.73 12.46 -54.02
C GLY C 198 8.26 13.80 -54.53
N HIS C 199 9.13 13.70 -55.53
CA HIS C 199 9.75 14.87 -56.08
C HIS C 199 8.69 15.82 -56.68
N ALA C 200 7.68 15.26 -57.36
CA ALA C 200 6.60 16.10 -57.94
C ALA C 200 5.79 16.76 -56.82
N LEU C 201 5.60 16.01 -55.72
CA LEU C 201 4.86 16.52 -54.56
C LEU C 201 5.68 17.66 -53.95
N VAL C 202 6.96 17.40 -53.67
CA VAL C 202 7.82 18.44 -53.14
C VAL C 202 7.73 19.66 -54.06
N ALA C 203 7.85 19.45 -55.36
CA ALA C 203 7.84 20.56 -56.33
C ALA C 203 6.47 21.27 -56.33
N SER C 204 5.38 20.51 -56.12
CA SER C 204 4.05 21.14 -56.14
C SER C 204 3.92 22.12 -54.97
N VAL C 205 4.51 21.76 -53.83
CA VAL C 205 4.49 22.64 -52.66
C VAL C 205 5.18 23.96 -53.08
N ILE C 206 6.32 23.86 -53.74
CA ILE C 206 7.12 25.04 -54.13
C ILE C 206 6.40 25.88 -55.18
N THR C 207 5.89 25.24 -56.25
CA THR C 207 5.26 25.94 -57.41
C THR C 207 3.93 26.59 -56.98
N TYR C 208 3.30 26.05 -55.94
CA TYR C 208 2.08 26.66 -55.38
C TYR C 208 2.43 28.02 -54.81
N PHE C 209 3.56 28.07 -54.09
CA PHE C 209 4.01 29.31 -53.57
C PHE C 209 4.36 30.24 -54.73
N LEU C 210 5.13 29.77 -55.72
CA LEU C 210 5.57 30.69 -56.80
C LEU C 210 4.34 31.21 -57.57
N ASP C 211 3.39 30.32 -57.86
CA ASP C 211 2.12 30.68 -58.52
C ASP C 211 1.47 31.83 -57.74
N LYS C 212 1.46 31.70 -56.42
CA LYS C 212 0.78 32.63 -55.55
C LYS C 212 1.47 34.00 -55.59
N VAL C 213 2.79 34.02 -55.61
CA VAL C 213 3.57 35.26 -55.70
C VAL C 213 3.26 35.98 -57.01
N LYS C 214 3.07 35.19 -58.09
CA LYS C 214 2.83 35.71 -59.42
C LYS C 214 1.50 36.47 -59.45
N THR C 215 0.40 35.86 -58.97
CA THR C 215 -0.96 36.42 -59.13
C THR C 215 -1.22 37.58 -58.15
N GLU C 216 -0.43 37.70 -57.08
CA GLU C 216 -0.59 38.79 -56.11
C GLU C 216 -0.26 40.13 -56.79
N GLU C 223 12.31 46.66 -49.79
CA GLU C 223 13.21 45.64 -49.23
C GLU C 223 13.74 46.11 -47.88
N PRO C 224 13.74 45.23 -46.83
CA PRO C 224 14.21 45.61 -45.50
C PRO C 224 15.72 45.80 -45.33
N ASP C 225 16.10 46.65 -44.37
CA ASP C 225 17.49 46.90 -44.00
C ASP C 225 18.15 45.56 -43.69
N TYR C 226 19.32 45.32 -44.28
CA TYR C 226 20.11 44.13 -44.02
C TYR C 226 20.58 44.17 -42.56
N PRO C 227 20.12 43.23 -41.71
CA PRO C 227 20.42 43.31 -40.28
C PRO C 227 21.78 42.73 -39.87
N ALA C 228 22.21 43.06 -38.65
CA ALA C 228 23.37 42.44 -37.99
C ALA C 228 23.09 40.95 -37.84
N PRO C 229 24.13 40.09 -37.85
CA PRO C 229 23.92 38.64 -37.76
C PRO C 229 23.27 38.28 -36.41
N LEU C 230 22.56 37.15 -36.40
CA LEU C 230 21.83 36.66 -35.25
C LEU C 230 22.75 35.83 -34.36
N THR C 231 23.61 35.01 -34.99
CA THR C 231 24.61 34.16 -34.32
C THR C 231 25.97 34.88 -34.33
N LYS C 232 27.01 34.20 -33.80
CA LYS C 232 28.38 34.69 -33.88
C LYS C 232 28.86 34.81 -35.33
N ASN C 233 28.29 34.01 -36.23
CA ASN C 233 28.42 34.14 -37.71
C ASN C 233 29.86 33.89 -38.19
N THR C 234 30.57 32.97 -37.53
CA THR C 234 32.02 32.78 -37.75
C THR C 234 32.29 31.84 -38.92
N TYR C 235 31.37 31.77 -39.90
CA TYR C 235 31.58 30.87 -41.04
C TYR C 235 31.28 31.54 -42.36
N GLU C 236 30.86 32.80 -42.35
CA GLU C 236 30.46 33.45 -43.58
C GLU C 236 31.66 33.50 -44.54
N LYS C 237 32.85 33.74 -43.99
CA LYS C 237 34.10 33.52 -44.72
C LYS C 237 34.55 32.08 -44.45
N SER C 238 34.53 31.27 -45.52
CA SER C 238 34.87 29.85 -45.46
C SER C 238 35.65 29.49 -46.71
N ILE C 239 36.92 29.11 -46.52
CA ILE C 239 37.87 28.85 -47.59
C ILE C 239 38.33 27.38 -47.48
N ARG C 240 38.02 26.64 -48.55
CA ARG C 240 38.58 25.32 -48.78
C ARG C 240 40.05 25.48 -49.14
N HIS C 241 40.92 24.68 -48.51
CA HIS C 241 42.28 24.51 -49.00
C HIS C 241 42.40 23.07 -49.52
N GLN C 242 42.67 22.93 -50.82
CA GLN C 242 42.76 21.63 -51.53
C GLN C 242 44.18 21.49 -52.11
N ASN C 243 44.36 20.67 -53.16
CA ASN C 243 45.69 20.16 -53.57
C ASN C 243 46.45 21.20 -54.42
N SER C 244 45.78 22.25 -54.89
CA SER C 244 46.46 23.35 -55.56
C SER C 244 46.51 24.57 -54.63
N ASP C 245 47.31 24.46 -53.57
CA ASP C 245 47.51 25.55 -52.62
C ASP C 245 48.88 25.42 -51.93
N GLU C 246 49.52 26.58 -51.73
CA GLU C 246 50.79 26.76 -51.03
C GLU C 246 50.72 26.16 -49.62
N ASN C 247 51.85 26.19 -48.90
CA ASN C 247 51.97 25.84 -47.46
C ASN C 247 51.60 24.36 -47.24
N VAL C 248 51.61 23.56 -48.31
CA VAL C 248 51.20 22.17 -48.28
C VAL C 248 52.47 21.31 -48.37
N VAL C 249 52.85 20.71 -47.23
CA VAL C 249 54.00 19.81 -47.12
C VAL C 249 53.48 18.37 -46.94
N CYS C 250 53.70 17.53 -47.95
CA CYS C 250 53.32 16.12 -47.90
C CYS C 250 54.49 15.28 -47.38
N HIS C 251 54.18 14.36 -46.45
CA HIS C 251 55.15 13.47 -45.83
C HIS C 251 54.58 12.04 -45.81
N GLY C 252 54.21 11.53 -46.99
CA GLY C 252 53.57 10.20 -47.14
C GLY C 252 52.21 10.28 -47.85
N PHE C 253 51.57 11.45 -47.76
CA PHE C 253 50.40 11.79 -48.57
C PHE C 253 50.85 12.15 -49.99
N VAL C 254 49.91 12.09 -50.94
CA VAL C 254 50.17 12.45 -52.34
C VAL C 254 48.87 12.97 -52.98
N ALA C 255 49.04 13.99 -53.84
CA ALA C 255 47.93 14.69 -54.45
C ALA C 255 47.25 13.83 -55.52
N ASP C 256 45.91 13.83 -55.50
CA ASP C 256 45.09 13.38 -56.64
C ASP C 256 45.08 14.49 -57.70
N THR C 257 45.36 14.13 -58.95
CA THR C 257 45.48 15.07 -60.05
C THR C 257 44.51 14.71 -61.19
N SER C 258 43.60 13.76 -60.93
CA SER C 258 42.65 13.33 -61.97
C SER C 258 41.55 14.38 -62.11
N ALA C 259 40.93 14.41 -63.30
CA ALA C 259 39.89 15.39 -63.62
C ALA C 259 38.63 15.08 -62.81
N GLN C 260 37.83 16.13 -62.59
CA GLN C 260 36.56 16.05 -61.86
C GLN C 260 35.40 16.11 -62.85
N ARG C 261 34.63 15.02 -62.95
CA ARG C 261 33.47 14.91 -63.83
C ARG C 261 32.58 16.13 -63.61
N ASP C 262 32.21 16.35 -62.34
CA ASP C 262 31.34 17.43 -61.86
C ASP C 262 31.41 17.44 -60.33
N ILE C 263 30.71 18.38 -59.70
CA ILE C 263 30.82 18.66 -58.26
C ILE C 263 30.40 17.44 -57.43
N THR C 264 29.64 16.51 -58.02
CA THR C 264 29.16 15.31 -57.32
C THR C 264 30.26 14.23 -57.32
N ASP C 265 31.15 14.30 -58.30
CA ASP C 265 32.39 13.56 -58.32
C ASP C 265 33.34 14.18 -57.30
N CYS C 266 33.06 13.91 -56.02
CA CYS C 266 33.43 14.80 -54.95
C CYS C 266 34.73 14.39 -54.25
N PHE C 267 35.30 13.24 -54.62
CA PHE C 267 36.60 12.82 -54.14
C PHE C 267 37.64 13.12 -55.24
N LYS C 268 37.87 14.42 -55.44
CA LYS C 268 38.86 14.96 -56.36
C LYS C 268 39.45 16.24 -55.74
N HIS C 269 40.56 16.69 -56.33
CA HIS C 269 41.32 17.87 -55.92
C HIS C 269 41.96 17.69 -54.52
N GLY C 270 42.03 16.46 -54.00
CA GLY C 270 42.49 16.22 -52.62
C GLY C 270 43.86 15.54 -52.55
N TRP C 271 44.05 14.73 -51.49
CA TRP C 271 45.31 13.99 -51.25
C TRP C 271 44.99 12.56 -50.77
N THR C 272 45.78 11.59 -51.27
CA THR C 272 45.65 10.15 -50.94
C THR C 272 46.86 9.67 -50.11
N ALA C 273 46.64 8.62 -49.30
CA ALA C 273 47.66 8.00 -48.44
C ALA C 273 47.19 6.64 -47.94
N SER C 274 48.08 5.63 -47.96
CA SER C 274 47.74 4.22 -47.63
C SER C 274 48.55 3.67 -46.44
N LYS C 275 49.71 4.26 -46.12
CA LYS C 275 50.69 3.65 -45.18
C LYS C 275 50.79 4.47 -43.88
N LYS C 276 50.96 3.75 -42.77
CA LYS C 276 51.00 4.36 -41.44
C LYS C 276 52.16 5.35 -41.37
N GLY C 277 51.95 6.45 -40.63
CA GLY C 277 52.95 7.50 -40.48
C GLY C 277 52.89 8.55 -41.58
N ASP C 278 52.33 8.18 -42.75
CA ASP C 278 52.08 9.13 -43.82
C ASP C 278 51.33 10.32 -43.23
N SER C 279 51.77 11.54 -43.55
CA SER C 279 51.16 12.75 -43.02
C SER C 279 51.24 13.91 -44.03
N ILE C 280 50.55 15.01 -43.68
CA ILE C 280 50.48 16.26 -44.44
C ILE C 280 50.24 17.39 -43.43
N THR C 281 50.73 18.58 -43.78
CA THR C 281 50.58 19.74 -42.94
C THR C 281 50.10 20.91 -43.79
N LEU C 282 49.24 21.73 -43.18
CA LEU C 282 48.63 22.88 -43.82
C LEU C 282 48.65 24.06 -42.86
N ASP C 283 48.94 25.24 -43.42
CA ASP C 283 48.69 26.51 -42.79
C ASP C 283 47.35 27.05 -43.33
N VAL C 284 46.42 27.24 -42.40
CA VAL C 284 45.04 27.55 -42.72
C VAL C 284 44.51 28.59 -41.73
N GLU C 285 43.93 29.65 -42.29
CA GLU C 285 43.59 30.87 -41.58
C GLU C 285 42.12 30.84 -41.14
N GLY C 286 41.85 31.40 -39.95
CA GLY C 286 40.50 31.68 -39.45
C GLY C 286 40.36 31.30 -38.00
N CYS C 287 39.20 31.57 -37.40
CA CYS C 287 38.92 31.18 -36.00
C CYS C 287 38.41 29.73 -35.95
N ASN C 288 37.93 29.23 -37.10
CA ASN C 288 37.34 27.90 -37.22
C ASN C 288 38.12 27.09 -38.26
N ILE C 289 38.30 25.80 -37.93
CA ILE C 289 38.99 24.77 -38.73
C ILE C 289 38.13 23.51 -38.77
N SER C 290 37.89 23.01 -39.98
CA SER C 290 37.20 21.74 -40.17
C SER C 290 37.82 21.02 -41.37
N VAL C 291 37.55 19.71 -41.48
CA VAL C 291 38.25 18.82 -42.39
C VAL C 291 37.23 17.95 -43.17
N GLN C 292 37.45 17.83 -44.48
CA GLN C 292 36.66 17.02 -45.39
C GLN C 292 37.47 15.78 -45.78
N TYR C 293 36.90 14.58 -45.55
CA TYR C 293 37.56 13.33 -45.88
C TYR C 293 36.51 12.26 -46.24
N ARG C 294 36.97 11.19 -46.90
CA ARG C 294 36.14 10.07 -47.28
C ARG C 294 35.92 9.16 -46.07
N LYS C 295 34.67 8.72 -45.90
CA LYS C 295 34.29 7.54 -45.11
C LYS C 295 33.78 6.46 -46.06
N SER C 296 34.52 5.35 -46.15
CA SER C 296 34.29 4.33 -47.17
C SER C 296 33.32 3.25 -46.67
N VAL C 297 32.37 2.89 -47.55
CA VAL C 297 31.55 1.69 -47.37
C VAL C 297 32.39 0.44 -47.63
N LYS C 298 33.44 0.57 -48.46
CA LYS C 298 34.40 -0.50 -48.78
C LYS C 298 35.42 -0.65 -47.63
N LEU C 299 35.29 -1.75 -46.87
CA LEU C 299 36.03 -2.01 -45.64
C LEU C 299 37.15 -3.02 -45.90
N PRO C 300 38.22 -2.97 -45.09
CA PRO C 300 38.45 -1.96 -44.09
C PRO C 300 39.20 -0.78 -44.72
N ALA C 301 39.41 0.27 -43.92
CA ALA C 301 39.93 1.53 -44.40
C ALA C 301 40.87 2.14 -43.37
N PRO C 302 41.86 2.96 -43.81
CA PRO C 302 42.72 3.67 -42.88
C PRO C 302 41.98 4.50 -41.82
N VAL C 303 42.72 4.89 -40.79
CA VAL C 303 42.32 5.89 -39.84
C VAL C 303 43.42 6.95 -39.84
N ALA C 304 43.01 8.21 -39.84
CA ALA C 304 43.93 9.32 -39.61
C ALA C 304 43.63 9.93 -38.25
N GLU C 305 44.40 10.95 -37.88
CA GLU C 305 44.07 11.81 -36.75
C GLU C 305 44.52 13.23 -37.14
N ILE C 306 43.80 14.23 -36.63
CA ILE C 306 44.04 15.61 -37.01
C ILE C 306 44.35 16.41 -35.73
N ILE C 307 45.45 17.17 -35.84
CA ILE C 307 46.10 17.87 -34.73
C ILE C 307 46.27 19.34 -35.12
N VAL C 308 45.72 20.23 -34.26
CA VAL C 308 45.66 21.67 -34.50
C VAL C 308 46.62 22.36 -33.54
N ASP C 309 47.65 23.01 -34.11
CA ASP C 309 48.71 23.72 -33.38
C ASP C 309 49.35 22.79 -32.36
N GLY C 310 49.96 21.70 -32.87
CA GLY C 310 50.69 20.69 -32.10
C GLY C 310 50.08 20.43 -30.73
N ASP C 311 48.77 20.13 -30.73
CA ASP C 311 47.98 19.93 -29.51
C ASP C 311 47.46 18.48 -29.47
N ALA C 312 48.34 17.52 -29.78
CA ALA C 312 47.93 16.13 -30.09
C ALA C 312 47.27 15.46 -28.88
N GLU C 313 47.24 16.14 -27.73
CA GLU C 313 46.47 15.67 -26.57
C GLU C 313 44.97 15.83 -26.84
N HIS C 314 44.60 16.91 -27.57
CA HIS C 314 43.19 17.22 -27.90
C HIS C 314 42.91 16.97 -29.40
N ALA C 315 43.57 15.97 -29.99
CA ALA C 315 43.39 15.64 -31.41
C ALA C 315 42.09 14.87 -31.60
N VAL C 316 41.72 14.61 -32.86
CA VAL C 316 40.46 13.94 -33.21
C VAL C 316 40.75 12.82 -34.22
N ARG C 317 40.23 11.62 -33.91
CA ARG C 317 40.32 10.43 -34.74
C ARG C 317 39.42 10.65 -35.97
N LEU C 318 40.02 10.52 -37.16
CA LEU C 318 39.32 10.62 -38.46
C LEU C 318 39.14 9.23 -39.08
N ASP C 319 38.22 8.43 -38.52
CA ASP C 319 38.02 7.01 -38.86
C ASP C 319 37.22 6.89 -40.18
N ALA C 320 37.92 6.49 -41.25
CA ALA C 320 37.35 6.42 -42.62
C ALA C 320 36.57 5.12 -42.83
N ASN C 321 36.50 4.27 -41.81
CA ASN C 321 35.61 3.10 -41.80
C ASN C 321 34.19 3.58 -41.49
N PHE C 322 33.32 3.55 -42.52
CA PHE C 322 31.96 4.03 -42.37
C PHE C 322 31.12 2.98 -41.66
N ASP C 323 30.32 3.42 -40.69
CA ASP C 323 29.46 2.55 -39.90
C ASP C 323 28.02 2.55 -40.48
N GLU C 324 27.84 3.10 -41.69
CA GLU C 324 26.59 3.01 -42.48
C GLU C 324 26.92 2.39 -43.83
N THR C 325 25.90 1.99 -44.60
CA THR C 325 26.10 1.11 -45.75
C THR C 325 25.58 1.72 -47.08
N TRP C 326 25.06 2.97 -47.07
CA TRP C 326 24.37 3.53 -48.27
C TRP C 326 25.36 3.85 -49.40
N GLY C 327 26.53 4.39 -49.04
CA GLY C 327 27.60 4.76 -49.99
C GLY C 327 28.71 5.52 -49.30
N ASP C 328 29.73 5.92 -50.08
CA ASP C 328 30.84 6.71 -49.55
C ASP C 328 30.33 8.09 -49.13
N LYS C 329 30.62 8.46 -47.88
CA LYS C 329 30.23 9.73 -47.34
C LYS C 329 31.40 10.70 -47.45
N LEU C 330 31.12 11.91 -47.95
CA LEU C 330 32.06 13.03 -47.92
C LEU C 330 31.92 13.77 -46.58
N GLU C 331 32.52 13.19 -45.52
CA GLU C 331 32.35 13.70 -44.16
C GLU C 331 32.99 15.07 -43.98
N LEU C 332 32.44 15.87 -43.06
CA LEU C 332 33.02 17.15 -42.64
C LEU C 332 32.93 17.24 -41.11
N ASP C 333 34.08 17.13 -40.45
CA ASP C 333 34.20 17.21 -39.01
C ASP C 333 34.73 18.60 -38.64
N THR C 334 34.02 19.26 -37.71
CA THR C 334 34.40 20.54 -37.11
C THR C 334 35.51 20.24 -36.09
N ILE C 335 36.70 20.82 -36.27
CA ILE C 335 37.86 20.50 -35.39
C ILE C 335 38.03 21.59 -34.33
N LEU C 336 38.22 22.84 -34.76
CA LEU C 336 38.30 23.99 -33.85
C LEU C 336 37.22 25.02 -34.20
N GLU C 337 36.34 25.31 -33.22
CA GLU C 337 35.26 26.27 -33.37
C GLU C 337 35.39 27.38 -32.31
N HIS C 338 35.20 28.63 -32.76
CA HIS C 338 35.29 29.81 -31.90
C HIS C 338 36.65 29.79 -31.19
N GLY C 339 37.69 29.45 -31.96
CA GLY C 339 39.05 29.42 -31.46
C GLY C 339 39.75 30.73 -31.75
N GLU C 340 41.01 30.81 -31.30
CA GLU C 340 41.89 31.95 -31.51
C GLU C 340 42.07 32.17 -33.02
N ASN C 341 41.63 33.34 -33.52
CA ASN C 341 41.78 33.72 -34.93
C ASN C 341 43.27 33.97 -35.20
N LYS C 342 43.88 33.07 -35.99
CA LYS C 342 45.28 33.11 -36.45
C LYS C 342 45.51 32.00 -37.48
N VAL C 343 46.62 32.08 -38.22
CA VAL C 343 47.02 31.06 -39.18
C VAL C 343 47.39 29.80 -38.39
N HIS C 344 46.53 28.78 -38.43
CA HIS C 344 46.70 27.57 -37.63
C HIS C 344 47.66 26.59 -38.33
N LYS C 345 48.15 25.62 -37.56
CA LYS C 345 49.01 24.54 -38.05
C LYS C 345 48.22 23.22 -38.02
N VAL C 346 47.96 22.66 -39.20
CA VAL C 346 47.09 21.49 -39.34
C VAL C 346 47.94 20.31 -39.83
N GLU C 347 47.84 19.18 -39.13
CA GLU C 347 48.52 17.96 -39.53
C GLU C 347 47.55 16.77 -39.47
N VAL C 348 47.39 16.13 -40.63
CA VAL C 348 46.70 14.85 -40.77
C VAL C 348 47.79 13.76 -40.89
N ARG C 349 47.70 12.71 -40.03
CA ARG C 349 48.64 11.58 -40.06
C ARG C 349 47.89 10.28 -39.76
N LEU C 350 48.27 9.20 -40.46
CA LEU C 350 47.60 7.91 -40.32
C LEU C 350 48.07 7.23 -39.01
N THR C 351 47.12 6.60 -38.31
CA THR C 351 47.34 5.99 -37.00
C THR C 351 47.11 4.47 -37.07
N GLU C 352 46.09 4.04 -37.83
CA GLU C 352 45.75 2.63 -38.01
C GLU C 352 45.61 2.30 -39.51
N THR C 353 46.61 1.60 -40.07
CA THR C 353 46.50 0.99 -41.40
C THR C 353 46.25 -0.51 -41.27
N HIS C 354 45.85 -1.12 -42.39
CA HIS C 354 45.64 -2.57 -42.52
C HIS C 354 46.38 -3.03 -43.78
N GLU C 355 46.64 -4.34 -43.87
CA GLU C 355 47.24 -4.93 -45.08
C GLU C 355 46.21 -4.87 -46.21
N ASN C 356 44.96 -5.22 -45.88
CA ASN C 356 43.90 -5.41 -46.85
C ASN C 356 43.05 -4.15 -47.00
N ASP C 357 43.57 -2.99 -46.57
CA ASP C 357 42.94 -1.70 -46.83
C ASP C 357 42.41 -1.68 -48.27
N ALA C 358 41.09 -1.60 -48.43
CA ALA C 358 40.46 -1.68 -49.75
C ALA C 358 40.83 -0.45 -50.59
N VAL C 359 40.85 0.72 -49.96
CA VAL C 359 41.17 1.99 -50.63
C VAL C 359 42.08 2.81 -49.73
N PRO C 360 42.78 3.82 -50.29
CA PRO C 360 43.53 4.76 -49.47
C PRO C 360 42.58 5.69 -48.71
N PHE C 361 43.13 6.36 -47.70
CA PHE C 361 42.47 7.47 -47.06
C PHE C 361 42.46 8.64 -48.04
N TYR C 362 41.28 9.25 -48.26
CA TYR C 362 41.15 10.42 -49.15
C TYR C 362 40.84 11.66 -48.30
N LEU C 363 41.69 12.67 -48.44
CA LEU C 363 41.49 13.97 -47.78
C LEU C 363 41.09 14.98 -48.86
N VAL C 364 39.90 15.55 -48.71
CA VAL C 364 39.31 16.38 -49.75
C VAL C 364 39.79 17.82 -49.59
N SER C 365 39.69 18.35 -48.35
CA SER C 365 40.00 19.73 -48.03
C SER C 365 40.12 19.91 -46.51
N VAL C 366 40.70 21.06 -46.14
CA VAL C 366 40.57 21.61 -44.79
C VAL C 366 40.02 23.03 -44.94
N ILE C 367 39.01 23.34 -44.13
CA ILE C 367 38.21 24.54 -44.28
C ILE C 367 38.52 25.48 -43.13
N GLY C 368 38.99 26.69 -43.51
CA GLY C 368 39.24 27.79 -42.60
C GLY C 368 38.21 28.90 -42.76
N SER C 369 37.49 29.18 -41.66
CA SER C 369 36.31 30.06 -41.63
C SER C 369 36.47 31.15 -40.55
N SER C 370 36.01 32.37 -40.89
CA SER C 370 35.92 33.46 -39.93
C SER C 370 34.66 34.30 -40.21
N GLU C 371 34.24 35.02 -39.16
CA GLU C 371 33.24 36.09 -39.19
C GLU C 371 33.56 37.06 -40.34
N LYS C 372 32.54 37.74 -40.85
CA LYS C 372 32.71 38.75 -41.85
C LYS C 372 32.03 40.02 -41.35
N ALA C 373 32.82 40.88 -40.70
CA ALA C 373 32.39 42.16 -40.11
C ALA C 373 31.20 42.74 -40.89
N HIS C 374 30.18 43.17 -40.14
CA HIS C 374 28.98 43.80 -40.65
C HIS C 374 29.11 45.33 -40.52
N TYR D 3 -32.40 -6.27 15.87
CA TYR D 3 -31.40 -7.32 16.25
C TYR D 3 -31.97 -8.72 15.96
N GLN D 4 -31.07 -9.63 15.60
CA GLN D 4 -31.40 -10.97 15.13
C GLN D 4 -30.68 -12.03 15.97
N ILE D 5 -31.29 -12.40 17.11
CA ILE D 5 -30.80 -13.49 17.97
C ILE D 5 -30.91 -14.81 17.21
N LYS D 6 -29.89 -15.66 17.35
CA LYS D 6 -29.87 -16.96 16.72
C LYS D 6 -30.36 -18.01 17.74
N TYR D 7 -31.70 -18.12 17.83
CA TYR D 7 -32.41 -18.82 18.91
C TYR D 7 -32.01 -20.29 19.02
N GLU D 8 -31.55 -20.91 17.93
CA GLU D 8 -31.10 -22.32 17.99
C GLU D 8 -29.88 -22.45 18.90
N ASN D 9 -29.04 -21.41 18.94
CA ASN D 9 -27.80 -21.44 19.72
C ASN D 9 -28.10 -21.31 21.22
N GLY D 10 -29.36 -20.99 21.57
CA GLY D 10 -29.84 -20.96 22.97
C GLY D 10 -29.89 -22.34 23.62
N ILE D 11 -29.85 -23.41 22.81
CA ILE D 11 -29.99 -24.76 23.29
C ILE D 11 -28.60 -25.28 23.66
N ALA D 12 -28.19 -24.98 24.90
CA ALA D 12 -26.91 -25.41 25.45
C ALA D 12 -26.86 -26.94 25.50
N ASN D 13 -27.98 -27.54 25.93
CA ASN D 13 -28.10 -29.00 26.05
C ASN D 13 -29.55 -29.41 25.82
N ARG D 14 -29.75 -30.37 24.91
CA ARG D 14 -31.07 -30.88 24.62
C ARG D 14 -31.48 -31.85 25.73
N GLY D 15 -30.55 -32.76 26.09
CA GLY D 15 -30.81 -33.77 27.10
C GLY D 15 -32.09 -34.54 26.82
N CYS D 16 -32.52 -35.35 27.78
CA CYS D 16 -33.75 -36.12 27.67
C CYS D 16 -34.96 -35.22 27.95
N LEU D 17 -35.83 -35.07 26.93
CA LEU D 17 -36.99 -34.19 26.99
C LEU D 17 -38.23 -34.93 27.52
N TYR D 18 -38.06 -36.17 27.98
CA TYR D 18 -39.14 -37.04 28.47
C TYR D 18 -40.07 -36.28 29.44
N ARG D 19 -39.54 -35.87 30.60
CA ARG D 19 -40.34 -35.26 31.69
C ARG D 19 -41.05 -33.98 31.25
N LEU D 20 -40.42 -33.20 30.37
CA LEU D 20 -40.93 -31.91 29.91
C LEU D 20 -42.10 -32.11 28.93
N LYS D 21 -42.04 -33.20 28.15
CA LYS D 21 -43.11 -33.58 27.20
C LYS D 21 -44.32 -34.13 27.97
N LYS D 22 -44.03 -34.88 29.05
CA LYS D 22 -45.07 -35.43 29.91
C LYS D 22 -45.88 -34.27 30.54
N VAL D 23 -45.20 -33.18 30.90
CA VAL D 23 -45.83 -31.98 31.46
C VAL D 23 -46.70 -31.33 30.38
N MET D 24 -46.20 -31.32 29.15
CA MET D 24 -46.92 -30.71 28.02
C MET D 24 -48.13 -31.59 27.64
N ASP D 25 -48.02 -32.92 27.78
CA ASP D 25 -49.15 -33.84 27.60
C ASP D 25 -50.27 -33.39 28.54
N ARG D 26 -49.97 -33.45 29.85
CA ARG D 26 -50.90 -33.19 30.95
C ARG D 26 -51.52 -31.79 30.81
N ALA D 27 -50.76 -30.83 30.26
CA ALA D 27 -51.24 -29.48 30.01
C ALA D 27 -52.36 -29.49 28.95
N LYS D 28 -52.19 -30.33 27.93
CA LYS D 28 -53.11 -30.43 26.78
C LYS D 28 -54.37 -31.19 27.20
N ALA D 29 -54.22 -32.18 28.09
CA ALA D 29 -55.32 -33.00 28.66
C ALA D 29 -56.23 -32.15 29.57
N GLY D 30 -55.66 -31.11 30.20
CA GLY D 30 -56.42 -30.10 30.97
C GLY D 30 -56.09 -30.10 32.45
N GLU D 31 -54.99 -30.76 32.86
CA GLU D 31 -54.57 -30.87 34.27
C GLU D 31 -54.24 -29.48 34.85
N ALA D 32 -54.25 -29.42 36.18
CA ALA D 32 -53.73 -28.30 36.95
C ALA D 32 -52.24 -28.56 37.21
N LEU D 33 -51.40 -27.52 37.02
CA LEU D 33 -49.94 -27.69 36.92
C LEU D 33 -49.21 -26.54 37.64
N ASN D 34 -48.12 -26.91 38.32
CA ASN D 34 -47.30 -26.00 39.15
C ASN D 34 -45.98 -25.65 38.45
N ILE D 35 -45.83 -24.35 38.15
CA ILE D 35 -44.71 -23.78 37.37
C ILE D 35 -43.79 -23.00 38.33
N ALA D 36 -42.60 -23.55 38.57
CA ALA D 36 -41.67 -23.05 39.59
C ALA D 36 -40.33 -22.61 38.96
N PHE D 37 -39.75 -21.56 39.54
CA PHE D 37 -38.42 -21.05 39.22
C PHE D 37 -37.61 -20.89 40.51
N LEU D 38 -36.44 -21.55 40.56
CA LEU D 38 -35.47 -21.37 41.62
C LEU D 38 -34.20 -20.72 41.05
N GLY D 39 -33.88 -19.51 41.51
CA GLY D 39 -32.67 -18.82 41.08
C GLY D 39 -32.29 -17.67 41.99
N GLY D 40 -31.52 -16.74 41.43
CA GLY D 40 -31.08 -15.54 42.13
C GLY D 40 -31.92 -14.34 41.76
N SER D 41 -31.31 -13.15 41.85
CA SER D 41 -31.90 -11.82 41.67
C SER D 41 -32.73 -11.73 40.38
N ILE D 42 -32.23 -12.31 39.29
CA ILE D 42 -32.86 -12.16 37.98
C ILE D 42 -34.19 -12.94 37.98
N THR D 43 -34.19 -14.12 38.61
CA THR D 43 -35.39 -14.91 38.78
C THR D 43 -36.41 -14.13 39.63
N GLN D 44 -35.97 -13.62 40.78
CA GLN D 44 -36.85 -12.84 41.66
C GLN D 44 -37.54 -11.78 40.81
N GLY D 45 -36.79 -11.21 39.86
CA GLY D 45 -37.33 -10.39 38.80
C GLY D 45 -36.68 -9.03 38.66
N SER D 46 -35.51 -8.81 39.29
CA SER D 46 -34.73 -7.54 39.13
C SER D 46 -34.20 -7.47 37.69
N LEU D 47 -34.24 -6.32 37.00
CA LEU D 47 -34.80 -5.04 37.42
C LEU D 47 -36.07 -4.73 36.59
N SER D 48 -36.96 -5.72 36.41
CA SER D 48 -38.25 -5.48 35.77
C SER D 48 -39.03 -4.43 36.58
N SER D 49 -39.89 -3.68 35.88
CA SER D 49 -40.63 -2.52 36.45
C SER D 49 -41.80 -3.01 37.33
N LYS D 50 -42.52 -4.02 36.82
CA LYS D 50 -43.63 -4.67 37.50
C LYS D 50 -43.37 -6.18 37.55
N PRO D 51 -43.76 -6.89 38.64
CA PRO D 51 -43.56 -8.33 38.74
C PRO D 51 -44.02 -9.19 37.55
N GLU D 52 -44.89 -8.62 36.69
CA GLU D 52 -45.46 -9.36 35.55
C GLU D 52 -44.56 -9.25 34.31
N LEU D 53 -43.57 -8.35 34.34
CA LEU D 53 -42.68 -8.11 33.20
C LEU D 53 -41.32 -8.80 33.39
N CYS D 54 -41.21 -9.72 34.36
CA CYS D 54 -39.97 -10.40 34.65
C CYS D 54 -39.99 -11.75 33.93
N TYR D 55 -38.80 -12.26 33.56
CA TYR D 55 -38.69 -13.38 32.60
C TYR D 55 -39.55 -14.56 33.06
N ALA D 56 -39.58 -14.81 34.37
CA ALA D 56 -40.27 -15.97 34.94
C ALA D 56 -41.79 -15.84 34.73
N TYR D 57 -42.31 -14.61 34.86
CA TYR D 57 -43.73 -14.37 34.68
C TYR D 57 -44.12 -14.50 33.20
N HIS D 58 -43.26 -14.03 32.29
CA HIS D 58 -43.47 -14.20 30.85
C HIS D 58 -43.58 -15.70 30.52
N VAL D 59 -42.68 -16.52 31.10
CA VAL D 59 -42.65 -17.99 30.86
C VAL D 59 -43.94 -18.61 31.41
N TYR D 60 -44.44 -18.09 32.54
CA TYR D 60 -45.73 -18.47 33.13
C TYR D 60 -46.84 -18.16 32.14
N GLU D 61 -46.88 -16.91 31.63
CA GLU D 61 -47.93 -16.43 30.76
C GLU D 61 -47.86 -17.12 29.39
N TRP D 62 -46.73 -17.78 29.10
CA TRP D 62 -46.62 -18.65 27.91
C TRP D 62 -47.44 -19.91 28.14
N TRP D 63 -47.16 -20.64 29.23
CA TRP D 63 -47.90 -21.86 29.60
C TRP D 63 -49.42 -21.59 29.58
N LYS D 64 -49.84 -20.44 30.12
CA LYS D 64 -51.25 -20.02 30.23
C LYS D 64 -51.91 -19.89 28.85
N LYS D 65 -51.21 -19.21 27.93
CA LYS D 65 -51.71 -18.88 26.60
C LYS D 65 -51.59 -20.12 25.70
N THR D 66 -50.51 -20.89 25.86
CA THR D 66 -50.23 -22.08 25.04
C THR D 66 -51.25 -23.18 25.35
N PHE D 67 -51.61 -23.30 26.63
CA PHE D 67 -52.56 -24.30 27.12
C PHE D 67 -53.64 -23.62 27.97
N PRO D 68 -54.71 -23.07 27.34
CA PRO D 68 -55.72 -22.32 28.09
C PRO D 68 -56.74 -23.22 28.82
N GLN D 69 -56.65 -24.54 28.60
CA GLN D 69 -57.55 -25.56 29.18
C GLN D 69 -56.93 -26.14 30.46
N ALA D 70 -55.69 -25.75 30.77
CA ALA D 70 -55.04 -26.09 32.03
C ALA D 70 -55.11 -24.89 32.98
N ASP D 71 -54.93 -25.15 34.27
CA ASP D 71 -54.73 -24.11 35.28
C ASP D 71 -53.29 -24.20 35.79
N PHE D 72 -52.62 -23.05 35.87
CA PHE D 72 -51.18 -22.99 36.19
C PHE D 72 -50.97 -22.10 37.41
N THR D 73 -50.20 -22.60 38.39
CA THR D 73 -49.77 -21.86 39.59
C THR D 73 -48.35 -21.30 39.38
N TYR D 74 -48.18 -20.01 39.71
CA TYR D 74 -46.90 -19.30 39.59
C TYR D 74 -46.13 -19.40 40.92
N ILE D 75 -44.99 -20.10 40.91
CA ILE D 75 -44.14 -20.29 42.09
C ILE D 75 -42.74 -19.69 41.81
N ASN D 76 -42.51 -18.44 42.26
CA ASN D 76 -41.19 -17.77 42.09
C ASN D 76 -40.39 -17.90 43.38
N ALA D 77 -39.48 -18.88 43.43
CA ALA D 77 -38.60 -19.17 44.58
C ALA D 77 -37.25 -18.43 44.47
N GLY D 78 -37.25 -17.28 43.80
CA GLY D 78 -36.05 -16.50 43.58
C GLY D 78 -35.72 -15.62 44.78
N ILE D 79 -34.42 -15.62 45.15
CA ILE D 79 -33.87 -14.74 46.20
C ILE D 79 -32.60 -14.07 45.62
N GLY D 80 -32.57 -12.74 45.67
CA GLY D 80 -31.48 -11.97 45.12
C GLY D 80 -30.20 -12.14 45.92
N GLY D 81 -29.08 -12.27 45.18
CA GLY D 81 -27.74 -12.30 45.74
C GLY D 81 -27.42 -13.62 46.41
N THR D 82 -27.98 -14.70 45.87
CA THR D 82 -27.86 -16.02 46.49
C THR D 82 -27.49 -17.05 45.42
N THR D 83 -26.94 -18.17 45.88
CA THR D 83 -26.30 -19.17 45.07
C THR D 83 -26.99 -20.52 45.23
N SER D 84 -26.49 -21.52 44.51
CA SER D 84 -27.02 -22.87 44.52
C SER D 84 -26.73 -23.54 45.86
N GLN D 85 -25.65 -23.13 46.55
CA GLN D 85 -25.31 -23.58 47.93
C GLN D 85 -26.51 -23.32 48.86
N PHE D 86 -27.11 -22.13 48.76
CA PHE D 86 -28.33 -21.80 49.51
C PHE D 86 -29.54 -22.52 48.89
N GLY D 87 -29.57 -22.56 47.56
CA GLY D 87 -30.60 -23.27 46.81
C GLY D 87 -30.92 -24.63 47.41
N VAL D 88 -29.92 -25.51 47.46
CA VAL D 88 -30.09 -26.88 47.89
C VAL D 88 -30.55 -26.93 49.36
N ALA D 89 -30.18 -25.92 50.16
CA ALA D 89 -30.50 -25.90 51.61
C ALA D 89 -31.95 -25.46 51.83
N ARG D 90 -32.47 -24.63 50.92
CA ARG D 90 -33.78 -24.01 51.05
C ARG D 90 -34.80 -24.68 50.12
N ALA D 91 -34.41 -25.78 49.47
CA ALA D 91 -35.18 -26.34 48.34
C ALA D 91 -36.50 -26.93 48.84
N GLU D 92 -36.37 -27.85 49.82
CA GLU D 92 -37.49 -28.50 50.48
C GLU D 92 -38.54 -27.45 50.87
N ALA D 93 -38.12 -26.47 51.65
CA ALA D 93 -39.02 -25.43 52.17
C ALA D 93 -39.62 -24.59 51.05
N ASP D 94 -38.80 -24.10 50.10
CA ASP D 94 -39.20 -22.96 49.23
C ASP D 94 -39.81 -23.44 47.90
N LEU D 95 -39.43 -24.66 47.48
CA LEU D 95 -39.76 -25.19 46.15
C LEU D 95 -40.58 -26.48 46.27
N LEU D 96 -39.92 -27.56 46.70
CA LEU D 96 -40.46 -28.92 46.62
C LEU D 96 -41.79 -29.02 47.40
N SER D 97 -41.90 -28.27 48.51
CA SER D 97 -43.09 -28.26 49.35
C SER D 97 -44.32 -27.74 48.59
N LYS D 98 -44.10 -26.97 47.51
CA LYS D 98 -45.21 -26.41 46.72
C LYS D 98 -45.53 -27.31 45.50
N GLU D 99 -44.99 -28.54 45.51
CA GLU D 99 -45.36 -29.60 44.57
C GLU D 99 -45.20 -29.09 43.15
N PRO D 100 -43.95 -28.99 42.67
CA PRO D 100 -43.69 -28.40 41.36
C PRO D 100 -43.83 -29.43 40.24
N ASP D 101 -44.27 -28.97 39.07
CA ASP D 101 -44.33 -29.81 37.88
C ASP D 101 -43.20 -29.44 36.91
N PHE D 102 -43.00 -28.12 36.77
CA PHE D 102 -41.91 -27.52 36.02
C PHE D 102 -41.03 -26.69 36.97
N VAL D 103 -39.71 -26.97 36.97
CA VAL D 103 -38.70 -26.16 37.72
C VAL D 103 -37.61 -25.66 36.76
N ILE D 104 -37.48 -24.34 36.68
CA ILE D 104 -36.30 -23.71 36.09
C ILE D 104 -35.29 -23.42 37.21
N ILE D 105 -34.08 -23.94 37.06
CA ILE D 105 -32.94 -23.59 37.90
C ILE D 105 -32.07 -22.55 37.16
N GLU D 106 -31.79 -21.42 37.83
CA GLU D 106 -31.22 -20.20 37.25
C GLU D 106 -30.21 -19.58 38.23
N PHE D 107 -28.99 -20.14 38.28
CA PHE D 107 -27.96 -19.71 39.26
C PHE D 107 -26.60 -19.38 38.58
N SER D 108 -26.57 -19.34 37.24
CA SER D 108 -25.29 -19.34 36.55
C SER D 108 -24.59 -17.96 36.53
N VAL D 109 -25.24 -16.89 37.04
CA VAL D 109 -24.53 -15.61 37.31
C VAL D 109 -24.63 -15.24 38.80
N ASN D 110 -24.89 -16.23 39.64
CA ASN D 110 -24.78 -16.06 41.07
C ASN D 110 -23.61 -16.92 41.55
N ASP D 111 -23.66 -18.21 41.21
CA ASP D 111 -22.60 -19.16 41.40
C ASP D 111 -21.34 -18.68 40.65
N ASP D 112 -20.17 -18.82 41.28
CA ASP D 112 -18.90 -18.70 40.58
C ASP D 112 -18.65 -20.03 39.85
N SER D 113 -17.88 -19.97 38.76
CA SER D 113 -17.60 -21.13 37.93
C SER D 113 -16.49 -21.97 38.56
N THR D 114 -16.74 -22.51 39.76
CA THR D 114 -15.71 -23.23 40.52
C THR D 114 -16.21 -24.66 40.79
N GLU D 115 -15.25 -25.56 41.10
CA GLU D 115 -15.50 -26.96 41.52
C GLU D 115 -16.51 -27.01 42.67
N HIS D 116 -16.40 -26.04 43.59
CA HIS D 116 -17.29 -25.92 44.75
C HIS D 116 -18.75 -25.83 44.29
N PHE D 117 -19.05 -24.83 43.45
CA PHE D 117 -20.41 -24.57 43.04
C PHE D 117 -20.90 -25.65 42.05
N MET D 118 -19.99 -26.38 41.40
CA MET D 118 -20.38 -27.59 40.61
C MET D 118 -20.97 -28.66 41.56
N GLU D 119 -20.40 -28.76 42.78
CA GLU D 119 -20.81 -29.74 43.81
C GLU D 119 -22.17 -29.34 44.40
N THR D 120 -22.36 -28.05 44.71
CA THR D 120 -23.59 -27.56 45.32
C THR D 120 -24.72 -27.57 44.31
N TYR D 121 -24.40 -27.30 43.04
CA TYR D 121 -25.38 -27.25 41.97
C TYR D 121 -25.88 -28.67 41.67
N GLU D 122 -24.97 -29.65 41.71
CA GLU D 122 -25.31 -31.07 41.50
C GLU D 122 -26.22 -31.56 42.63
N GLY D 123 -25.74 -31.41 43.88
CA GLY D 123 -26.58 -31.58 45.05
C GLY D 123 -28.00 -31.09 44.79
N LEU D 124 -28.12 -29.81 44.40
CA LEU D 124 -29.43 -29.17 44.22
C LEU D 124 -30.22 -29.85 43.09
N VAL D 125 -29.54 -30.11 41.96
CA VAL D 125 -30.16 -30.74 40.80
C VAL D 125 -30.66 -32.14 41.21
N ARG D 126 -29.76 -32.92 41.85
CA ARG D 126 -30.04 -34.24 42.35
C ARG D 126 -31.28 -34.24 43.26
N LYS D 127 -31.45 -33.21 44.10
CA LYS D 127 -32.56 -33.17 45.03
C LYS D 127 -33.87 -32.89 44.27
N VAL D 128 -33.88 -31.85 43.44
CA VAL D 128 -35.09 -31.40 42.78
C VAL D 128 -35.58 -32.47 41.78
N TYR D 129 -34.64 -33.18 41.15
CA TYR D 129 -34.95 -34.16 40.10
C TYR D 129 -35.61 -35.40 40.70
N THR D 130 -35.09 -35.86 41.85
CA THR D 130 -35.51 -37.09 42.48
C THR D 130 -36.51 -36.82 43.61
N SER D 131 -37.03 -35.59 43.71
CA SER D 131 -38.09 -35.24 44.69
C SER D 131 -39.41 -35.90 44.28
N LYS D 132 -40.40 -35.84 45.18
CA LYS D 132 -41.65 -36.61 45.09
C LYS D 132 -42.28 -36.48 43.70
N THR D 133 -42.51 -35.25 43.24
CA THR D 133 -43.30 -35.00 42.03
C THR D 133 -42.51 -35.32 40.75
N LYS D 134 -41.24 -35.74 40.87
CA LYS D 134 -40.36 -36.06 39.71
C LYS D 134 -40.52 -35.01 38.61
N PRO D 135 -40.35 -33.71 38.89
CA PRO D 135 -40.77 -32.67 37.95
C PRO D 135 -39.81 -32.59 36.76
N ALA D 136 -40.29 -31.95 35.67
CA ALA D 136 -39.45 -31.54 34.57
C ALA D 136 -38.55 -30.39 35.04
N VAL D 137 -37.24 -30.51 34.75
CA VAL D 137 -36.20 -29.57 35.16
C VAL D 137 -35.57 -28.93 33.91
N LEU D 138 -35.50 -27.59 33.91
CA LEU D 138 -34.84 -26.82 32.84
C LEU D 138 -33.82 -25.82 33.43
N LEU D 139 -32.55 -26.02 33.07
CA LEU D 139 -31.49 -25.12 33.43
C LEU D 139 -31.52 -23.90 32.51
N VAL D 140 -31.53 -22.71 33.13
CA VAL D 140 -31.43 -21.42 32.46
C VAL D 140 -30.13 -20.72 32.90
N HIS D 141 -29.21 -20.54 31.94
CA HIS D 141 -27.92 -19.87 32.11
C HIS D 141 -28.01 -18.42 31.61
N ASN D 142 -28.02 -17.46 32.56
CA ASN D 142 -27.86 -16.05 32.25
C ASN D 142 -26.36 -15.79 32.03
N VAL D 143 -26.03 -14.54 31.65
CA VAL D 143 -24.69 -14.14 31.30
C VAL D 143 -24.46 -12.69 31.77
N PHE D 144 -23.22 -12.39 32.17
CA PHE D 144 -22.78 -11.02 32.37
C PHE D 144 -22.47 -10.40 31.01
N TYR D 145 -23.04 -9.22 30.77
CA TYR D 145 -23.02 -8.59 29.47
C TYR D 145 -21.79 -7.68 29.35
N ASN D 146 -21.10 -7.41 30.47
CA ASN D 146 -19.87 -6.58 30.45
C ASN D 146 -18.71 -7.36 29.84
N ASN D 147 -18.65 -8.69 30.05
CA ASN D 147 -17.51 -9.51 29.58
C ASN D 147 -17.93 -10.90 29.05
N GLY D 148 -19.23 -11.22 29.00
CA GLY D 148 -19.70 -12.53 28.49
C GLY D 148 -19.56 -13.71 29.47
N ALA D 149 -19.27 -13.45 30.75
CA ALA D 149 -19.03 -14.52 31.76
C ALA D 149 -20.35 -15.10 32.28
N ASN D 150 -20.28 -16.38 32.67
CA ASN D 150 -21.26 -17.05 33.54
C ASN D 150 -20.59 -18.33 34.08
N ALA D 151 -21.33 -19.17 34.83
CA ALA D 151 -20.78 -20.41 35.41
C ALA D 151 -21.29 -21.65 34.65
N GLN D 152 -21.65 -21.46 33.38
CA GLN D 152 -22.22 -22.50 32.54
C GLN D 152 -21.19 -23.62 32.30
N LEU D 153 -19.89 -23.32 32.38
CA LEU D 153 -18.90 -24.41 32.28
C LEU D 153 -19.22 -25.48 33.34
N MET D 154 -19.47 -25.06 34.58
CA MET D 154 -19.69 -26.00 35.70
C MET D 154 -21.12 -26.56 35.66
N HIS D 155 -22.11 -25.70 35.36
CA HIS D 155 -23.52 -26.10 35.37
C HIS D 155 -23.84 -27.03 34.19
N GLY D 156 -23.21 -26.78 33.04
CA GLY D 156 -23.42 -27.54 31.80
C GLY D 156 -22.86 -28.96 31.91
N ARG D 157 -21.79 -29.13 32.68
CA ARG D 157 -21.29 -30.46 33.00
C ARG D 157 -22.35 -31.24 33.79
N ILE D 158 -23.09 -30.53 34.65
CA ILE D 158 -24.17 -31.16 35.41
C ILE D 158 -25.28 -31.53 34.42
N ALA D 159 -25.70 -30.55 33.61
CA ALA D 159 -26.76 -30.71 32.59
C ALA D 159 -26.58 -32.02 31.81
N ARG D 160 -25.40 -32.20 31.21
CA ARG D 160 -25.12 -33.37 30.35
C ARG D 160 -25.22 -34.67 31.17
N HIS D 161 -24.77 -34.62 32.42
CA HIS D 161 -24.63 -35.79 33.31
C HIS D 161 -26.00 -36.36 33.71
N TYR D 162 -27.01 -35.50 33.83
CA TYR D 162 -28.37 -35.85 34.18
C TYR D 162 -29.30 -35.69 32.96
N ASN D 163 -28.69 -35.61 31.79
CA ASN D 163 -29.37 -35.41 30.51
C ASN D 163 -30.54 -34.44 30.69
N LEU D 164 -30.27 -33.27 31.28
CA LEU D 164 -31.27 -32.20 31.50
C LEU D 164 -31.19 -31.16 30.38
N PRO D 165 -32.34 -30.70 29.84
CA PRO D 165 -32.33 -29.59 28.89
C PRO D 165 -31.84 -28.30 29.56
N ALA D 166 -31.27 -27.40 28.75
CA ALA D 166 -30.58 -26.21 29.22
C ALA D 166 -30.51 -25.19 28.08
N VAL D 167 -30.98 -23.97 28.36
CA VAL D 167 -30.90 -22.85 27.42
C VAL D 167 -30.00 -21.77 28.01
N SER D 168 -29.29 -21.05 27.15
CA SER D 168 -28.20 -20.14 27.55
C SER D 168 -28.33 -18.78 26.85
N MET D 169 -28.20 -17.71 27.63
CA MET D 169 -28.13 -16.37 27.10
C MET D 169 -26.69 -16.02 26.68
N GLN D 170 -25.73 -16.89 26.98
CA GLN D 170 -24.33 -16.63 26.71
C GLN D 170 -24.05 -16.82 25.21
N SER D 171 -24.88 -17.65 24.55
CA SER D 171 -24.69 -17.96 23.14
C SER D 171 -25.90 -17.53 22.32
N THR D 172 -26.64 -16.50 22.80
CA THR D 172 -27.77 -15.88 22.09
C THR D 172 -27.75 -14.36 22.24
N ILE D 173 -27.91 -13.83 23.46
CA ILE D 173 -28.05 -12.37 23.63
C ILE D 173 -26.66 -11.69 23.66
N TYR D 174 -25.69 -12.29 24.37
CA TYR D 174 -24.37 -11.65 24.51
C TYR D 174 -23.69 -11.55 23.15
N PRO D 175 -23.68 -12.61 22.31
CA PRO D 175 -23.05 -12.52 20.99
C PRO D 175 -23.54 -11.33 20.14
N GLU D 176 -24.78 -10.87 20.35
CA GLU D 176 -25.34 -9.71 19.66
C GLU D 176 -24.85 -8.43 20.32
N VAL D 177 -24.57 -8.49 21.63
CA VAL D 177 -24.06 -7.30 22.34
C VAL D 177 -22.60 -7.06 21.91
N VAL D 178 -21.80 -8.12 21.87
CA VAL D 178 -20.36 -8.02 21.59
C VAL D 178 -20.13 -7.72 20.09
N ALA D 179 -21.07 -8.14 19.22
CA ALA D 179 -21.07 -7.75 17.79
C ALA D 179 -21.53 -6.30 17.60
N GLY D 180 -22.13 -5.73 18.64
CA GLY D 180 -22.46 -4.31 18.66
C GLY D 180 -23.80 -4.04 18.02
N ARG D 181 -24.67 -5.05 17.95
CA ARG D 181 -25.99 -4.96 17.33
C ARG D 181 -27.07 -4.67 18.38
N ILE D 182 -26.78 -4.96 19.65
CA ILE D 182 -27.56 -4.52 20.81
C ILE D 182 -26.65 -3.71 21.73
N GLU D 183 -27.00 -2.46 22.01
CA GLU D 183 -26.32 -1.68 23.06
C GLU D 183 -26.71 -2.25 24.43
N ASN D 184 -25.78 -2.22 25.39
CA ASN D 184 -25.97 -2.85 26.69
C ASN D 184 -27.14 -2.19 27.44
N ARG D 185 -27.20 -0.85 27.42
CA ARG D 185 -28.16 -0.08 28.24
C ARG D 185 -29.60 -0.18 27.70
N GLU D 186 -29.77 -0.86 26.56
CA GLU D 186 -31.09 -1.08 25.98
C GLU D 186 -31.78 -2.22 26.73
N ILE D 187 -31.01 -3.21 27.22
CA ILE D 187 -31.59 -4.41 27.84
C ILE D 187 -31.11 -4.64 29.28
N THR D 188 -30.26 -3.77 29.83
CA THR D 188 -29.73 -3.90 31.21
C THR D 188 -29.02 -2.62 31.61
N PRO D 189 -29.33 -2.02 32.78
CA PRO D 189 -28.62 -0.82 33.26
C PRO D 189 -27.27 -1.08 33.95
N ASP D 190 -26.98 -2.34 34.33
CA ASP D 190 -25.77 -2.69 35.11
C ASP D 190 -25.08 -3.96 34.57
N ASP D 191 -25.42 -4.36 33.34
CA ASP D 191 -24.84 -5.52 32.61
C ASP D 191 -25.03 -6.84 33.35
N LEU D 192 -25.97 -6.91 34.32
CA LEU D 192 -26.27 -8.17 35.07
C LEU D 192 -27.78 -8.46 35.10
N HIS D 193 -28.55 -7.50 35.61
CA HIS D 193 -30.00 -7.60 35.69
C HIS D 193 -30.66 -7.04 34.43
N PRO D 194 -31.46 -7.84 33.69
CA PRO D 194 -32.24 -7.31 32.57
C PRO D 194 -33.29 -6.27 33.03
N ASN D 195 -33.46 -5.19 32.26
CA ASN D 195 -34.60 -4.30 32.38
C ASN D 195 -35.78 -4.99 31.70
N ASP D 196 -36.84 -4.23 31.41
CA ASP D 196 -38.12 -4.76 30.91
C ASP D 196 -37.91 -5.48 29.58
N ALA D 197 -37.26 -4.79 28.63
CA ALA D 197 -36.92 -5.38 27.31
C ALA D 197 -36.05 -6.62 27.52
N GLY D 198 -35.10 -6.54 28.45
CA GLY D 198 -34.16 -7.63 28.71
C GLY D 198 -34.85 -8.90 29.17
N HIS D 199 -35.74 -8.76 30.18
CA HIS D 199 -36.50 -9.89 30.71
C HIS D 199 -37.43 -10.46 29.63
N ALA D 200 -38.09 -9.57 28.88
CA ALA D 200 -38.87 -9.97 27.69
C ALA D 200 -37.97 -10.75 26.73
N LEU D 201 -36.76 -10.24 26.51
CA LEU D 201 -35.82 -10.89 25.59
C LEU D 201 -35.30 -12.23 26.15
N VAL D 202 -34.97 -12.28 27.45
CA VAL D 202 -34.53 -13.54 28.11
C VAL D 202 -35.63 -14.61 28.03
N ALA D 203 -36.88 -14.23 28.32
CA ALA D 203 -38.04 -15.14 28.18
C ALA D 203 -38.08 -15.74 26.77
N SER D 204 -38.02 -14.86 25.77
CA SER D 204 -38.15 -15.22 24.33
C SER D 204 -37.22 -16.39 23.95
N VAL D 205 -36.00 -16.41 24.52
CA VAL D 205 -35.04 -17.50 24.28
C VAL D 205 -35.59 -18.81 24.88
N ILE D 206 -36.15 -18.71 26.09
CA ILE D 206 -36.65 -19.88 26.84
C ILE D 206 -37.88 -20.44 26.11
N THR D 207 -38.87 -19.57 25.84
CA THR D 207 -40.10 -19.94 25.15
C THR D 207 -39.79 -20.56 23.78
N TYR D 208 -38.80 -20.03 23.07
CA TYR D 208 -38.47 -20.56 21.73
C TYR D 208 -38.15 -22.06 21.84
N PHE D 209 -37.40 -22.47 22.86
CA PHE D 209 -37.07 -23.89 23.07
C PHE D 209 -38.30 -24.66 23.56
N LEU D 210 -39.15 -24.01 24.35
CA LEU D 210 -40.39 -24.61 24.84
C LEU D 210 -41.35 -24.86 23.66
N ASP D 211 -41.46 -23.88 22.74
CA ASP D 211 -42.20 -24.02 21.46
C ASP D 211 -41.60 -25.16 20.64
N LYS D 212 -40.27 -25.22 20.57
CA LYS D 212 -39.58 -26.20 19.74
C LYS D 212 -39.90 -27.62 20.22
N VAL D 213 -40.15 -27.80 21.52
CA VAL D 213 -40.39 -29.11 22.13
C VAL D 213 -41.87 -29.53 21.95
N LYS D 214 -42.77 -28.54 21.89
CA LYS D 214 -44.21 -28.78 21.71
C LYS D 214 -44.50 -29.33 20.30
N THR D 215 -43.69 -28.93 19.31
CA THR D 215 -43.97 -29.21 17.88
C THR D 215 -43.32 -30.52 17.42
N GLU D 216 -42.51 -31.16 18.27
CA GLU D 216 -41.87 -32.44 17.95
C GLU D 216 -42.89 -33.58 18.13
N GLU D 223 -37.12 -42.19 29.91
CA GLU D 223 -36.18 -41.44 30.76
C GLU D 223 -34.96 -42.31 31.06
N PRO D 224 -33.73 -41.73 31.13
CA PRO D 224 -32.52 -42.52 31.38
C PRO D 224 -32.15 -42.73 32.86
N ASP D 225 -31.37 -43.80 33.09
CA ASP D 225 -30.92 -44.20 34.43
C ASP D 225 -30.37 -42.95 35.14
N TYR D 226 -30.83 -42.74 36.38
CA TYR D 226 -30.35 -41.68 37.23
C TYR D 226 -28.95 -42.06 37.70
N PRO D 227 -27.85 -41.47 37.16
CA PRO D 227 -26.51 -41.99 37.39
C PRO D 227 -25.98 -41.62 38.78
N ALA D 228 -24.84 -42.23 39.13
CA ALA D 228 -24.10 -41.90 40.35
C ALA D 228 -23.49 -40.51 40.18
N PRO D 229 -23.13 -39.80 41.29
CA PRO D 229 -22.75 -38.39 41.20
C PRO D 229 -21.39 -38.19 40.51
N LEU D 230 -21.27 -37.06 39.80
CA LEU D 230 -20.05 -36.68 39.14
C LEU D 230 -19.02 -36.22 40.19
N THR D 231 -19.47 -35.39 41.15
CA THR D 231 -18.61 -34.82 42.23
C THR D 231 -18.69 -35.69 43.49
N LYS D 232 -18.16 -35.17 44.60
CA LYS D 232 -18.32 -35.80 45.92
C LYS D 232 -19.76 -35.62 46.40
N ASN D 233 -20.40 -34.55 45.94
CA ASN D 233 -21.83 -34.32 46.10
C ASN D 233 -22.20 -34.27 47.59
N THR D 234 -21.37 -33.61 48.39
CA THR D 234 -21.57 -33.57 49.83
C THR D 234 -22.58 -32.47 50.23
N TYR D 235 -23.34 -31.90 49.30
CA TYR D 235 -24.27 -30.83 49.66
C TYR D 235 -25.71 -31.23 49.38
N GLU D 236 -25.94 -32.43 48.83
CA GLU D 236 -27.28 -32.86 48.43
C GLU D 236 -28.20 -32.89 49.68
N LYS D 237 -27.66 -33.35 50.82
CA LYS D 237 -28.33 -33.19 52.10
C LYS D 237 -27.73 -31.97 52.82
N SER D 238 -28.45 -30.85 52.71
CA SER D 238 -28.10 -29.56 53.30
C SER D 238 -29.22 -29.14 54.25
N ILE D 239 -28.92 -28.98 55.55
CA ILE D 239 -29.92 -28.66 56.57
C ILE D 239 -29.59 -27.31 57.21
N ARG D 240 -30.52 -26.35 57.10
CA ARG D 240 -30.47 -25.12 57.87
C ARG D 240 -30.71 -25.47 59.35
N HIS D 241 -29.86 -24.93 60.23
CA HIS D 241 -30.14 -24.81 61.66
C HIS D 241 -30.44 -23.34 61.97
N GLN D 242 -31.71 -23.02 62.25
CA GLN D 242 -32.17 -21.67 62.59
C GLN D 242 -32.75 -21.68 64.01
N ASN D 243 -33.49 -20.63 64.39
CA ASN D 243 -33.86 -20.31 65.80
C ASN D 243 -35.05 -21.15 66.32
N SER D 244 -35.39 -22.24 65.64
CA SER D 244 -36.33 -23.23 66.14
C SER D 244 -35.58 -24.52 66.49
N ASP D 245 -34.25 -24.51 66.39
CA ASP D 245 -33.46 -25.69 66.63
C ASP D 245 -33.41 -25.92 68.14
N GLU D 246 -33.45 -27.19 68.53
CA GLU D 246 -33.66 -27.63 69.91
C GLU D 246 -32.32 -27.66 70.67
N ASN D 247 -31.21 -27.54 69.95
CA ASN D 247 -29.86 -27.72 70.49
C ASN D 247 -29.07 -26.39 70.44
N VAL D 248 -29.78 -25.25 70.49
CA VAL D 248 -29.15 -23.94 70.39
C VAL D 248 -29.10 -23.27 71.78
N VAL D 249 -27.88 -23.12 72.30
CA VAL D 249 -27.59 -22.38 73.54
C VAL D 249 -27.17 -20.96 73.18
N CYS D 250 -27.86 -19.97 73.75
CA CYS D 250 -27.49 -18.56 73.61
C CYS D 250 -26.65 -18.11 74.81
N HIS D 251 -25.70 -17.21 74.55
CA HIS D 251 -25.02 -16.43 75.56
C HIS D 251 -24.92 -14.99 75.09
N GLY D 252 -26.07 -14.34 74.83
CA GLY D 252 -26.14 -12.92 74.47
C GLY D 252 -26.94 -12.67 73.21
N PHE D 253 -26.68 -13.50 72.18
CA PHE D 253 -27.49 -13.56 70.98
C PHE D 253 -28.94 -13.86 71.36
N VAL D 254 -29.83 -12.87 71.20
CA VAL D 254 -31.28 -13.03 71.41
C VAL D 254 -31.93 -13.33 70.04
N ALA D 255 -32.81 -14.36 70.00
CA ALA D 255 -33.50 -14.81 68.78
C ALA D 255 -34.44 -13.72 68.25
N ASP D 256 -34.77 -13.82 66.97
CA ASP D 256 -35.78 -12.97 66.33
C ASP D 256 -37.05 -13.78 66.12
N THR D 257 -38.11 -13.38 66.83
CA THR D 257 -39.41 -14.09 66.86
C THR D 257 -40.35 -13.57 65.78
N SER D 258 -40.00 -12.43 65.16
CA SER D 258 -40.81 -11.80 64.11
C SER D 258 -40.98 -12.75 62.92
N ALA D 259 -42.17 -12.68 62.31
CA ALA D 259 -42.59 -13.56 61.23
C ALA D 259 -41.95 -13.12 59.92
N GLN D 260 -41.79 -14.08 59.01
CA GLN D 260 -41.24 -13.85 57.68
C GLN D 260 -42.38 -13.42 56.74
N ARG D 261 -42.21 -12.31 56.02
CA ARG D 261 -43.12 -11.92 54.93
C ARG D 261 -43.14 -13.05 53.89
N ASP D 262 -42.02 -13.23 53.19
CA ASP D 262 -41.78 -14.24 52.13
C ASP D 262 -40.29 -14.58 52.18
N ILE D 263 -39.82 -15.38 51.22
CA ILE D 263 -38.44 -15.91 51.27
C ILE D 263 -37.44 -14.78 50.96
N THR D 264 -37.91 -13.64 50.43
CA THR D 264 -37.04 -12.51 50.07
C THR D 264 -36.66 -11.74 51.33
N ASP D 265 -37.62 -11.55 52.23
CA ASP D 265 -37.39 -11.03 53.56
C ASP D 265 -36.56 -12.08 54.31
N CYS D 266 -35.24 -12.02 54.15
CA CYS D 266 -34.37 -13.17 54.42
C CYS D 266 -33.59 -12.99 55.73
N PHE D 267 -33.65 -11.81 56.35
CA PHE D 267 -33.05 -11.61 57.69
C PHE D 267 -34.08 -11.92 58.77
N LYS D 268 -34.46 -13.22 58.86
CA LYS D 268 -35.48 -13.77 59.79
C LYS D 268 -35.11 -15.19 60.21
N HIS D 269 -35.78 -15.67 61.28
CA HIS D 269 -35.64 -16.99 61.90
C HIS D 269 -34.23 -17.18 62.50
N GLY D 270 -33.54 -16.07 62.78
CA GLY D 270 -32.13 -16.09 63.22
C GLY D 270 -31.94 -15.50 64.62
N TRP D 271 -30.78 -14.85 64.83
CA TRP D 271 -30.33 -14.26 66.13
C TRP D 271 -29.56 -12.95 65.90
N THR D 272 -29.85 -11.93 66.73
CA THR D 272 -29.16 -10.62 66.71
C THR D 272 -28.32 -10.44 67.97
N ALA D 273 -27.26 -9.63 67.87
CA ALA D 273 -26.32 -9.38 68.96
C ALA D 273 -25.53 -8.10 68.70
N SER D 274 -25.47 -7.22 69.73
CA SER D 274 -24.87 -5.88 69.64
C SER D 274 -23.63 -5.70 70.54
N LYS D 275 -23.32 -6.70 71.42
CA LYS D 275 -22.24 -6.59 72.45
C LYS D 275 -21.09 -7.55 72.13
N LYS D 276 -19.86 -7.07 72.32
CA LYS D 276 -18.66 -7.91 72.15
C LYS D 276 -18.65 -8.97 73.26
N GLY D 277 -18.51 -10.25 72.86
CA GLY D 277 -18.54 -11.40 73.76
C GLY D 277 -19.81 -12.23 73.60
N ASP D 278 -20.92 -11.57 73.21
CA ASP D 278 -22.18 -12.23 72.87
C ASP D 278 -21.86 -13.45 71.99
N SER D 279 -22.18 -14.65 72.48
CA SER D 279 -21.88 -15.88 71.78
C SER D 279 -23.17 -16.66 71.53
N ILE D 280 -23.05 -17.79 70.82
CA ILE D 280 -24.14 -18.74 70.57
C ILE D 280 -23.52 -20.05 70.06
N THR D 281 -23.94 -21.16 70.66
CA THR D 281 -23.44 -22.48 70.34
C THR D 281 -24.56 -23.27 69.65
N LEU D 282 -24.17 -24.07 68.65
CA LEU D 282 -25.10 -24.87 67.85
C LEU D 282 -24.48 -26.25 67.63
N ASP D 283 -25.33 -27.28 67.70
CA ASP D 283 -24.99 -28.63 67.30
C ASP D 283 -25.51 -28.80 65.86
N VAL D 284 -24.61 -29.23 64.98
CA VAL D 284 -24.83 -29.23 63.54
C VAL D 284 -24.11 -30.44 62.94
N GLU D 285 -24.90 -31.28 62.27
CA GLU D 285 -24.45 -32.54 61.72
C GLU D 285 -23.98 -32.29 60.27
N GLY D 286 -23.01 -33.07 59.80
CA GLY D 286 -22.54 -33.03 58.42
C GLY D 286 -21.03 -32.97 58.32
N CYS D 287 -20.49 -33.13 57.11
CA CYS D 287 -19.03 -33.06 56.84
C CYS D 287 -18.61 -31.68 56.32
N ASN D 288 -19.58 -30.82 55.99
CA ASN D 288 -19.37 -29.42 55.62
C ASN D 288 -20.23 -28.53 56.52
N ILE D 289 -19.63 -27.41 56.98
CA ILE D 289 -20.31 -26.37 57.77
C ILE D 289 -20.20 -25.06 56.99
N SER D 290 -21.34 -24.38 56.80
CA SER D 290 -21.38 -23.04 56.23
C SER D 290 -22.29 -22.17 57.11
N VAL D 291 -22.28 -20.85 56.88
CA VAL D 291 -22.97 -19.89 57.74
C VAL D 291 -23.52 -18.73 56.88
N GLN D 292 -24.77 -18.35 57.15
CA GLN D 292 -25.43 -17.21 56.55
C GLN D 292 -25.51 -16.07 57.58
N TYR D 293 -25.25 -14.84 57.13
CA TYR D 293 -25.32 -13.65 57.94
C TYR D 293 -25.47 -12.42 57.05
N ARG D 294 -25.86 -11.31 57.68
CA ARG D 294 -26.08 -10.05 57.01
C ARG D 294 -24.74 -9.31 56.86
N LYS D 295 -24.51 -8.78 55.66
CA LYS D 295 -23.54 -7.74 55.37
C LYS D 295 -24.31 -6.45 55.07
N SER D 296 -24.24 -5.47 55.98
CA SER D 296 -25.05 -4.26 55.93
C SER D 296 -24.37 -3.19 55.08
N VAL D 297 -25.21 -2.35 54.44
CA VAL D 297 -24.85 -1.16 53.70
C VAL D 297 -24.97 0.07 54.61
N LYS D 298 -25.90 0.03 55.57
CA LYS D 298 -25.91 0.95 56.69
C LYS D 298 -24.73 0.60 57.60
N LEU D 299 -23.76 1.51 57.68
CA LEU D 299 -22.53 1.29 58.41
C LEU D 299 -22.44 2.26 59.58
N PRO D 300 -21.61 1.95 60.57
CA PRO D 300 -20.84 0.72 60.64
C PRO D 300 -21.69 -0.41 61.23
N ALA D 301 -21.06 -1.58 61.40
CA ALA D 301 -21.74 -2.76 61.90
C ALA D 301 -20.76 -3.60 62.71
N PRO D 302 -21.26 -4.58 63.50
CA PRO D 302 -20.40 -5.48 64.25
C PRO D 302 -19.67 -6.50 63.38
N VAL D 303 -18.69 -7.15 63.99
CA VAL D 303 -17.90 -8.21 63.41
C VAL D 303 -17.93 -9.39 64.37
N ALA D 304 -17.97 -10.61 63.81
CA ALA D 304 -17.97 -11.84 64.58
C ALA D 304 -16.89 -12.79 64.05
N GLU D 305 -16.63 -13.88 64.78
CA GLU D 305 -15.85 -14.99 64.31
C GLU D 305 -16.65 -16.25 64.57
N ILE D 306 -16.41 -17.29 63.77
CA ILE D 306 -17.13 -18.56 63.91
C ILE D 306 -16.10 -19.67 64.15
N ILE D 307 -16.38 -20.53 65.15
CA ILE D 307 -15.45 -21.57 65.64
C ILE D 307 -16.14 -22.94 65.46
N VAL D 308 -15.37 -23.93 65.01
CA VAL D 308 -15.89 -25.24 64.72
C VAL D 308 -15.08 -26.26 65.52
N ASP D 309 -15.77 -27.03 66.37
CA ASP D 309 -15.19 -28.08 67.23
C ASP D 309 -14.17 -27.45 68.19
N GLY D 310 -14.38 -26.17 68.54
CA GLY D 310 -13.58 -25.41 69.51
C GLY D 310 -12.15 -25.09 69.06
N ASP D 311 -11.86 -25.21 67.77
CA ASP D 311 -10.49 -25.07 67.24
C ASP D 311 -10.27 -23.61 66.76
N ALA D 312 -10.00 -22.71 67.71
CA ALA D 312 -9.90 -21.26 67.45
C ALA D 312 -8.61 -20.91 66.68
N GLU D 313 -7.86 -21.95 66.28
CA GLU D 313 -6.74 -21.81 65.35
C GLU D 313 -7.27 -21.67 63.91
N HIS D 314 -8.54 -22.04 63.69
CA HIS D 314 -9.16 -22.04 62.35
C HIS D 314 -10.36 -21.08 62.27
N ALA D 315 -10.45 -20.15 63.25
CA ALA D 315 -11.55 -19.18 63.34
C ALA D 315 -11.65 -18.39 62.03
N VAL D 316 -12.85 -17.91 61.72
CA VAL D 316 -13.11 -17.23 60.46
C VAL D 316 -13.90 -15.95 60.74
N ARG D 317 -13.36 -14.81 60.30
CA ARG D 317 -13.96 -13.51 60.49
C ARG D 317 -15.29 -13.44 59.71
N LEU D 318 -16.32 -12.93 60.37
CA LEU D 318 -17.61 -12.65 59.77
C LEU D 318 -17.90 -11.15 59.90
N ASP D 319 -17.42 -10.39 58.90
CA ASP D 319 -17.55 -8.93 58.85
C ASP D 319 -18.90 -8.55 58.24
N ALA D 320 -19.76 -7.88 59.03
CA ALA D 320 -21.08 -7.40 58.59
C ALA D 320 -20.98 -6.02 57.93
N ASN D 321 -19.77 -5.47 57.79
CA ASN D 321 -19.52 -4.18 57.14
C ASN D 321 -19.30 -4.39 55.64
N PHE D 322 -20.40 -4.33 54.89
CA PHE D 322 -20.40 -4.58 53.45
C PHE D 322 -19.55 -3.52 52.78
N ASP D 323 -18.81 -3.92 51.74
CA ASP D 323 -17.94 -3.03 50.95
C ASP D 323 -18.57 -2.67 49.60
N GLU D 324 -19.77 -3.20 49.31
CA GLU D 324 -20.55 -2.81 48.14
C GLU D 324 -21.73 -1.97 48.63
N THR D 325 -22.45 -1.34 47.70
CA THR D 325 -23.47 -0.36 48.07
C THR D 325 -24.82 -0.64 47.40
N TRP D 326 -24.96 -1.81 46.75
CA TRP D 326 -26.21 -2.13 46.02
C TRP D 326 -27.35 -2.40 47.00
N GLY D 327 -27.05 -3.03 48.13
CA GLY D 327 -28.04 -3.42 49.13
C GLY D 327 -27.47 -4.44 50.10
N ASP D 328 -28.22 -4.75 51.16
CA ASP D 328 -27.79 -5.72 52.16
C ASP D 328 -27.65 -7.08 51.49
N LYS D 329 -26.56 -7.78 51.80
CA LYS D 329 -26.33 -9.10 51.26
C LYS D 329 -26.59 -10.17 52.33
N LEU D 330 -27.22 -11.27 51.90
CA LEU D 330 -27.33 -12.50 52.66
C LEU D 330 -26.10 -13.37 52.34
N GLU D 331 -24.99 -13.03 52.98
CA GLU D 331 -23.74 -13.71 52.72
C GLU D 331 -23.88 -15.18 53.13
N LEU D 332 -23.10 -16.05 52.48
CA LEU D 332 -22.99 -17.45 52.84
C LEU D 332 -21.54 -17.90 52.63
N ASP D 333 -20.81 -18.02 53.75
CA ASP D 333 -19.40 -18.46 53.76
C ASP D 333 -19.30 -19.92 54.22
N THR D 334 -18.54 -20.71 53.46
CA THR D 334 -18.26 -22.11 53.76
C THR D 334 -17.06 -22.15 54.74
N ILE D 335 -17.28 -22.66 55.95
CA ILE D 335 -16.25 -22.70 57.01
C ILE D 335 -15.51 -24.05 56.97
N LEU D 336 -16.25 -25.14 56.79
CA LEU D 336 -15.64 -26.48 56.74
C LEU D 336 -16.20 -27.23 55.52
N GLU D 337 -15.30 -27.85 54.75
CA GLU D 337 -15.65 -28.59 53.56
C GLU D 337 -14.85 -29.91 53.52
N HIS D 338 -15.54 -31.00 53.14
CA HIS D 338 -15.01 -32.37 53.03
C HIS D 338 -14.35 -32.80 54.35
N GLY D 339 -14.90 -32.29 55.46
CA GLY D 339 -14.41 -32.62 56.78
C GLY D 339 -14.84 -34.02 57.18
N GLU D 340 -14.82 -34.28 58.50
CA GLU D 340 -15.30 -35.52 59.05
C GLU D 340 -16.81 -35.39 59.25
N ASN D 341 -17.55 -36.45 58.89
CA ASN D 341 -18.99 -36.48 59.01
C ASN D 341 -19.35 -36.91 60.44
N LYS D 342 -20.04 -36.02 61.14
CA LYS D 342 -20.40 -36.19 62.52
C LYS D 342 -21.07 -34.90 62.99
N VAL D 343 -21.66 -34.97 64.19
CA VAL D 343 -22.10 -33.78 64.91
C VAL D 343 -20.86 -32.89 65.05
N HIS D 344 -20.98 -31.61 64.66
CA HIS D 344 -19.99 -30.59 64.94
C HIS D 344 -20.58 -29.63 65.98
N LYS D 345 -19.69 -29.10 66.83
CA LYS D 345 -20.01 -28.00 67.73
C LYS D 345 -19.57 -26.70 67.03
N VAL D 346 -20.43 -25.67 67.08
CA VAL D 346 -20.20 -24.40 66.37
C VAL D 346 -20.52 -23.24 67.31
N GLU D 347 -19.55 -22.34 67.50
CA GLU D 347 -19.76 -21.13 68.30
C GLU D 347 -19.62 -19.89 67.40
N VAL D 348 -20.47 -18.88 67.62
CA VAL D 348 -20.42 -17.60 66.92
C VAL D 348 -20.40 -16.47 67.96
N ARG D 349 -19.24 -15.80 68.14
CA ARG D 349 -19.14 -14.69 69.10
C ARG D 349 -18.61 -13.43 68.38
N LEU D 350 -19.01 -12.27 68.90
CA LEU D 350 -18.63 -10.97 68.34
C LEU D 350 -17.23 -10.59 68.83
N THR D 351 -16.38 -10.18 67.88
CA THR D 351 -14.98 -9.79 68.14
C THR D 351 -14.82 -8.26 68.10
N GLU D 352 -15.73 -7.55 67.42
CA GLU D 352 -15.71 -6.07 67.38
C GLU D 352 -17.13 -5.52 67.43
N THR D 353 -17.29 -4.43 68.18
CA THR D 353 -18.47 -3.59 68.14
C THR D 353 -18.02 -2.14 67.98
N HIS D 354 -18.96 -1.28 67.60
CA HIS D 354 -18.73 0.15 67.47
C HIS D 354 -19.87 0.90 68.18
N GLU D 355 -19.52 2.03 68.79
CA GLU D 355 -20.44 2.86 69.56
C GLU D 355 -21.67 3.20 68.70
N ASN D 356 -21.44 3.55 67.42
CA ASN D 356 -22.50 4.04 66.52
C ASN D 356 -22.93 2.96 65.51
N ASP D 357 -22.74 1.67 65.83
CA ASP D 357 -23.26 0.55 65.03
C ASP D 357 -24.73 0.81 64.69
N ALA D 358 -25.07 0.87 63.39
CA ALA D 358 -26.42 1.24 62.93
C ALA D 358 -27.40 0.05 63.10
N VAL D 359 -26.86 -1.17 63.14
CA VAL D 359 -27.66 -2.39 63.26
C VAL D 359 -26.89 -3.41 64.09
N PRO D 360 -27.58 -4.40 64.68
CA PRO D 360 -26.90 -5.58 65.21
C PRO D 360 -26.36 -6.50 64.09
N PHE D 361 -25.53 -7.46 64.50
CA PHE D 361 -25.09 -8.54 63.66
C PHE D 361 -26.19 -9.59 63.62
N TYR D 362 -26.61 -9.99 62.42
CA TYR D 362 -27.68 -10.97 62.23
C TYR D 362 -27.11 -12.31 61.75
N LEU D 363 -27.10 -13.31 62.63
CA LEU D 363 -26.83 -14.69 62.25
C LEU D 363 -28.15 -15.32 61.75
N VAL D 364 -28.25 -15.53 60.43
CA VAL D 364 -29.47 -16.01 59.80
C VAL D 364 -29.59 -17.53 60.00
N SER D 365 -28.51 -18.25 59.70
CA SER D 365 -28.51 -19.70 59.82
C SER D 365 -27.07 -20.22 59.89
N VAL D 366 -26.96 -21.54 60.12
CA VAL D 366 -25.76 -22.33 59.99
C VAL D 366 -26.19 -23.61 59.27
N ILE D 367 -25.43 -24.03 58.25
CA ILE D 367 -25.92 -25.10 57.37
C ILE D 367 -24.95 -26.28 57.43
N GLY D 368 -25.53 -27.46 57.72
CA GLY D 368 -24.82 -28.72 57.74
C GLY D 368 -25.13 -29.51 56.48
N SER D 369 -24.11 -30.22 55.98
CA SER D 369 -24.15 -30.82 54.66
C SER D 369 -23.37 -32.13 54.62
N SER D 370 -23.95 -33.07 53.87
CA SER D 370 -23.35 -34.36 53.60
C SER D 370 -24.05 -35.00 52.39
N GLU D 371 -23.55 -36.19 52.03
CA GLU D 371 -24.22 -37.15 51.16
C GLU D 371 -25.44 -37.73 51.90
#